data_2EHO
#
_entry.id   2EHO
#
_cell.length_a   164.935
_cell.length_b   176.995
_cell.length_c   126.508
_cell.angle_alpha   90.00
_cell.angle_beta   105.91
_cell.angle_gamma   90.00
#
_symmetry.space_group_name_H-M   'C 1 2 1'
#
loop_
_entity.id
_entity.type
_entity.pdbx_description
1 polymer 'GINS complex subunit 4'
2 polymer 'DNA replication complex GINS protein PSF1'
3 polymer 'DNA replication complex GINS protein PSF2'
4 polymer 'GINS complex subunit 3'
5 non-polymer 'SULFATE ION'
6 water water
#
loop_
_entity_poly.entity_id
_entity_poly.type
_entity_poly.pdbx_seq_one_letter_code
_entity_poly.pdbx_strand_id
1 'polypeptide(L)'
;DSDGGSEEVVLTPAELIERLEQAW(MSE)NEKFAPELLESKPEIVECV(MSE)EQLEH(MSE)EENLRRAKREDLKVSIH
Q(MSE)E(MSE)ERIRYVLSSYLRCRL(MSE)KIEKFFPHVLEKEKTRPEGEPSSLSPEELAFAREF(MSE)ANTESYLK
NVALKH(MSE)PPNLQKVDLFRAVPKPDLDSYVFLRVRERQENILVEPDTDEQRDYVIDLEKGSQHLIRYKTIAP
;
A,E,I
2 'polypeptide(L)'
;(MSE)(MSE)FCEKA(MSE)ELIRELHRAPEGQLPAFNEDGLRQVLEE(MSE)KALYEQNQSDVNEAKSGGRSDLIPTIK
FRHCSLLRNRRCTVAYLYDRLLRIRALRWEYGSILPNALRFH(MSE)AAEE(MSE)EWFNNYKRSLATY(MSE)RSLGGD
EGLDITQD(MSE)KPPKSLYIEVR
;
B,F,J
3 'polypeptide(L)'
;(MSE)(MSE)DAAEVEFLAEKELVTIIPNFSLDKIYLIGGDLGPFNPGLPVEVPLWLAINLKQRQKCRLLPPEW(MSE)D
VEKLEK(MSE)RDHERKEETFTP(MSE)PSPYY(MSE)ELTKLLLNHASDNIPKADEIRTLVKD(MSE)WDTRIAKLRVS
ADSFVRQQEAHAKLDNLTL(MSE)EINTSGTFLTQALNH(MSE)YKLRTNLQPLESTQSQDF
;
C,G,K
4 'polypeptide(L)'
;(MSE)SEAYFRVESGALGPEENFLSLDDIL(MSE)SHEKLPVRTETA(MSE)PRLGAFFLERSAGAETDNAVPQGSKLEL
PLWLAKGLFDNKRRILSVELPKIYQEGWRTVFSADPNVVDLHK(MSE)GPHFYGFGSQLLHFDSPENADISQSLLQTFIG
RFRRI(MSE)DSSQNAYNEDTSALVARLDE(MSE)ERGLFQTGQKGLNDFQCWEKGQASQITASNLVQNYKKRKFTDMED
;
D,H,L
#
loop_
_chem_comp.id
_chem_comp.type
_chem_comp.name
_chem_comp.formula
SO4 non-polymer 'SULFATE ION' 'O4 S -2'
#
# COMPACT_ATOMS: atom_id res chain seq x y z
N LEU A 11 -2.32 25.07 -56.64
CA LEU A 11 -2.09 26.39 -57.28
C LEU A 11 -0.64 26.88 -57.11
N THR A 12 -0.45 28.20 -57.08
CA THR A 12 0.89 28.77 -56.93
C THR A 12 1.34 28.90 -55.48
N PRO A 13 2.64 28.65 -55.23
CA PRO A 13 3.20 28.74 -53.87
C PRO A 13 2.69 29.99 -53.18
N ALA A 14 2.87 31.13 -53.82
CA ALA A 14 2.44 32.41 -53.27
C ALA A 14 0.98 32.34 -52.81
N GLU A 15 0.10 31.87 -53.70
CA GLU A 15 -1.31 31.75 -53.39
C GLU A 15 -1.52 30.74 -52.26
N LEU A 16 -1.01 29.53 -52.46
CA LEU A 16 -1.12 28.48 -51.45
C LEU A 16 -0.91 29.05 -50.04
N ILE A 17 0.32 29.41 -49.73
CA ILE A 17 0.65 29.98 -48.43
C ILE A 17 -0.42 30.99 -48.00
N GLU A 18 -0.73 31.94 -48.87
CA GLU A 18 -1.73 32.95 -48.59
C GLU A 18 -3.01 32.31 -48.06
N ARG A 19 -3.37 31.18 -48.65
CA ARG A 19 -4.56 30.45 -48.26
C ARG A 19 -4.41 29.89 -46.86
N LEU A 20 -3.27 29.25 -46.61
CA LEU A 20 -2.97 28.66 -45.32
C LEU A 20 -3.17 29.69 -44.22
N GLU A 21 -2.70 30.90 -44.45
CA GLU A 21 -2.85 31.96 -43.46
C GLU A 21 -4.31 32.33 -43.27
N GLN A 22 -5.17 31.82 -44.16
CA GLN A 22 -6.60 32.09 -44.05
C GLN A 22 -7.21 30.97 -43.22
N ALA A 23 -7.01 29.74 -43.68
CA ALA A 23 -7.52 28.56 -43.00
C ALA A 23 -6.93 28.49 -41.59
N TRP A 24 -5.81 29.19 -41.40
CA TRP A 24 -5.14 29.25 -40.11
C TRP A 24 -5.86 30.21 -39.20
N MSE A 25 -6.05 31.45 -39.66
CA MSE A 25 -6.73 32.45 -38.87
C MSE A 25 -8.21 32.15 -38.72
O MSE A 25 -8.82 32.51 -37.70
CB MSE A 25 -6.55 33.83 -39.48
CG MSE A 25 -5.15 34.37 -39.30
SE MSE A 25 -5.08 36.16 -39.98
CE MSE A 25 -5.97 37.06 -38.51
N ASN A 26 -8.81 31.52 -39.72
CA ASN A 26 -10.21 31.19 -39.63
C ASN A 26 -10.42 30.23 -38.47
N GLU A 27 -9.64 29.15 -38.45
CA GLU A 27 -9.71 28.14 -37.42
C GLU A 27 -9.32 28.72 -36.05
N LYS A 28 -8.85 29.95 -36.02
CA LYS A 28 -8.42 30.56 -34.76
C LYS A 28 -9.41 31.58 -34.21
N PHE A 29 -10.43 31.92 -34.97
CA PHE A 29 -11.43 32.89 -34.49
C PHE A 29 -12.80 32.23 -34.42
N ALA A 30 -12.92 31.08 -35.07
CA ALA A 30 -14.15 30.31 -35.08
C ALA A 30 -14.16 29.36 -33.89
N PRO A 31 -15.15 29.50 -32.99
CA PRO A 31 -15.27 28.65 -31.81
C PRO A 31 -15.59 27.16 -32.04
N GLU A 32 -15.50 26.70 -33.29
CA GLU A 32 -15.78 25.29 -33.56
C GLU A 32 -14.88 24.69 -34.63
N LEU A 33 -14.54 23.42 -34.45
CA LEU A 33 -13.70 22.67 -35.37
C LEU A 33 -14.12 22.80 -36.83
N LEU A 34 -13.72 23.90 -37.46
CA LEU A 34 -14.03 24.18 -38.85
C LEU A 34 -13.77 23.03 -39.80
N GLU A 35 -14.19 23.20 -41.05
CA GLU A 35 -14.03 22.18 -42.09
C GLU A 35 -12.56 21.83 -42.33
N SER A 36 -12.30 20.54 -42.53
CA SER A 36 -10.94 20.08 -42.78
C SER A 36 -10.52 20.52 -44.18
N LYS A 37 -9.33 21.13 -44.27
CA LYS A 37 -8.79 21.59 -45.54
C LYS A 37 -7.53 20.76 -45.80
N PRO A 38 -7.67 19.42 -45.87
CA PRO A 38 -6.56 18.50 -46.09
C PRO A 38 -5.72 18.76 -47.33
N GLU A 39 -6.10 19.77 -48.10
CA GLU A 39 -5.36 20.12 -49.30
C GLU A 39 -4.27 21.11 -48.92
N ILE A 40 -4.71 22.32 -48.57
CA ILE A 40 -3.81 23.39 -48.16
C ILE A 40 -2.73 22.80 -47.26
N VAL A 41 -3.12 21.82 -46.47
CA VAL A 41 -2.22 21.17 -45.53
C VAL A 41 -1.19 20.25 -46.18
N GLU A 42 -1.66 19.24 -46.91
CA GLU A 42 -0.72 18.31 -47.52
C GLU A 42 0.14 18.98 -48.58
N CYS A 43 -0.37 20.07 -49.17
CA CYS A 43 0.39 20.80 -50.18
C CYS A 43 1.55 21.58 -49.56
N VAL A 44 1.25 22.46 -48.61
CA VAL A 44 2.30 23.23 -47.96
C VAL A 44 3.30 22.24 -47.37
N MSE A 45 2.82 21.07 -46.98
CA MSE A 45 3.68 20.05 -46.42
C MSE A 45 4.65 19.60 -47.52
O MSE A 45 5.84 19.35 -47.26
CB MSE A 45 2.84 18.85 -45.96
CG MSE A 45 2.35 18.93 -44.53
SE MSE A 45 3.80 18.91 -43.25
CE MSE A 45 4.46 17.10 -43.54
N GLU A 46 4.11 19.52 -48.73
CA GLU A 46 4.88 19.11 -49.90
C GLU A 46 5.84 20.21 -50.35
N GLN A 47 5.33 21.44 -50.43
CA GLN A 47 6.16 22.56 -50.86
C GLN A 47 7.36 22.72 -49.95
N LEU A 48 7.14 22.60 -48.64
CA LEU A 48 8.22 22.72 -47.68
C LEU A 48 9.27 21.65 -47.91
N GLU A 49 8.88 20.38 -47.79
CA GLU A 49 9.85 19.29 -48.01
C GLU A 49 10.64 19.54 -49.28
N HIS A 50 9.97 20.06 -50.30
CA HIS A 50 10.58 20.37 -51.59
C HIS A 50 11.80 21.27 -51.32
N MSE A 51 11.60 22.31 -50.54
CA MSE A 51 12.67 23.24 -50.21
C MSE A 51 13.80 22.59 -49.42
O MSE A 51 14.96 22.66 -49.83
CB MSE A 51 12.11 24.42 -49.42
CG MSE A 51 11.90 25.69 -50.22
SE MSE A 51 13.57 26.47 -50.85
CE MSE A 51 13.75 25.51 -52.51
N GLU A 52 13.47 21.97 -48.29
CA GLU A 52 14.46 21.32 -47.45
C GLU A 52 15.42 20.50 -48.29
N GLU A 53 14.96 20.09 -49.47
CA GLU A 53 15.79 19.31 -50.39
C GLU A 53 16.78 20.23 -51.09
N ASN A 54 16.27 21.08 -51.98
CA ASN A 54 17.09 22.02 -52.74
C ASN A 54 18.02 22.80 -51.83
N LEU A 55 17.67 22.86 -50.55
CA LEU A 55 18.45 23.58 -49.56
C LEU A 55 19.69 22.81 -49.10
N ARG A 56 19.57 21.49 -49.02
CA ARG A 56 20.69 20.66 -48.60
C ARG A 56 20.61 19.28 -49.24
N GLU A 61 25.84 30.50 -51.99
CA GLU A 61 24.91 29.66 -51.22
C GLU A 61 24.55 30.25 -49.87
N ASP A 62 25.47 30.14 -48.91
CA ASP A 62 25.26 30.63 -47.55
C ASP A 62 24.05 31.54 -47.31
N LEU A 63 24.22 32.85 -47.48
CA LEU A 63 23.14 33.80 -47.25
C LEU A 63 21.83 33.41 -47.92
N LYS A 64 21.92 32.95 -49.16
CA LYS A 64 20.74 32.54 -49.92
C LYS A 64 19.99 31.42 -49.18
N VAL A 65 20.70 30.35 -48.86
CA VAL A 65 20.10 29.23 -48.13
C VAL A 65 19.42 29.77 -46.89
N SER A 66 20.20 30.42 -46.03
CA SER A 66 19.68 30.99 -44.79
C SER A 66 18.35 31.71 -44.97
N ILE A 67 18.25 32.52 -46.02
CA ILE A 67 17.02 33.25 -46.28
C ILE A 67 15.85 32.31 -46.53
N HIS A 68 16.13 31.18 -47.17
CA HIS A 68 15.08 30.20 -47.45
C HIS A 68 14.66 29.46 -46.18
N GLN A 69 15.60 29.20 -45.29
CA GLN A 69 15.27 28.51 -44.05
C GLN A 69 14.37 29.37 -43.19
N MSE A 70 14.66 30.67 -43.17
CA MSE A 70 13.86 31.61 -42.41
C MSE A 70 12.43 31.66 -42.92
O MSE A 70 11.48 31.71 -42.14
CB MSE A 70 14.46 33.01 -42.49
CG MSE A 70 15.77 33.17 -41.79
SE MSE A 70 16.27 35.03 -41.71
CE MSE A 70 15.67 35.42 -39.92
N GLU A 71 12.26 31.66 -44.24
CA GLU A 71 10.92 31.70 -44.80
C GLU A 71 10.21 30.43 -44.44
N MSE A 72 10.97 29.36 -44.21
CA MSE A 72 10.37 28.09 -43.87
C MSE A 72 9.93 27.99 -42.42
O MSE A 72 8.90 27.39 -42.12
CB MSE A 72 11.32 26.96 -44.20
CG MSE A 72 11.26 26.60 -45.64
SE MSE A 72 12.45 25.19 -46.04
CE MSE A 72 11.99 23.99 -44.59
N GLU A 73 10.71 28.58 -41.52
CA GLU A 73 10.37 28.57 -40.10
C GLU A 73 9.05 29.29 -39.90
N ARG A 74 8.67 30.12 -40.85
CA ARG A 74 7.40 30.84 -40.76
C ARG A 74 6.33 29.98 -41.39
N ILE A 75 6.66 29.37 -42.52
CA ILE A 75 5.73 28.49 -43.23
C ILE A 75 5.35 27.39 -42.26
N ARG A 76 6.35 26.86 -41.55
CA ARG A 76 6.13 25.82 -40.56
C ARG A 76 5.27 26.38 -39.43
N TYR A 77 5.75 27.45 -38.81
CA TYR A 77 5.02 28.08 -37.72
C TYR A 77 3.51 28.12 -37.90
N VAL A 78 3.05 28.62 -39.05
CA VAL A 78 1.60 28.73 -39.31
C VAL A 78 0.96 27.37 -39.48
N LEU A 79 1.57 26.49 -40.25
CA LEU A 79 1.04 25.15 -40.45
C LEU A 79 0.79 24.52 -39.08
N SER A 80 1.78 24.61 -38.20
CA SER A 80 1.70 24.04 -36.85
C SER A 80 0.68 24.79 -36.01
N SER A 81 0.91 26.08 -35.81
CA SER A 81 -0.03 26.88 -35.02
C SER A 81 -1.44 26.51 -35.46
N TYR A 82 -1.58 26.18 -36.74
CA TYR A 82 -2.87 25.81 -37.33
C TYR A 82 -3.37 24.48 -36.78
N LEU A 83 -2.73 23.37 -37.14
CA LEU A 83 -3.16 22.05 -36.66
C LEU A 83 -3.22 22.00 -35.14
N ARG A 84 -2.32 22.70 -34.49
CA ARG A 84 -2.24 22.73 -33.04
C ARG A 84 -3.53 23.31 -32.49
N CYS A 85 -4.16 24.19 -33.27
CA CYS A 85 -5.40 24.82 -32.87
C CYS A 85 -6.54 23.84 -33.09
N ARG A 86 -6.43 23.03 -34.12
CA ARG A 86 -7.46 22.05 -34.42
C ARG A 86 -7.49 20.99 -33.33
N LEU A 87 -6.33 20.44 -32.98
CA LEU A 87 -6.23 19.42 -31.95
C LEU A 87 -6.81 19.92 -30.64
N MSE A 88 -6.55 21.17 -30.32
CA MSE A 88 -7.06 21.76 -29.09
C MSE A 88 -8.58 21.73 -29.13
O MSE A 88 -9.24 21.40 -28.14
CB MSE A 88 -6.54 23.19 -28.95
CG MSE A 88 -7.09 23.97 -27.76
SE MSE A 88 -8.63 25.03 -28.23
CE MSE A 88 -7.79 26.78 -28.30
N LYS A 89 -9.14 22.05 -30.29
CA LYS A 89 -10.59 22.06 -30.47
C LYS A 89 -11.20 20.66 -30.36
N ILE A 90 -10.64 19.69 -31.08
CA ILE A 90 -11.18 18.34 -31.03
C ILE A 90 -11.15 17.77 -29.62
N GLU A 91 -10.03 17.95 -28.91
CA GLU A 91 -9.92 17.46 -27.54
C GLU A 91 -10.92 18.18 -26.64
N LYS A 92 -11.08 19.47 -26.86
CA LYS A 92 -12.01 20.23 -26.05
C LYS A 92 -13.44 19.82 -26.33
N PHE A 93 -13.65 19.05 -27.40
CA PHE A 93 -14.99 18.59 -27.77
C PHE A 93 -14.97 17.18 -28.37
N PHE A 94 -14.03 16.33 -27.94
CA PHE A 94 -13.91 14.99 -28.53
C PHE A 94 -15.22 14.23 -28.73
N PRO A 95 -16.23 14.44 -27.87
CA PRO A 95 -17.46 13.68 -28.12
C PRO A 95 -18.29 14.23 -29.26
N HIS A 96 -18.48 15.55 -29.28
CA HIS A 96 -19.29 16.21 -30.29
C HIS A 96 -18.57 16.32 -31.64
N VAL A 97 -17.52 15.52 -31.80
CA VAL A 97 -16.76 15.52 -33.03
C VAL A 97 -16.64 14.08 -33.51
N LEU A 98 -16.16 13.19 -32.65
CA LEU A 98 -16.02 11.79 -33.01
C LEU A 98 -17.31 11.22 -33.57
N GLU A 99 -18.42 11.89 -33.26
CA GLU A 99 -19.73 11.48 -33.72
C GLU A 99 -20.22 12.45 -34.79
N LYS A 100 -20.05 13.74 -34.52
CA LYS A 100 -20.49 14.80 -35.43
C LYS A 100 -20.16 14.47 -36.89
N GLU A 101 -19.11 13.68 -37.11
CA GLU A 101 -18.73 13.30 -38.46
C GLU A 101 -19.72 12.25 -38.91
N LYS A 102 -19.82 11.17 -38.14
CA LYS A 102 -20.74 10.09 -38.45
C LYS A 102 -22.15 10.64 -38.69
N THR A 103 -22.47 11.74 -38.01
CA THR A 103 -23.77 12.37 -38.14
C THR A 103 -23.75 13.59 -39.07
N ARG A 104 -22.85 13.57 -40.05
CA ARG A 104 -22.78 14.67 -41.02
C ARG A 104 -23.27 14.11 -42.34
N PRO A 105 -24.17 14.84 -43.03
CA PRO A 105 -24.69 14.36 -44.31
C PRO A 105 -23.59 14.11 -45.34
N GLU A 106 -23.37 12.84 -45.67
CA GLU A 106 -22.33 12.41 -46.62
C GLU A 106 -21.90 13.45 -47.66
N GLY A 107 -22.84 14.26 -48.11
CA GLY A 107 -22.55 15.27 -49.10
C GLY A 107 -21.80 16.52 -48.64
N GLU A 108 -21.45 16.62 -47.36
CA GLU A 108 -20.72 17.80 -46.88
C GLU A 108 -19.28 17.47 -46.43
N PRO A 109 -18.46 18.51 -46.21
CA PRO A 109 -17.06 18.38 -45.79
C PRO A 109 -16.83 17.84 -44.37
N SER A 110 -16.04 16.78 -44.27
CA SER A 110 -15.74 16.19 -42.97
C SER A 110 -14.81 17.13 -42.20
N SER A 111 -15.36 17.87 -41.25
CA SER A 111 -14.58 18.82 -40.45
C SER A 111 -13.51 18.14 -39.60
N LEU A 112 -13.14 16.92 -39.96
CA LEU A 112 -12.14 16.16 -39.22
C LEU A 112 -11.51 15.23 -40.25
N SER A 113 -10.19 15.14 -40.29
CA SER A 113 -9.51 14.28 -41.26
C SER A 113 -9.28 12.87 -40.75
N PRO A 114 -8.81 11.96 -41.61
CA PRO A 114 -8.56 10.56 -41.23
C PRO A 114 -7.45 10.33 -40.19
N GLU A 115 -6.62 11.35 -39.96
CA GLU A 115 -5.55 11.22 -38.96
C GLU A 115 -6.13 11.77 -37.67
N GLU A 116 -6.83 12.89 -37.80
CA GLU A 116 -7.47 13.52 -36.66
C GLU A 116 -8.56 12.59 -36.15
N LEU A 117 -9.04 11.71 -37.04
CA LEU A 117 -10.08 10.74 -36.71
C LEU A 117 -9.53 9.67 -35.77
N ALA A 118 -8.50 8.96 -36.21
CA ALA A 118 -7.90 7.94 -35.39
C ALA A 118 -7.40 8.53 -34.06
N PHE A 119 -7.26 9.86 -34.02
CA PHE A 119 -6.80 10.55 -32.83
C PHE A 119 -7.96 10.89 -31.89
N ALA A 120 -8.97 11.59 -32.42
CA ALA A 120 -10.13 11.96 -31.63
C ALA A 120 -10.76 10.68 -31.09
N ARG A 121 -10.62 9.62 -31.88
CA ARG A 121 -11.15 8.30 -31.54
C ARG A 121 -10.32 7.75 -30.39
N GLU A 122 -9.00 7.69 -30.57
CA GLU A 122 -8.10 7.20 -29.54
C GLU A 122 -8.30 7.99 -28.25
N PHE A 123 -8.48 9.30 -28.40
CA PHE A 123 -8.64 10.19 -27.26
C PHE A 123 -9.68 9.69 -26.28
N MSE A 124 -10.88 9.42 -26.77
CA MSE A 124 -11.95 8.93 -25.91
C MSE A 124 -11.67 7.56 -25.32
O MSE A 124 -11.82 7.35 -24.12
CB MSE A 124 -13.24 8.89 -26.69
CG MSE A 124 -14.43 8.49 -25.88
SE MSE A 124 -16.01 8.99 -26.83
CE MSE A 124 -16.59 10.51 -25.77
N ALA A 125 -11.24 6.63 -26.17
CA ALA A 125 -10.93 5.28 -25.72
C ALA A 125 -9.92 5.28 -24.58
N ASN A 126 -9.19 6.39 -24.43
CA ASN A 126 -8.19 6.51 -23.38
C ASN A 126 -8.86 7.16 -22.18
N THR A 127 -9.58 8.25 -22.44
CA THR A 127 -10.26 8.98 -21.40
C THR A 127 -11.29 8.09 -20.74
N GLU A 128 -12.23 7.57 -21.53
CA GLU A 128 -13.29 6.70 -21.01
C GLU A 128 -12.74 5.57 -20.17
N SER A 129 -11.68 4.92 -20.64
CA SER A 129 -11.09 3.85 -19.86
C SER A 129 -10.59 4.41 -18.53
N TYR A 130 -10.02 5.61 -18.57
CA TYR A 130 -9.52 6.24 -17.34
C TYR A 130 -10.65 6.41 -16.33
N LEU A 131 -11.69 7.17 -16.71
CA LEU A 131 -12.81 7.39 -15.80
C LEU A 131 -13.27 6.08 -15.16
N LYS A 132 -13.61 5.10 -15.99
CA LYS A 132 -14.07 3.79 -15.53
C LYS A 132 -13.10 3.20 -14.50
N ASN A 133 -11.94 2.76 -14.98
CA ASN A 133 -10.93 2.16 -14.12
C ASN A 133 -10.61 2.88 -12.81
N VAL A 134 -10.33 4.17 -12.90
CA VAL A 134 -9.94 4.95 -11.72
C VAL A 134 -10.98 5.19 -10.63
N ALA A 135 -12.25 5.35 -10.99
CA ALA A 135 -13.26 5.61 -9.97
C ALA A 135 -14.71 5.40 -10.39
N LEU A 136 -14.99 5.67 -11.66
CA LEU A 136 -16.35 5.54 -12.15
C LEU A 136 -16.94 4.12 -12.08
N LYS A 137 -16.08 3.11 -11.86
CA LYS A 137 -16.57 1.73 -11.77
C LYS A 137 -16.77 1.25 -10.33
N HIS A 138 -16.21 1.96 -9.36
CA HIS A 138 -16.38 1.59 -7.95
C HIS A 138 -17.61 2.27 -7.38
N MSE A 139 -18.45 2.81 -8.26
CA MSE A 139 -19.65 3.49 -7.84
C MSE A 139 -20.87 2.56 -7.75
O MSE A 139 -20.88 1.49 -8.36
CB MSE A 139 -19.93 4.66 -8.79
CG MSE A 139 -18.86 5.75 -8.80
SE MSE A 139 -19.33 7.32 -9.85
CE MSE A 139 -21.15 7.52 -9.27
N PRO A 140 -21.89 2.95 -6.99
CA PRO A 140 -23.11 2.15 -6.83
C PRO A 140 -23.68 1.75 -8.18
N PRO A 141 -23.99 0.46 -8.36
CA PRO A 141 -24.55 -0.03 -9.62
C PRO A 141 -25.64 0.87 -10.17
N ASN A 142 -25.83 0.82 -11.50
CA ASN A 142 -26.86 1.64 -12.15
C ASN A 142 -26.50 3.13 -12.02
N LEU A 143 -25.19 3.41 -12.01
CA LEU A 143 -24.72 4.79 -11.85
C LEU A 143 -23.21 4.81 -12.07
N GLN A 144 -22.69 3.73 -12.64
CA GLN A 144 -21.27 3.59 -12.91
C GLN A 144 -20.87 4.08 -14.29
N LYS A 145 -21.85 4.50 -15.09
CA LYS A 145 -21.54 4.96 -16.43
C LYS A 145 -21.89 6.41 -16.58
N VAL A 146 -21.16 7.11 -17.46
CA VAL A 146 -21.40 8.52 -17.70
C VAL A 146 -21.45 8.80 -19.20
N ASP A 147 -22.42 9.61 -19.61
CA ASP A 147 -22.59 9.96 -21.01
C ASP A 147 -21.77 11.19 -21.38
N LEU A 148 -20.49 10.97 -21.68
CA LEU A 148 -19.59 12.05 -22.05
C LEU A 148 -20.28 12.94 -23.06
N PHE A 149 -21.15 12.35 -23.87
CA PHE A 149 -21.85 13.12 -24.88
C PHE A 149 -22.68 14.24 -24.30
N ARG A 150 -22.74 14.34 -22.98
CA ARG A 150 -23.51 15.40 -22.37
C ARG A 150 -22.71 15.95 -21.19
N ALA A 151 -21.66 15.25 -20.83
CA ALA A 151 -20.78 15.66 -19.73
C ALA A 151 -19.89 16.80 -20.23
N VAL A 152 -19.32 16.61 -21.41
CA VAL A 152 -18.44 17.60 -22.03
C VAL A 152 -19.26 18.65 -22.78
N PRO A 153 -19.06 19.94 -22.45
CA PRO A 153 -19.84 20.96 -23.16
C PRO A 153 -19.53 21.01 -24.66
N LYS A 154 -20.48 21.55 -25.42
CA LYS A 154 -20.36 21.68 -26.87
C LYS A 154 -19.94 23.10 -27.24
N PRO A 155 -19.30 23.26 -28.41
CA PRO A 155 -18.89 24.62 -28.80
C PRO A 155 -20.08 25.55 -28.79
N ASP A 156 -19.91 26.68 -28.12
CA ASP A 156 -20.95 27.70 -28.02
C ASP A 156 -20.92 28.52 -29.30
N LEU A 157 -21.86 28.23 -30.20
CA LEU A 157 -21.95 28.93 -31.47
C LEU A 157 -22.39 30.38 -31.26
N ASP A 158 -23.21 30.60 -30.23
CA ASP A 158 -23.74 31.92 -29.92
C ASP A 158 -22.76 32.86 -29.21
N SER A 159 -21.47 32.62 -29.37
CA SER A 159 -20.46 33.46 -28.74
C SER A 159 -19.94 34.55 -29.68
N TYR A 160 -19.69 35.73 -29.12
CA TYR A 160 -19.20 36.87 -29.88
C TYR A 160 -17.77 36.69 -30.37
N VAL A 161 -17.53 37.07 -31.61
CA VAL A 161 -16.20 36.97 -32.20
C VAL A 161 -15.82 38.26 -32.91
N PHE A 162 -14.94 38.14 -33.90
CA PHE A 162 -14.49 39.27 -34.69
C PHE A 162 -14.30 38.80 -36.14
N LEU A 163 -15.04 39.42 -37.05
CA LEU A 163 -14.97 39.07 -38.47
C LEU A 163 -14.52 40.25 -39.30
N ARG A 164 -13.71 39.96 -40.31
CA ARG A 164 -13.17 40.99 -41.20
C ARG A 164 -13.85 40.96 -42.57
N SER A 192 -13.69 46.29 -44.21
CA SER A 192 -14.91 46.30 -43.42
C SER A 192 -14.91 45.19 -42.37
N GLN A 193 -14.31 45.47 -41.22
CA GLN A 193 -14.23 44.50 -40.13
C GLN A 193 -15.01 44.95 -38.89
N HIS A 194 -15.58 43.98 -38.18
CA HIS A 194 -16.39 44.25 -37.00
C HIS A 194 -16.57 43.01 -36.13
N LEU A 195 -17.40 43.12 -35.09
CA LEU A 195 -17.67 42.00 -34.18
C LEU A 195 -19.15 41.77 -33.93
N ILE A 196 -19.52 40.50 -33.74
CA ILE A 196 -20.91 40.12 -33.49
C ILE A 196 -21.04 38.61 -33.31
N ARG A 197 -22.07 38.16 -32.59
CA ARG A 197 -22.29 36.75 -32.35
C ARG A 197 -21.94 35.90 -33.56
N TYR A 198 -21.20 34.82 -33.32
CA TYR A 198 -20.76 33.93 -34.38
C TYR A 198 -21.88 33.16 -35.06
N LYS A 199 -22.88 32.73 -34.30
CA LYS A 199 -23.98 31.96 -34.86
C LYS A 199 -24.57 32.60 -36.11
N THR A 200 -25.04 33.84 -35.96
CA THR A 200 -25.63 34.57 -37.06
C THR A 200 -24.76 34.49 -38.31
N ILE A 201 -23.47 34.77 -38.15
CA ILE A 201 -22.54 34.73 -39.26
C ILE A 201 -22.32 33.29 -39.73
N ALA A 202 -22.06 32.41 -38.76
CA ALA A 202 -21.82 30.99 -39.00
C ALA A 202 -22.47 30.47 -40.29
N MSE B 2 -23.14 13.15 3.69
CA MSE B 2 -24.58 13.25 3.27
C MSE B 2 -24.88 14.62 2.70
O MSE B 2 -26.04 14.96 2.42
CB MSE B 2 -25.49 12.96 4.48
CG MSE B 2 -26.59 11.90 4.23
SE MSE B 2 -28.34 12.57 3.65
CE MSE B 2 -28.41 11.90 1.84
N PHE B 3 -23.85 15.44 2.52
CA PHE B 3 -24.02 16.77 1.95
C PHE B 3 -22.95 16.96 0.88
N CYS B 4 -22.31 15.86 0.51
CA CYS B 4 -21.29 15.86 -0.52
C CYS B 4 -20.23 16.88 -0.16
N GLU B 5 -20.07 17.13 1.13
CA GLU B 5 -19.08 18.10 1.58
C GLU B 5 -17.67 17.58 1.30
N LYS B 6 -17.48 16.28 1.48
CA LYS B 6 -16.17 15.68 1.25
C LYS B 6 -15.75 15.85 -0.20
N ALA B 7 -16.70 15.67 -1.09
CA ALA B 7 -16.43 15.80 -2.52
C ALA B 7 -15.96 17.21 -2.83
N MSE B 8 -16.56 18.18 -2.14
CA MSE B 8 -16.23 19.60 -2.32
C MSE B 8 -14.78 19.93 -2.02
O MSE B 8 -14.12 20.66 -2.75
CB MSE B 8 -17.12 20.45 -1.40
CG MSE B 8 -18.56 20.49 -1.83
SE MSE B 8 -18.72 21.33 -3.54
CE MSE B 8 -18.36 23.12 -2.95
N GLU B 9 -14.27 19.40 -0.92
CA GLU B 9 -12.90 19.67 -0.54
C GLU B 9 -11.96 19.12 -1.62
N LEU B 10 -12.54 18.39 -2.57
CA LEU B 10 -11.78 17.81 -3.68
C LEU B 10 -11.73 18.78 -4.87
N ILE B 11 -12.85 19.40 -5.20
CA ILE B 11 -12.81 20.32 -6.32
C ILE B 11 -12.12 21.62 -5.86
N ARG B 12 -12.01 21.79 -4.55
CA ARG B 12 -11.37 22.97 -3.98
C ARG B 12 -9.88 22.78 -4.04
N GLU B 13 -9.42 21.57 -3.78
CA GLU B 13 -8.00 21.30 -3.85
C GLU B 13 -7.53 21.72 -5.24
N LEU B 14 -8.49 21.87 -6.16
CA LEU B 14 -8.20 22.26 -7.53
C LEU B 14 -8.48 23.73 -7.82
N HIS B 15 -9.43 24.34 -7.10
CA HIS B 15 -9.75 25.76 -7.29
C HIS B 15 -8.65 26.59 -6.63
N ARG B 16 -7.98 26.01 -5.66
CA ARG B 16 -6.93 26.71 -4.97
C ARG B 16 -5.56 26.45 -5.62
N ALA B 17 -5.59 25.95 -6.86
CA ALA B 17 -4.34 25.68 -7.59
C ALA B 17 -4.21 26.77 -8.64
N PRO B 18 -3.45 27.83 -8.32
CA PRO B 18 -3.12 29.02 -9.08
C PRO B 18 -3.33 29.04 -10.58
N GLU B 19 -2.28 28.72 -11.34
CA GLU B 19 -2.43 28.77 -12.79
C GLU B 19 -3.27 27.62 -13.32
N GLY B 20 -2.74 26.43 -13.13
CA GLY B 20 -3.38 25.21 -13.57
C GLY B 20 -2.43 24.16 -13.10
N GLN B 21 -1.77 24.48 -12.00
CA GLN B 21 -0.81 23.60 -11.37
C GLN B 21 -1.52 22.30 -11.03
N LEU B 22 -0.76 21.23 -10.87
CA LEU B 22 -1.35 19.96 -10.56
C LEU B 22 -0.99 19.52 -9.15
N PRO B 23 -1.96 19.59 -8.22
CA PRO B 23 -1.66 19.17 -6.86
C PRO B 23 -1.64 17.65 -6.85
N ALA B 24 -1.09 17.02 -5.81
CA ALA B 24 -1.06 15.57 -5.77
C ALA B 24 -2.48 15.00 -5.84
N PHE B 25 -2.62 13.85 -6.51
CA PHE B 25 -3.92 13.20 -6.63
C PHE B 25 -4.40 12.90 -5.21
N ASN B 26 -5.69 13.12 -4.94
CA ASN B 26 -6.20 12.86 -3.60
C ASN B 26 -6.82 11.46 -3.45
N GLU B 27 -5.97 10.43 -3.46
CA GLU B 27 -6.42 9.05 -3.31
C GLU B 27 -7.40 8.88 -2.17
N ASP B 28 -6.99 9.34 -1.00
CA ASP B 28 -7.79 9.26 0.20
C ASP B 28 -9.15 9.93 0.06
N GLY B 29 -9.15 11.16 -0.41
CA GLY B 29 -10.38 11.90 -0.57
C GLY B 29 -11.37 11.21 -1.48
N LEU B 30 -10.88 10.68 -2.59
CA LEU B 30 -11.73 10.00 -3.57
C LEU B 30 -12.39 8.78 -2.94
N ARG B 31 -11.61 8.04 -2.17
CA ARG B 31 -12.11 6.83 -1.51
C ARG B 31 -13.24 7.19 -0.55
N GLN B 32 -13.05 8.23 0.26
CA GLN B 32 -14.06 8.66 1.21
C GLN B 32 -15.30 9.15 0.48
N VAL B 33 -15.13 9.57 -0.77
CA VAL B 33 -16.25 10.07 -1.56
C VAL B 33 -17.08 8.92 -2.12
N LEU B 34 -16.42 7.84 -2.53
CA LEU B 34 -17.11 6.68 -3.07
C LEU B 34 -17.79 5.94 -1.91
N GLU B 35 -16.99 5.52 -0.94
CA GLU B 35 -17.53 4.81 0.22
C GLU B 35 -18.75 5.54 0.77
N GLU B 36 -18.82 6.84 0.52
CA GLU B 36 -19.93 7.65 0.97
C GLU B 36 -21.15 7.43 0.07
N MSE B 37 -20.87 7.12 -1.19
CA MSE B 37 -21.93 6.87 -2.15
C MSE B 37 -22.54 5.50 -1.89
O MSE B 37 -23.75 5.32 -1.95
CB MSE B 37 -21.37 6.93 -3.57
CG MSE B 37 -20.68 8.24 -3.94
SE MSE B 37 -20.28 8.31 -5.83
CE MSE B 37 -21.99 8.96 -6.47
N LYS B 38 -21.66 4.54 -1.60
CA LYS B 38 -22.06 3.18 -1.31
C LYS B 38 -23.05 3.25 -0.16
N ALA B 39 -22.65 3.95 0.89
CA ALA B 39 -23.49 4.13 2.06
C ALA B 39 -24.81 4.77 1.64
N LEU B 40 -24.72 5.90 0.94
CA LEU B 40 -25.91 6.59 0.46
C LEU B 40 -26.80 5.71 -0.39
N TYR B 41 -26.21 4.68 -0.99
CA TYR B 41 -26.93 3.75 -1.86
C TYR B 41 -27.77 2.76 -1.07
N GLU B 42 -27.09 1.87 -0.34
CA GLU B 42 -27.74 0.86 0.48
C GLU B 42 -28.87 1.46 1.30
N GLN B 43 -28.50 2.41 2.15
CA GLN B 43 -29.47 3.07 3.00
C GLN B 43 -30.57 3.81 2.26
N ASN B 44 -30.56 3.73 0.93
CA ASN B 44 -31.59 4.39 0.14
C ASN B 44 -32.34 3.29 -0.59
N GLN B 45 -31.61 2.26 -0.97
CA GLN B 45 -32.21 1.13 -1.66
C GLN B 45 -33.14 0.45 -0.64
N SER B 46 -32.66 0.32 0.58
CA SER B 46 -33.42 -0.27 1.68
C SER B 46 -34.77 0.43 1.77
N ASP B 47 -34.74 1.72 2.11
CA ASP B 47 -35.96 2.51 2.22
C ASP B 47 -36.82 2.32 0.98
N VAL B 48 -36.18 1.99 -0.14
CA VAL B 48 -36.90 1.77 -1.38
C VAL B 48 -37.65 0.44 -1.26
N ASN B 49 -36.95 -0.59 -0.80
CA ASN B 49 -37.59 -1.89 -0.63
C ASN B 49 -38.63 -1.78 0.47
N GLU B 50 -38.22 -1.22 1.61
CA GLU B 50 -39.09 -1.04 2.75
C GLU B 50 -40.34 -0.25 2.40
N ALA B 51 -40.36 0.33 1.20
CA ALA B 51 -41.51 1.10 0.78
C ALA B 51 -42.40 0.31 -0.18
N LYS B 52 -41.76 -0.49 -1.04
CA LYS B 52 -42.50 -1.31 -2.01
C LYS B 52 -43.30 -2.40 -1.30
N SER B 53 -42.76 -2.89 -0.19
CA SER B 53 -43.40 -3.94 0.59
C SER B 53 -43.87 -3.41 1.95
N GLY B 54 -42.93 -2.88 2.73
CA GLY B 54 -43.23 -2.35 4.05
C GLY B 54 -44.37 -1.34 4.15
N GLY B 55 -45.02 -1.04 3.03
CA GLY B 55 -46.13 -0.09 3.03
C GLY B 55 -45.79 1.38 3.24
N ARG B 56 -45.09 1.67 4.34
CA ARG B 56 -44.68 3.03 4.70
C ARG B 56 -44.26 3.84 3.47
N SER B 57 -45.15 4.74 3.01
CA SER B 57 -44.88 5.56 1.83
C SER B 57 -44.31 6.94 2.11
N ASP B 58 -44.41 7.39 3.35
CA ASP B 58 -43.91 8.70 3.76
C ASP B 58 -42.41 8.85 3.46
N LEU B 59 -41.82 7.86 2.80
CA LEU B 59 -40.40 7.87 2.50
C LEU B 59 -39.92 8.55 1.22
N ILE B 60 -40.75 8.61 0.17
CA ILE B 60 -40.34 9.23 -1.10
C ILE B 60 -39.39 10.41 -0.89
N PRO B 61 -39.79 11.41 -0.08
CA PRO B 61 -38.92 12.57 0.17
C PRO B 61 -37.51 12.13 0.55
N THR B 62 -37.40 11.37 1.62
CA THR B 62 -36.12 10.90 2.10
C THR B 62 -35.31 10.19 1.03
N ILE B 63 -36.00 9.54 0.09
CA ILE B 63 -35.31 8.82 -0.98
C ILE B 63 -34.77 9.78 -2.02
N LYS B 64 -35.63 10.66 -2.55
CA LYS B 64 -35.20 11.63 -3.55
C LYS B 64 -34.00 12.40 -3.03
N PHE B 65 -34.14 12.91 -1.81
CA PHE B 65 -33.06 13.65 -1.17
C PHE B 65 -31.78 12.88 -1.36
N ARG B 66 -31.70 11.66 -0.84
CA ARG B 66 -30.48 10.86 -0.98
C ARG B 66 -30.03 10.69 -2.42
N HIS B 67 -31.00 10.69 -3.35
CA HIS B 67 -30.66 10.52 -4.76
C HIS B 67 -29.81 11.72 -5.21
N CYS B 68 -30.22 12.92 -4.81
CA CYS B 68 -29.48 14.12 -5.14
C CYS B 68 -28.04 13.94 -4.68
N SER B 69 -27.86 13.46 -3.46
CA SER B 69 -26.52 13.24 -2.94
C SER B 69 -25.70 12.34 -3.84
N LEU B 70 -26.25 11.19 -4.20
CA LEU B 70 -25.52 10.28 -5.09
C LEU B 70 -25.07 11.02 -6.35
N LEU B 71 -26.00 11.71 -7.01
CA LEU B 71 -25.69 12.46 -8.23
C LEU B 71 -24.62 13.53 -7.97
N ARG B 72 -24.86 14.40 -7.00
CA ARG B 72 -23.90 15.45 -6.67
C ARG B 72 -22.54 14.78 -6.47
N ASN B 73 -22.41 13.95 -5.45
CA ASN B 73 -21.16 13.26 -5.19
C ASN B 73 -20.50 12.76 -6.47
N ARG B 74 -21.31 12.45 -7.47
CA ARG B 74 -20.80 11.94 -8.73
C ARG B 74 -20.32 13.08 -9.64
N ARG B 75 -21.19 14.07 -9.83
CA ARG B 75 -20.85 15.23 -10.65
C ARG B 75 -19.46 15.73 -10.24
N CYS B 76 -19.28 15.90 -8.93
CA CYS B 76 -18.03 16.37 -8.38
C CYS B 76 -16.87 15.43 -8.58
N THR B 77 -17.08 14.16 -8.29
CA THR B 77 -15.99 13.23 -8.43
C THR B 77 -15.58 13.04 -9.91
N VAL B 78 -16.46 13.42 -10.84
CA VAL B 78 -16.13 13.30 -12.27
C VAL B 78 -15.42 14.55 -12.75
N ALA B 79 -16.01 15.70 -12.40
CA ALA B 79 -15.44 17.00 -12.77
C ALA B 79 -14.00 17.12 -12.27
N TYR B 80 -13.77 16.63 -11.06
CA TYR B 80 -12.45 16.62 -10.45
C TYR B 80 -11.47 15.81 -11.31
N LEU B 81 -11.80 14.55 -11.54
CA LEU B 81 -10.91 13.67 -12.31
C LEU B 81 -10.68 14.15 -13.74
N TYR B 82 -11.60 14.97 -14.25
CA TYR B 82 -11.49 15.48 -15.61
C TYR B 82 -10.58 16.71 -15.68
N ASP B 83 -10.75 17.61 -14.71
CA ASP B 83 -9.94 18.80 -14.67
C ASP B 83 -8.48 18.46 -14.49
N ARG B 84 -8.19 17.36 -13.81
CA ARG B 84 -6.81 16.94 -13.65
C ARG B 84 -6.30 16.47 -15.00
N LEU B 85 -7.17 15.81 -15.77
CA LEU B 85 -6.77 15.34 -17.07
C LEU B 85 -6.51 16.52 -18.01
N LEU B 86 -7.31 17.58 -17.88
CA LEU B 86 -7.15 18.76 -18.70
C LEU B 86 -5.81 19.42 -18.39
N ARG B 87 -5.42 19.35 -17.12
CA ARG B 87 -4.15 19.90 -16.69
C ARG B 87 -3.01 18.99 -17.12
N ILE B 88 -3.14 17.70 -16.83
CA ILE B 88 -2.09 16.76 -17.21
C ILE B 88 -1.83 16.86 -18.71
N ARG B 89 -2.89 17.00 -19.50
CA ARG B 89 -2.76 17.10 -20.94
C ARG B 89 -1.77 18.22 -21.30
N ALA B 90 -1.98 19.39 -20.71
CA ALA B 90 -1.12 20.55 -20.96
C ALA B 90 0.34 20.20 -20.72
N LEU B 91 0.60 19.44 -19.65
CA LEU B 91 1.97 19.04 -19.32
C LEU B 91 2.74 18.49 -20.51
N ARG B 92 2.02 18.02 -21.51
CA ARG B 92 2.66 17.48 -22.70
C ARG B 92 3.22 18.62 -23.55
N TRP B 93 2.37 19.61 -23.81
CA TRP B 93 2.75 20.76 -24.62
C TRP B 93 3.62 21.75 -23.86
N GLU B 94 4.03 21.36 -22.66
CA GLU B 94 4.87 22.24 -21.86
C GLU B 94 6.26 21.70 -21.61
N TYR B 95 6.36 20.60 -20.89
CA TYR B 95 7.67 20.06 -20.59
C TYR B 95 8.20 19.06 -21.62
N GLY B 96 7.39 18.75 -22.63
CA GLY B 96 7.84 17.83 -23.65
C GLY B 96 7.32 16.41 -23.54
N SER B 97 8.13 15.45 -23.94
CA SER B 97 7.73 14.03 -23.91
C SER B 97 7.96 13.34 -22.57
N ILE B 98 9.12 13.58 -21.94
CA ILE B 98 9.39 12.98 -20.63
C ILE B 98 8.83 13.93 -19.58
N LEU B 99 8.21 13.39 -18.55
CA LEU B 99 7.62 14.23 -17.52
C LEU B 99 8.53 14.57 -16.37
N PRO B 100 8.48 15.84 -15.92
CA PRO B 100 9.33 16.24 -14.80
C PRO B 100 8.98 15.26 -13.70
N ASN B 101 9.95 14.48 -13.24
CA ASN B 101 9.69 13.50 -12.21
C ASN B 101 8.93 14.11 -11.03
N ALA B 102 8.75 15.42 -11.07
CA ALA B 102 8.04 16.14 -10.02
C ALA B 102 6.54 15.95 -10.17
N LEU B 103 6.07 15.90 -11.41
CA LEU B 103 4.66 15.73 -11.70
C LEU B 103 4.21 14.29 -11.54
N ARG B 104 5.03 13.35 -12.00
CA ARG B 104 4.70 11.93 -11.86
C ARG B 104 4.35 11.70 -10.41
N PHE B 105 5.07 12.40 -9.55
CA PHE B 105 4.90 12.29 -8.11
C PHE B 105 3.56 12.83 -7.57
N HIS B 106 2.82 13.55 -8.39
CA HIS B 106 1.52 14.08 -7.96
C HIS B 106 0.37 13.45 -8.69
N MSE B 107 0.69 12.51 -9.58
CA MSE B 107 -0.33 11.84 -10.37
C MSE B 107 -0.61 10.43 -9.86
O MSE B 107 0.18 9.84 -9.13
CB MSE B 107 0.14 11.76 -11.83
CG MSE B 107 0.41 13.11 -12.47
SE MSE B 107 1.45 12.94 -14.09
CE MSE B 107 0.04 12.49 -15.30
N ALA B 108 -1.78 9.92 -10.23
CA ALA B 108 -2.19 8.57 -9.86
C ALA B 108 -1.67 7.65 -10.97
N ALA B 109 -1.34 6.42 -10.62
CA ALA B 109 -0.82 5.46 -11.59
C ALA B 109 -1.74 5.37 -12.80
N GLU B 110 -3.00 5.69 -12.58
CA GLU B 110 -4.01 5.68 -13.65
C GLU B 110 -3.83 6.89 -14.57
N GLU B 111 -3.37 8.00 -14.01
CA GLU B 111 -3.18 9.22 -14.79
C GLU B 111 -1.92 9.15 -15.67
N MSE B 112 -0.83 8.63 -15.13
CA MSE B 112 0.39 8.50 -15.91
C MSE B 112 0.07 7.55 -17.07
O MSE B 112 0.62 7.67 -18.16
CB MSE B 112 1.53 7.89 -15.08
CG MSE B 112 2.10 8.80 -13.99
SE MSE B 112 3.05 7.78 -12.59
CE MSE B 112 4.81 7.65 -13.40
N GLU B 113 -0.85 6.61 -16.82
CA GLU B 113 -1.25 5.63 -17.83
C GLU B 113 -2.00 6.35 -18.94
N TRP B 114 -2.96 7.18 -18.56
CA TRP B 114 -3.74 7.95 -19.53
C TRP B 114 -2.81 8.85 -20.35
N PHE B 115 -1.82 9.44 -19.68
CA PHE B 115 -0.86 10.34 -20.32
C PHE B 115 -0.01 9.67 -21.36
N ASN B 116 0.62 8.55 -20.98
CA ASN B 116 1.47 7.83 -21.91
C ASN B 116 0.68 7.30 -23.09
N ASN B 117 -0.61 7.05 -22.87
CA ASN B 117 -1.44 6.58 -23.97
C ASN B 117 -1.77 7.79 -24.83
N TYR B 118 -1.89 8.95 -24.18
CA TYR B 118 -2.17 10.18 -24.89
C TYR B 118 -0.98 10.56 -25.74
N LYS B 119 0.21 10.61 -25.14
CA LYS B 119 1.38 10.98 -25.91
C LYS B 119 1.52 9.96 -27.04
N ARG B 120 1.48 8.69 -26.69
CA ARG B 120 1.60 7.59 -27.65
C ARG B 120 0.75 7.76 -28.92
N SER B 121 -0.38 8.45 -28.82
CA SER B 121 -1.23 8.65 -29.99
C SER B 121 -0.86 9.94 -30.71
N LEU B 122 -0.72 11.02 -29.94
CA LEU B 122 -0.35 12.32 -30.51
C LEU B 122 0.88 12.04 -31.35
N ALA B 123 1.76 11.19 -30.83
CA ALA B 123 2.98 10.81 -31.53
C ALA B 123 2.59 10.26 -32.90
N THR B 124 1.70 9.27 -32.91
CA THR B 124 1.25 8.68 -34.16
C THR B 124 0.68 9.76 -35.06
N TYR B 125 -0.32 10.49 -34.58
CA TYR B 125 -0.92 11.53 -35.39
C TYR B 125 0.10 12.34 -36.17
N MSE B 126 0.91 13.12 -35.47
CA MSE B 126 1.93 13.95 -36.11
C MSE B 126 2.70 13.16 -37.17
O MSE B 126 2.76 13.57 -38.34
CB MSE B 126 2.92 14.53 -35.06
CG MSE B 126 2.26 15.38 -33.95
SE MSE B 126 3.46 16.23 -32.64
CE MSE B 126 4.75 14.81 -32.42
N ARG B 127 3.27 12.03 -36.76
CA ARG B 127 4.06 11.19 -37.67
C ARG B 127 3.34 10.73 -38.93
N SER B 128 2.10 11.18 -39.13
CA SER B 128 1.34 10.79 -40.31
C SER B 128 1.03 12.00 -41.17
N LEU B 129 1.56 13.15 -40.78
CA LEU B 129 1.31 14.38 -41.51
C LEU B 129 2.17 14.53 -42.77
N GLY B 130 3.15 13.65 -42.93
CA GLY B 130 4.02 13.71 -44.09
C GLY B 130 5.03 12.58 -44.15
N GLY B 131 5.78 12.49 -45.25
CA GLY B 131 6.75 11.43 -45.36
C GLY B 131 7.74 11.48 -44.20
N ASP B 132 8.60 10.46 -44.10
CA ASP B 132 9.62 10.36 -43.06
C ASP B 132 9.31 11.09 -41.74
N GLU B 133 8.30 10.59 -41.03
CA GLU B 133 7.86 11.16 -39.75
C GLU B 133 7.19 12.53 -39.88
N GLY B 134 6.00 12.53 -40.49
CA GLY B 134 5.22 13.73 -40.70
C GLY B 134 5.79 15.07 -40.26
N LEU B 135 5.06 15.78 -39.41
CA LEU B 135 5.49 17.09 -38.95
C LEU B 135 5.16 17.33 -37.47
N ASP B 136 6.22 17.47 -36.66
CA ASP B 136 6.06 17.70 -35.23
C ASP B 136 5.47 19.10 -35.00
N ILE B 137 4.25 19.15 -34.49
CA ILE B 137 3.59 20.41 -34.23
C ILE B 137 3.71 20.87 -32.78
N THR B 138 4.60 20.23 -32.03
CA THR B 138 4.81 20.59 -30.63
C THR B 138 5.89 21.64 -30.56
N GLN B 139 6.75 21.64 -31.57
CA GLN B 139 7.83 22.61 -31.65
C GLN B 139 7.24 23.84 -32.33
N ASP B 140 8.02 24.91 -32.43
CA ASP B 140 7.52 26.12 -33.07
C ASP B 140 6.29 26.59 -32.31
N MSE B 141 6.35 26.57 -30.98
CA MSE B 141 5.21 27.01 -30.20
C MSE B 141 4.95 28.51 -30.30
O MSE B 141 3.80 28.95 -30.26
CB MSE B 141 5.40 26.62 -28.72
CG MSE B 141 5.43 25.11 -28.45
SE MSE B 141 3.74 24.20 -28.78
CE MSE B 141 2.77 24.77 -27.21
N LYS B 142 6.01 29.29 -30.44
CA LYS B 142 5.90 30.74 -30.55
C LYS B 142 6.46 31.20 -31.88
N PRO B 143 5.82 32.20 -32.52
CA PRO B 143 6.31 32.69 -33.81
C PRO B 143 7.78 33.10 -33.69
N PRO B 144 8.62 32.70 -34.66
CA PRO B 144 10.05 33.00 -34.70
C PRO B 144 10.40 34.49 -34.51
N LYS B 145 11.48 34.77 -33.79
CA LYS B 145 11.91 36.15 -33.55
C LYS B 145 13.25 36.37 -34.26
N SER B 146 13.69 35.36 -34.99
CA SER B 146 14.95 35.41 -35.72
C SER B 146 14.97 34.31 -36.78
N MSE C 1 -8.66 33.82 -30.78
CA MSE C 1 -8.09 35.19 -30.83
C MSE C 1 -6.61 35.10 -31.10
O MSE C 1 -6.04 34.00 -31.16
CB MSE C 1 -8.33 35.91 -29.50
CG MSE C 1 -8.37 37.44 -29.60
SE MSE C 1 -10.04 38.10 -30.37
CE MSE C 1 -11.20 37.84 -28.85
N MSE C 2 -5.96 36.25 -31.26
CA MSE C 2 -4.53 36.30 -31.52
C MSE C 2 -3.82 37.15 -30.48
O MSE C 2 -4.36 38.15 -30.01
CB MSE C 2 -4.24 36.87 -32.91
CG MSE C 2 -4.67 35.99 -34.03
SE MSE C 2 -4.17 36.72 -35.74
CE MSE C 2 -2.38 36.00 -35.88
N ASP C 3 -2.60 36.74 -30.12
CA ASP C 3 -1.81 37.47 -29.16
C ASP C 3 -0.78 38.33 -29.89
N ALA C 4 -0.19 39.29 -29.16
CA ALA C 4 0.81 40.17 -29.74
C ALA C 4 1.73 39.43 -30.70
N ALA C 5 2.45 38.44 -30.16
CA ALA C 5 3.37 37.66 -30.96
C ALA C 5 2.75 37.29 -32.29
N GLU C 6 1.65 36.55 -32.25
CA GLU C 6 0.96 36.11 -33.46
C GLU C 6 0.59 37.25 -34.39
N VAL C 7 0.14 38.38 -33.83
CA VAL C 7 -0.20 39.54 -34.66
C VAL C 7 1.07 40.14 -35.26
N GLU C 8 2.11 40.29 -34.44
CA GLU C 8 3.38 40.84 -34.93
C GLU C 8 3.84 40.06 -36.14
N PHE C 9 3.70 38.74 -36.07
CA PHE C 9 4.12 37.87 -37.16
C PHE C 9 3.51 38.33 -38.47
N LEU C 10 2.37 39.00 -38.39
CA LEU C 10 1.70 39.49 -39.59
C LEU C 10 2.27 40.84 -40.02
N ALA C 11 2.69 41.62 -39.04
CA ALA C 11 3.27 42.93 -39.30
C ALA C 11 4.58 42.71 -40.05
N GLU C 12 5.21 41.57 -39.77
CA GLU C 12 6.48 41.19 -40.36
C GLU C 12 6.37 40.73 -41.80
N LYS C 13 5.17 40.75 -42.36
CA LYS C 13 5.02 40.34 -43.75
C LYS C 13 5.03 41.64 -44.54
N GLU C 14 4.81 42.72 -43.79
CA GLU C 14 4.77 44.07 -44.33
C GLU C 14 6.08 44.42 -45.03
N LEU C 15 5.99 45.12 -46.16
CA LEU C 15 7.16 45.52 -46.94
C LEU C 15 7.77 46.82 -46.47
N VAL C 16 9.10 46.82 -46.35
CA VAL C 16 9.86 47.98 -45.91
C VAL C 16 11.01 48.15 -46.90
N THR C 17 11.65 49.32 -46.92
CA THR C 17 12.76 49.55 -47.84
C THR C 17 14.16 49.54 -47.20
N ILE C 18 15.08 48.73 -47.73
CA ILE C 18 16.43 48.69 -47.19
C ILE C 18 17.50 48.81 -48.26
N ILE C 19 18.63 49.44 -47.91
CA ILE C 19 19.75 49.57 -48.82
C ILE C 19 20.82 48.63 -48.28
N PRO C 20 21.01 47.50 -48.96
CA PRO C 20 22.00 46.49 -48.56
C PRO C 20 23.43 46.87 -48.88
N ASN C 21 24.37 46.21 -48.20
CA ASN C 21 25.79 46.45 -48.42
C ASN C 21 26.40 45.24 -49.11
N PHE C 22 25.57 44.50 -49.83
CA PHE C 22 26.03 43.31 -50.51
C PHE C 22 25.30 43.09 -51.83
N SER C 23 25.80 42.12 -52.59
CA SER C 23 25.20 41.79 -53.87
C SER C 23 24.77 40.33 -53.87
N LEU C 24 23.47 40.12 -54.09
CA LEU C 24 22.91 38.78 -54.11
C LEU C 24 21.92 38.68 -55.26
N ASP C 25 21.92 37.54 -55.94
CA ASP C 25 21.00 37.34 -57.05
C ASP C 25 19.57 37.31 -56.54
N LYS C 26 18.62 37.28 -57.46
CA LYS C 26 17.21 37.25 -57.11
C LYS C 26 16.84 35.92 -56.47
N ILE C 27 16.47 35.93 -55.20
CA ILE C 27 16.08 34.72 -54.51
C ILE C 27 14.60 34.47 -54.76
N TYR C 28 14.28 33.28 -55.24
CA TYR C 28 12.91 32.91 -55.53
C TYR C 28 12.31 32.26 -54.29
N LEU C 29 11.64 33.07 -53.48
CA LEU C 29 11.01 32.58 -52.27
C LEU C 29 9.61 32.08 -52.56
N ILE C 30 9.18 31.12 -51.75
CA ILE C 30 7.86 30.52 -51.86
C ILE C 30 6.75 31.57 -51.91
N GLY C 31 6.85 32.59 -51.07
CA GLY C 31 5.84 33.63 -51.04
C GLY C 31 6.18 34.88 -51.83
N GLY C 32 6.75 34.69 -53.02
CA GLY C 32 7.11 35.84 -53.85
C GLY C 32 8.60 35.95 -54.14
N ASP C 33 8.99 37.04 -54.79
CA ASP C 33 10.39 37.25 -55.13
C ASP C 33 10.99 38.43 -54.41
N LEU C 34 12.30 38.43 -54.31
CA LEU C 34 13.01 39.51 -53.65
C LEU C 34 14.10 40.00 -54.59
N GLY C 35 13.74 41.04 -55.33
CA GLY C 35 14.63 41.65 -56.30
C GLY C 35 16.12 41.57 -56.00
N PRO C 36 16.96 41.45 -57.04
CA PRO C 36 18.40 41.36 -56.86
C PRO C 36 18.94 42.40 -55.88
N PHE C 37 19.90 42.00 -55.07
CA PHE C 37 20.49 42.87 -54.07
C PHE C 37 21.79 43.47 -54.57
N ASN C 38 21.88 44.79 -54.50
CA ASN C 38 23.06 45.52 -54.94
C ASN C 38 23.36 46.55 -53.87
N PRO C 39 24.62 46.62 -53.41
CA PRO C 39 24.96 47.60 -52.38
C PRO C 39 24.55 49.02 -52.76
N GLY C 40 24.32 49.85 -51.75
CA GLY C 40 23.92 51.22 -51.98
C GLY C 40 22.77 51.36 -52.98
N LEU C 41 21.96 50.32 -53.14
CA LEU C 41 20.84 50.38 -54.08
C LEU C 41 19.55 49.83 -53.44
N PRO C 42 18.59 50.72 -53.14
CA PRO C 42 17.29 50.42 -52.53
C PRO C 42 16.52 49.23 -53.07
N VAL C 43 16.03 48.40 -52.14
CA VAL C 43 15.25 47.20 -52.44
C VAL C 43 14.14 47.06 -51.40
N GLU C 44 12.94 46.65 -51.85
CA GLU C 44 11.81 46.45 -50.94
C GLU C 44 11.76 44.96 -50.62
N VAL C 45 11.84 44.66 -49.32
CA VAL C 45 11.86 43.29 -48.83
C VAL C 45 10.96 43.24 -47.57
N PRO C 46 10.51 42.04 -47.15
CA PRO C 46 9.66 41.92 -45.95
C PRO C 46 10.35 42.35 -44.64
N LEU C 47 9.59 42.95 -43.72
CA LEU C 47 10.14 43.42 -42.44
C LEU C 47 10.95 42.35 -41.71
N TRP C 48 10.62 41.08 -41.87
CA TRP C 48 11.37 40.05 -41.19
C TRP C 48 12.75 39.92 -41.79
N LEU C 49 12.81 39.91 -43.12
CA LEU C 49 14.12 39.81 -43.74
C LEU C 49 14.92 41.07 -43.39
N ALA C 50 14.27 42.23 -43.52
CA ALA C 50 14.91 43.50 -43.20
C ALA C 50 15.57 43.41 -41.83
N ILE C 51 14.76 43.16 -40.80
CA ILE C 51 15.29 43.07 -39.44
C ILE C 51 16.38 42.03 -39.31
N ASN C 52 16.31 40.95 -40.10
CA ASN C 52 17.33 39.92 -40.04
C ASN C 52 18.63 40.51 -40.58
N LEU C 53 18.59 41.01 -41.81
CA LEU C 53 19.74 41.62 -42.43
C LEU C 53 20.26 42.78 -41.60
N LYS C 54 19.36 43.60 -41.08
CA LYS C 54 19.75 44.75 -40.26
C LYS C 54 20.64 44.36 -39.09
N GLN C 55 20.19 43.41 -38.28
CA GLN C 55 21.00 42.98 -37.14
C GLN C 55 22.19 42.15 -37.60
N ARG C 56 22.08 41.48 -38.74
CA ARG C 56 23.20 40.71 -39.29
C ARG C 56 24.20 41.73 -39.83
N GLN C 57 23.98 42.99 -39.45
CA GLN C 57 24.82 44.12 -39.82
C GLN C 57 25.03 44.34 -41.32
N LYS C 58 24.28 43.64 -42.17
CA LYS C 58 24.46 43.83 -43.60
C LYS C 58 23.42 44.58 -44.41
N CYS C 59 22.98 45.73 -43.90
CA CYS C 59 22.02 46.55 -44.62
C CYS C 59 21.61 47.76 -43.78
N ARG C 60 20.88 48.67 -44.42
CA ARG C 60 20.41 49.87 -43.76
C ARG C 60 18.91 49.97 -44.03
N LEU C 61 18.13 50.18 -42.98
CA LEU C 61 16.68 50.27 -43.10
C LEU C 61 16.20 51.69 -43.38
N LEU C 62 15.25 51.82 -44.30
CA LEU C 62 14.69 53.12 -44.64
C LEU C 62 13.33 53.28 -43.96
N PRO C 63 13.20 54.29 -43.09
CA PRO C 63 11.96 54.56 -42.37
C PRO C 63 10.79 54.78 -43.32
N PRO C 64 9.65 54.13 -43.04
CA PRO C 64 8.49 54.31 -43.92
C PRO C 64 8.18 55.80 -44.07
N GLU C 65 7.68 56.17 -45.24
CA GLU C 65 7.33 57.55 -45.53
C GLU C 65 6.65 58.23 -44.34
N TRP C 66 5.62 57.57 -43.79
CA TRP C 66 4.83 58.09 -42.68
C TRP C 66 5.49 58.20 -41.31
N MSE C 67 6.56 57.45 -41.07
CA MSE C 67 7.19 57.51 -39.77
C MSE C 67 7.96 58.82 -39.50
O MSE C 67 8.92 58.84 -38.75
CB MSE C 67 8.12 56.30 -39.58
CG MSE C 67 8.39 55.95 -38.13
SE MSE C 67 9.46 54.35 -37.91
CE MSE C 67 8.23 53.09 -38.71
N ASP C 68 7.50 59.90 -40.13
CA ASP C 68 8.13 61.21 -39.96
C ASP C 68 7.53 61.92 -38.74
N VAL C 69 8.39 62.45 -37.88
CA VAL C 69 7.95 63.14 -36.67
C VAL C 69 6.74 64.04 -36.92
N GLU C 70 6.98 65.28 -37.32
CA GLU C 70 5.89 66.22 -37.56
C GLU C 70 4.78 65.61 -38.40
N LYS C 71 5.09 64.56 -39.17
CA LYS C 71 4.08 63.92 -39.98
C LYS C 71 3.04 63.23 -39.11
N LEU C 72 3.48 62.36 -38.21
CA LEU C 72 2.57 61.65 -37.31
C LEU C 72 2.04 62.63 -36.29
N GLU C 73 2.93 63.51 -35.83
CA GLU C 73 2.59 64.52 -34.85
C GLU C 73 1.43 65.36 -35.38
N LYS C 74 1.14 65.20 -36.67
CA LYS C 74 0.05 65.92 -37.32
C LYS C 74 -1.13 64.95 -37.48
N MSE C 75 -0.86 63.67 -37.22
CA MSE C 75 -1.88 62.64 -37.31
C MSE C 75 -2.53 62.42 -35.94
O MSE C 75 -3.74 62.22 -35.83
CB MSE C 75 -1.28 61.31 -37.79
CG MSE C 75 -0.73 61.33 -39.20
SE MSE C 75 -0.31 59.56 -39.82
CE MSE C 75 -1.89 59.22 -40.87
N ARG C 76 -1.70 62.45 -34.89
CA ARG C 76 -2.20 62.27 -33.53
C ARG C 76 -3.29 63.29 -33.28
N ASP C 77 -3.05 64.51 -33.76
CA ASP C 77 -4.01 65.60 -33.60
C ASP C 77 -5.26 65.35 -34.44
N HIS C 78 -5.09 64.81 -35.64
CA HIS C 78 -6.24 64.51 -36.49
C HIS C 78 -7.04 63.38 -35.84
N GLU C 79 -6.38 62.62 -34.97
CA GLU C 79 -7.03 61.53 -34.26
C GLU C 79 -7.78 62.13 -33.07
N ARG C 80 -7.06 62.92 -32.28
CA ARG C 80 -7.65 63.58 -31.12
C ARG C 80 -8.64 64.63 -31.61
N LYS C 81 -8.87 64.64 -32.91
CA LYS C 81 -9.80 65.56 -33.55
C LYS C 81 -11.11 64.80 -33.73
N GLU C 82 -11.29 64.20 -34.91
CA GLU C 82 -12.50 63.43 -35.19
C GLU C 82 -12.89 62.67 -33.94
N GLU C 83 -14.17 62.72 -33.60
CA GLU C 83 -14.67 62.04 -32.41
C GLU C 83 -14.44 60.54 -32.54
N THR C 84 -14.57 60.02 -33.76
CA THR C 84 -14.39 58.58 -34.00
C THR C 84 -12.95 58.17 -34.29
N PHE C 85 -12.78 56.91 -34.71
CA PHE C 85 -11.47 56.33 -35.02
C PHE C 85 -10.89 56.78 -36.36
N THR C 86 -9.65 57.27 -36.32
CA THR C 86 -8.96 57.75 -37.51
C THR C 86 -8.23 56.62 -38.23
N PRO C 87 -8.46 56.46 -39.54
CA PRO C 87 -7.77 55.40 -40.28
C PRO C 87 -6.25 55.55 -40.20
N MSE C 88 -5.58 54.48 -39.80
CA MSE C 88 -4.12 54.49 -39.65
C MSE C 88 -3.29 54.30 -40.92
O MSE C 88 -3.77 53.73 -41.92
CB MSE C 88 -3.73 53.43 -38.62
CG MSE C 88 -4.32 53.65 -37.23
SE MSE C 88 -3.56 55.18 -36.30
CE MSE C 88 -4.66 56.59 -37.08
N PRO C 89 -2.03 54.78 -40.90
CA PRO C 89 -1.10 54.69 -42.02
C PRO C 89 -0.88 53.23 -42.40
N SER C 90 -0.13 52.54 -41.54
CA SER C 90 0.18 51.13 -41.69
C SER C 90 -0.77 50.35 -40.79
N PRO C 91 -1.41 49.30 -41.33
CA PRO C 91 -2.34 48.50 -40.55
C PRO C 91 -1.65 47.68 -39.45
N TYR C 92 -0.45 48.12 -39.08
CA TYR C 92 0.33 47.48 -38.02
C TYR C 92 1.22 48.59 -37.51
N TYR C 93 0.78 49.82 -37.71
CA TYR C 93 1.55 50.99 -37.31
C TYR C 93 2.28 50.79 -35.98
N MSE C 94 1.63 50.11 -35.05
CA MSE C 94 2.22 49.86 -33.73
C MSE C 94 3.39 48.90 -33.76
O MSE C 94 4.40 49.11 -33.07
CB MSE C 94 1.15 49.33 -32.78
CG MSE C 94 0.65 50.33 -31.76
SE MSE C 94 1.99 50.88 -30.48
CE MSE C 94 2.75 49.16 -30.03
N GLU C 95 3.25 47.83 -34.52
CA GLU C 95 4.30 46.81 -34.63
C GLU C 95 5.53 47.41 -35.28
N LEU C 96 5.37 47.83 -36.54
CA LEU C 96 6.48 48.42 -37.28
C LEU C 96 7.25 49.44 -36.46
N THR C 97 6.56 50.18 -35.62
CA THR C 97 7.21 51.18 -34.78
C THR C 97 8.06 50.51 -33.71
N LYS C 98 7.54 49.42 -33.17
CA LYS C 98 8.21 48.67 -32.13
C LYS C 98 9.40 47.91 -32.71
N LEU C 99 9.18 47.25 -33.84
CA LEU C 99 10.24 46.49 -34.47
C LEU C 99 11.35 47.37 -35.03
N LEU C 100 10.99 48.50 -35.61
CA LEU C 100 11.99 49.41 -36.18
C LEU C 100 12.73 50.26 -35.16
N LEU C 101 12.06 50.64 -34.08
CA LEU C 101 12.71 51.47 -33.07
C LEU C 101 13.55 50.67 -32.09
N ASN C 102 13.39 49.36 -32.11
CA ASN C 102 14.16 48.51 -31.22
C ASN C 102 15.33 47.91 -32.00
N HIS C 103 15.10 47.68 -33.29
CA HIS C 103 16.12 47.08 -34.13
C HIS C 103 16.89 48.01 -35.04
N ALA C 104 16.31 49.15 -35.40
CA ALA C 104 17.00 50.05 -36.30
C ALA C 104 16.85 51.54 -36.00
N SER C 105 16.92 51.91 -34.73
CA SER C 105 16.79 53.33 -34.38
C SER C 105 17.88 54.14 -35.09
N ASP C 106 19.00 53.48 -35.40
CA ASP C 106 20.12 54.12 -36.08
C ASP C 106 19.66 54.81 -37.36
N ASN C 107 18.75 54.16 -38.06
CA ASN C 107 18.24 54.66 -39.33
C ASN C 107 17.02 55.56 -39.18
N ILE C 108 16.43 55.58 -37.99
CA ILE C 108 15.26 56.42 -37.78
C ILE C 108 15.64 57.81 -37.27
N PRO C 109 15.23 58.85 -37.99
CA PRO C 109 15.52 60.24 -37.64
C PRO C 109 14.97 60.62 -36.26
N LYS C 110 15.84 60.59 -35.25
CA LYS C 110 15.45 60.92 -33.87
C LYS C 110 14.33 59.99 -33.42
N ALA C 111 14.71 58.91 -32.75
CA ALA C 111 13.74 57.92 -32.28
C ALA C 111 12.96 58.34 -31.04
N ASP C 112 13.67 58.54 -29.93
CA ASP C 112 13.07 58.93 -28.67
C ASP C 112 11.84 59.83 -28.84
N GLU C 113 11.91 60.74 -29.81
CA GLU C 113 10.82 61.66 -30.06
C GLU C 113 9.66 60.99 -30.80
N ILE C 114 9.97 60.30 -31.90
CA ILE C 114 8.95 59.62 -32.69
C ILE C 114 8.29 58.49 -31.92
N ARG C 115 9.08 57.77 -31.14
CA ARG C 115 8.58 56.67 -30.33
C ARG C 115 7.34 57.08 -29.55
N THR C 116 7.56 57.95 -28.56
CA THR C 116 6.47 58.45 -27.71
C THR C 116 5.30 58.94 -28.56
N LEU C 117 5.59 59.79 -29.53
CA LEU C 117 4.56 60.34 -30.41
C LEU C 117 3.59 59.26 -30.91
N VAL C 118 4.12 58.08 -31.20
CA VAL C 118 3.31 56.97 -31.70
C VAL C 118 2.33 56.44 -30.66
N LYS C 119 2.83 56.12 -29.47
CA LYS C 119 1.97 55.57 -28.41
C LYS C 119 0.88 56.55 -27.97
N ASP C 120 1.19 57.84 -28.00
CA ASP C 120 0.22 58.85 -27.61
C ASP C 120 -0.99 58.74 -28.53
N MSE C 121 -0.81 57.99 -29.62
CA MSE C 121 -1.87 57.79 -30.59
C MSE C 121 -2.53 56.43 -30.38
O MSE C 121 -3.60 56.15 -30.91
CB MSE C 121 -1.32 57.86 -32.01
CG MSE C 121 -2.40 57.76 -33.08
SE MSE C 121 -1.63 57.76 -34.84
CE MSE C 121 -0.80 59.50 -34.79
N TRP C 122 -1.86 55.57 -29.61
CA TRP C 122 -2.39 54.25 -29.29
C TRP C 122 -3.17 54.40 -28.01
N ASP C 123 -2.72 55.31 -27.15
CA ASP C 123 -3.41 55.54 -25.89
C ASP C 123 -4.72 56.24 -26.13
N THR C 124 -4.68 57.40 -26.78
CA THR C 124 -5.91 58.13 -27.04
C THR C 124 -6.72 57.45 -28.15
N ARG C 125 -6.36 56.21 -28.46
CA ARG C 125 -7.07 55.43 -29.48
C ARG C 125 -7.74 54.28 -28.73
N ILE C 126 -7.07 53.83 -27.68
CA ILE C 126 -7.56 52.77 -26.81
C ILE C 126 -8.64 53.44 -25.98
N ALA C 127 -8.28 54.55 -25.35
CA ALA C 127 -9.21 55.30 -24.54
C ALA C 127 -10.54 55.37 -25.29
N LYS C 128 -10.49 55.87 -26.51
CA LYS C 128 -11.68 55.99 -27.34
C LYS C 128 -12.32 54.64 -27.63
N LEU C 129 -11.56 53.56 -27.44
CA LEU C 129 -12.08 52.23 -27.69
C LEU C 129 -12.82 51.74 -26.45
N ARG C 130 -12.45 52.29 -25.29
CA ARG C 130 -13.09 51.92 -24.03
C ARG C 130 -14.42 52.62 -23.84
N VAL C 131 -14.43 53.93 -24.08
CA VAL C 131 -15.66 54.71 -23.95
C VAL C 131 -16.67 54.24 -24.98
N SER C 132 -16.19 53.84 -26.16
CA SER C 132 -17.07 53.36 -27.20
C SER C 132 -17.56 51.94 -26.90
N ALA C 133 -16.96 51.31 -25.91
CA ALA C 133 -17.34 49.95 -25.52
C ALA C 133 -18.51 50.05 -24.54
N ASP C 134 -18.33 50.90 -23.53
CA ASP C 134 -19.34 51.15 -22.50
C ASP C 134 -20.69 51.24 -23.19
N SER C 135 -20.69 51.83 -24.39
CA SER C 135 -21.89 52.02 -25.18
C SER C 135 -22.50 50.74 -25.77
N PHE C 136 -21.82 50.12 -26.72
CA PHE C 136 -22.32 48.90 -27.35
C PHE C 136 -22.90 47.93 -26.32
N VAL C 137 -22.30 47.90 -25.13
CA VAL C 137 -22.77 47.02 -24.06
C VAL C 137 -24.09 47.58 -23.52
N ARG C 138 -24.05 48.83 -23.08
CA ARG C 138 -25.22 49.51 -22.53
C ARG C 138 -26.39 49.56 -23.51
N GLN C 139 -26.24 50.29 -24.60
CA GLN C 139 -27.31 50.36 -25.59
C GLN C 139 -27.51 48.96 -26.18
N GLN C 140 -26.62 48.05 -25.79
CA GLN C 140 -26.64 46.65 -26.24
C GLN C 140 -26.64 46.51 -27.76
N ASP C 147 -14.99 49.34 -36.85
CA ASP C 147 -13.89 49.11 -37.77
C ASP C 147 -12.94 50.32 -37.83
N ASN C 148 -11.84 50.15 -38.57
CA ASN C 148 -10.79 51.16 -38.75
C ASN C 148 -9.67 50.94 -37.72
N LEU C 149 -9.79 49.85 -36.96
CA LEU C 149 -8.80 49.50 -35.93
C LEU C 149 -7.80 48.49 -36.47
N THR C 150 -6.65 48.43 -35.81
CA THR C 150 -5.59 47.48 -36.19
C THR C 150 -5.73 46.21 -35.37
N LEU C 151 -5.45 45.06 -35.99
CA LEU C 151 -5.57 43.78 -35.28
C LEU C 151 -4.91 43.83 -33.91
N MSE C 152 -3.85 44.61 -33.80
CA MSE C 152 -3.15 44.72 -32.53
C MSE C 152 -3.98 45.42 -31.47
O MSE C 152 -3.67 45.35 -30.28
CB MSE C 152 -1.83 45.46 -32.73
CG MSE C 152 -0.89 45.39 -31.54
SE MSE C 152 -0.50 43.56 -31.06
CE MSE C 152 0.33 43.91 -29.35
N GLU C 153 -5.03 46.10 -31.89
CA GLU C 153 -5.89 46.81 -30.96
C GLU C 153 -7.12 45.99 -30.57
N ILE C 154 -7.69 45.30 -31.55
CA ILE C 154 -8.87 44.49 -31.33
C ILE C 154 -8.58 43.14 -30.68
N ASN C 155 -7.33 42.91 -30.29
CA ASN C 155 -6.98 41.65 -29.64
C ASN C 155 -6.44 41.91 -28.25
N THR C 156 -5.78 43.04 -28.07
CA THR C 156 -5.24 43.39 -26.76
C THR C 156 -6.41 43.76 -25.87
N SER C 157 -7.59 43.88 -26.48
CA SER C 157 -8.80 44.23 -25.76
C SER C 157 -9.91 43.27 -26.19
N GLY C 158 -9.72 42.68 -27.37
CA GLY C 158 -10.68 41.74 -27.90
C GLY C 158 -11.24 40.79 -26.87
N THR C 159 -10.48 39.77 -26.51
CA THR C 159 -10.90 38.77 -25.53
C THR C 159 -11.80 39.28 -24.40
N PHE C 160 -11.44 40.40 -23.77
CA PHE C 160 -12.24 40.97 -22.69
C PHE C 160 -13.61 41.35 -23.23
N LEU C 161 -13.64 42.30 -24.16
CA LEU C 161 -14.90 42.73 -24.75
C LEU C 161 -15.67 41.51 -25.23
N THR C 162 -14.95 40.51 -25.72
CA THR C 162 -15.57 39.28 -26.20
C THR C 162 -16.39 38.64 -25.09
N GLN C 163 -15.77 38.47 -23.92
CA GLN C 163 -16.44 37.86 -22.79
C GLN C 163 -17.65 38.67 -22.39
N ALA C 164 -17.42 39.94 -22.07
CA ALA C 164 -18.52 40.82 -21.66
C ALA C 164 -19.76 40.59 -22.52
N LEU C 165 -19.57 40.57 -23.84
CA LEU C 165 -20.68 40.37 -24.75
C LEU C 165 -21.28 38.97 -24.62
N ASN C 166 -20.45 37.99 -24.25
CA ASN C 166 -20.91 36.62 -24.08
C ASN C 166 -21.71 36.49 -22.79
N HIS C 167 -21.63 37.51 -21.95
CA HIS C 167 -22.35 37.52 -20.68
C HIS C 167 -23.61 38.35 -20.85
N MSE C 168 -23.61 39.22 -21.84
CA MSE C 168 -24.76 40.06 -22.14
C MSE C 168 -25.87 39.15 -22.61
O MSE C 168 -26.79 38.83 -21.87
CB MSE C 168 -24.44 41.04 -23.26
CG MSE C 168 -24.63 42.49 -22.88
SE MSE C 168 -23.41 42.88 -21.46
CE MSE C 168 -21.83 43.24 -22.52
N TYR C 169 -25.75 38.76 -23.86
CA TYR C 169 -26.71 37.88 -24.53
C TYR C 169 -27.07 36.66 -23.69
N LYS C 170 -26.23 36.35 -22.70
CA LYS C 170 -26.48 35.20 -21.83
C LYS C 170 -27.37 35.63 -20.66
N LEU C 171 -27.18 36.85 -20.19
CA LEU C 171 -27.97 37.39 -19.08
C LEU C 171 -29.19 38.13 -19.62
N ARG C 172 -29.04 38.65 -20.84
CA ARG C 172 -30.12 39.40 -21.49
C ARG C 172 -31.19 38.40 -21.94
N THR C 173 -30.94 37.12 -21.65
CA THR C 173 -31.87 36.05 -22.00
C THR C 173 -32.07 35.18 -20.75
N ASN C 174 -30.95 34.87 -20.08
CA ASN C 174 -30.92 34.06 -18.85
C ASN C 174 -31.75 32.77 -18.85
N GLU D 3 -3.13 28.67 -21.58
CA GLU D 3 -2.03 27.86 -22.20
C GLU D 3 -2.57 26.65 -22.93
N ALA D 4 -2.09 25.47 -22.53
CA ALA D 4 -2.50 24.20 -23.10
C ALA D 4 -3.56 23.63 -22.17
N TYR D 5 -3.75 24.31 -21.03
CA TYR D 5 -4.75 23.88 -20.05
C TYR D 5 -6.04 24.67 -20.21
N PHE D 6 -6.98 24.13 -20.97
CA PHE D 6 -8.27 24.79 -21.16
C PHE D 6 -9.34 24.10 -20.33
N ARG D 7 -9.65 24.71 -19.19
CA ARG D 7 -10.65 24.20 -18.25
C ARG D 7 -12.06 24.24 -18.82
N VAL D 8 -13.04 23.77 -18.04
CA VAL D 8 -14.43 23.80 -18.49
C VAL D 8 -15.05 25.10 -17.98
N GLU D 9 -15.31 25.99 -18.91
CA GLU D 9 -15.89 27.29 -18.57
C GLU D 9 -17.26 27.17 -17.96
N SER D 10 -17.67 28.21 -17.25
CA SER D 10 -18.96 28.31 -16.57
C SER D 10 -20.14 28.30 -17.56
N GLY D 11 -21.35 28.20 -17.01
CA GLY D 11 -22.56 28.19 -17.83
C GLY D 11 -23.76 28.65 -17.04
N ALA D 12 -23.53 28.82 -15.73
CA ALA D 12 -24.56 29.23 -14.79
C ALA D 12 -25.39 30.45 -15.21
N LEU D 13 -24.89 31.22 -16.18
CA LEU D 13 -25.60 32.41 -16.63
C LEU D 13 -26.58 32.11 -17.76
N GLY D 14 -26.37 30.98 -18.43
CA GLY D 14 -27.26 30.60 -19.50
C GLY D 14 -28.41 29.84 -18.89
N PRO D 15 -28.91 28.79 -19.54
CA PRO D 15 -30.02 28.05 -18.93
C PRO D 15 -29.50 27.26 -17.72
N GLU D 16 -29.05 26.03 -17.96
CA GLU D 16 -28.50 25.19 -16.90
C GLU D 16 -27.02 25.46 -16.64
N GLU D 17 -26.42 24.68 -15.75
CA GLU D 17 -25.01 24.80 -15.40
C GLU D 17 -24.27 23.89 -16.35
N ASN D 18 -22.97 23.71 -16.11
CA ASN D 18 -22.18 22.82 -16.93
C ASN D 18 -21.73 21.72 -16.00
N PHE D 19 -22.20 20.52 -16.28
CA PHE D 19 -21.85 19.36 -15.48
C PHE D 19 -20.41 19.31 -14.98
N LEU D 20 -19.45 19.54 -15.88
CA LEU D 20 -18.03 19.47 -15.56
C LEU D 20 -17.34 20.77 -15.10
N SER D 21 -18.09 21.86 -15.04
CA SER D 21 -17.57 23.15 -14.62
C SER D 21 -17.28 23.23 -13.13
N LEU D 22 -16.01 23.36 -12.75
CA LEU D 22 -15.67 23.47 -11.33
C LEU D 22 -16.36 24.72 -10.77
N ASP D 23 -16.33 25.78 -11.56
CA ASP D 23 -16.95 27.03 -11.13
C ASP D 23 -18.42 26.84 -10.82
N ASP D 24 -19.13 26.15 -11.70
CA ASP D 24 -20.55 25.91 -11.52
C ASP D 24 -20.91 25.04 -10.30
N ILE D 25 -20.12 24.01 -10.02
CA ILE D 25 -20.43 23.16 -8.87
C ILE D 25 -20.21 24.00 -7.63
N LEU D 26 -19.18 24.82 -7.67
CA LEU D 26 -18.81 25.70 -6.56
C LEU D 26 -19.90 26.73 -6.29
N MSE D 27 -20.49 27.25 -7.36
CA MSE D 27 -21.55 28.24 -7.28
C MSE D 27 -22.79 27.63 -6.64
O MSE D 27 -23.31 28.12 -5.64
CB MSE D 27 -21.87 28.74 -8.68
CG MSE D 27 -23.07 29.66 -8.81
SE MSE D 27 -24.78 28.77 -8.76
CE MSE D 27 -24.84 28.00 -10.53
N SER D 28 -23.24 26.53 -7.24
CA SER D 28 -24.43 25.81 -6.80
C SER D 28 -24.33 25.20 -5.41
N HIS D 29 -23.24 25.44 -4.70
CA HIS D 29 -23.10 24.87 -3.36
C HIS D 29 -23.49 25.82 -2.23
N GLU D 30 -24.04 26.98 -2.60
CA GLU D 30 -24.44 27.98 -1.62
C GLU D 30 -25.84 27.68 -1.07
N LYS D 31 -25.97 27.60 0.25
CA LYS D 31 -27.24 27.31 0.90
C LYS D 31 -28.33 28.22 0.38
N LEU D 32 -29.57 27.90 0.71
CA LEU D 32 -30.72 28.68 0.26
C LEU D 32 -31.87 28.59 1.26
N PRO D 33 -32.65 29.67 1.42
CA PRO D 33 -33.79 29.72 2.34
C PRO D 33 -34.89 28.79 1.83
N VAL D 34 -35.05 27.64 2.49
CA VAL D 34 -36.04 26.67 2.07
C VAL D 34 -36.93 26.16 3.21
N ARG D 35 -38.22 25.97 2.91
CA ARG D 35 -39.21 25.48 3.88
C ARG D 35 -39.65 24.05 3.54
N THR D 36 -39.94 23.26 4.58
CA THR D 36 -40.38 21.87 4.40
C THR D 36 -41.88 21.77 4.16
N GLU D 37 -42.29 20.71 3.47
CA GLU D 37 -43.70 20.46 3.17
C GLU D 37 -44.14 19.11 3.74
N THR D 38 -43.51 18.03 3.29
CA THR D 38 -43.85 16.71 3.83
C THR D 38 -42.69 16.35 4.74
N ALA D 39 -42.98 15.60 5.80
CA ALA D 39 -41.93 15.20 6.73
C ALA D 39 -40.93 14.32 5.99
N MSE D 40 -39.70 14.29 6.49
CA MSE D 40 -38.66 13.45 5.88
C MSE D 40 -37.99 12.62 6.95
O MSE D 40 -37.11 13.10 7.68
CB MSE D 40 -37.61 14.32 5.18
CG MSE D 40 -38.17 15.28 4.14
SE MSE D 40 -36.79 16.25 3.21
CE MSE D 40 -35.90 17.07 4.72
N PRO D 41 -38.39 11.34 7.09
CA PRO D 41 -37.79 10.47 8.10
C PRO D 41 -36.29 10.27 7.92
N ARG D 42 -35.67 9.65 8.93
CA ARG D 42 -34.23 9.36 8.94
C ARG D 42 -33.37 10.62 8.92
N LEU D 43 -33.74 11.59 8.09
CA LEU D 43 -33.02 12.85 7.94
C LEU D 43 -33.14 13.81 9.11
N GLY D 44 -32.61 13.40 10.27
CA GLY D 44 -32.68 14.26 11.44
C GLY D 44 -31.35 14.35 12.14
N ALA D 45 -30.42 13.49 11.77
CA ALA D 45 -29.09 13.46 12.37
C ALA D 45 -28.18 14.52 11.77
N PHE D 46 -28.35 14.78 10.48
CA PHE D 46 -27.53 15.76 9.79
C PHE D 46 -27.97 17.17 10.20
N PHE D 47 -29.28 17.35 10.27
CA PHE D 47 -29.86 18.63 10.67
C PHE D 47 -30.10 18.63 12.18
N LEU D 48 -29.01 18.69 12.95
CA LEU D 48 -29.09 18.68 14.41
C LEU D 48 -29.94 19.81 14.98
N GLU D 49 -31.15 19.46 15.42
CA GLU D 49 -32.09 20.44 15.99
C GLU D 49 -32.52 20.03 17.40
N ASN D 58 -34.33 11.60 14.00
CA ASN D 58 -34.98 10.50 13.30
C ASN D 58 -35.84 10.98 12.13
N ALA D 59 -36.00 12.29 12.00
CA ALA D 59 -36.80 12.89 10.93
C ALA D 59 -36.83 14.41 11.02
N VAL D 60 -37.55 15.04 10.09
CA VAL D 60 -37.66 16.49 10.08
C VAL D 60 -39.09 16.91 9.79
N PRO D 61 -39.76 17.50 10.79
CA PRO D 61 -41.14 17.97 10.69
C PRO D 61 -41.45 18.76 9.42
N GLN D 62 -42.74 18.91 9.15
CA GLN D 62 -43.18 19.63 7.96
C GLN D 62 -43.30 21.12 8.29
N GLY D 63 -42.59 21.96 7.52
CA GLY D 63 -42.64 23.39 7.74
C GLY D 63 -41.33 23.99 8.21
N SER D 64 -40.41 23.12 8.64
CA SER D 64 -39.10 23.55 9.12
C SER D 64 -38.40 24.50 8.14
N LYS D 65 -37.82 25.58 8.67
CA LYS D 65 -37.10 26.56 7.85
C LYS D 65 -35.68 26.04 7.69
N LEU D 66 -35.26 25.80 6.45
CA LEU D 66 -33.93 25.28 6.19
C LEU D 66 -33.03 26.06 5.24
N GLU D 67 -31.73 25.75 5.32
CA GLU D 67 -30.69 26.37 4.49
C GLU D 67 -30.06 25.24 3.69
N LEU D 68 -30.49 25.07 2.44
CA LEU D 68 -29.96 24.00 1.61
C LEU D 68 -29.22 24.42 0.34
N PRO D 69 -28.17 23.67 -0.01
CA PRO D 69 -27.37 23.95 -1.20
C PRO D 69 -28.32 24.17 -2.37
N LEU D 70 -27.99 25.12 -3.25
CA LEU D 70 -28.85 25.40 -4.39
C LEU D 70 -29.04 24.14 -5.22
N TRP D 71 -28.07 23.23 -5.20
CA TRP D 71 -28.20 22.00 -5.97
C TRP D 71 -29.24 21.07 -5.34
N LEU D 72 -29.23 20.98 -4.02
CA LEU D 72 -30.17 20.14 -3.31
C LEU D 72 -31.58 20.71 -3.42
N ALA D 73 -31.73 21.98 -3.07
CA ALA D 73 -33.03 22.63 -3.13
C ALA D 73 -33.62 22.48 -4.52
N LYS D 74 -32.78 22.53 -5.54
CA LYS D 74 -33.25 22.38 -6.91
C LYS D 74 -33.50 20.91 -7.24
N GLY D 75 -32.82 20.02 -6.54
CA GLY D 75 -33.02 18.60 -6.79
C GLY D 75 -34.31 18.09 -6.17
N LEU D 76 -34.87 18.85 -5.23
CA LEU D 76 -36.11 18.47 -4.56
C LEU D 76 -37.31 19.27 -5.03
N PHE D 77 -37.08 20.50 -5.45
CA PHE D 77 -38.16 21.35 -5.90
C PHE D 77 -38.83 20.89 -7.18
N ASP D 78 -40.14 21.16 -7.26
CA ASP D 78 -40.98 20.81 -8.41
C ASP D 78 -42.13 21.81 -8.49
N ASN D 79 -42.99 21.68 -9.50
CA ASN D 79 -44.12 22.59 -9.69
C ASN D 79 -45.29 22.41 -8.71
N LYS D 80 -45.15 21.49 -7.76
CA LYS D 80 -46.21 21.24 -6.79
C LYS D 80 -45.82 21.70 -5.39
N ARG D 81 -44.53 21.96 -5.17
CA ARG D 81 -44.03 22.39 -3.87
C ARG D 81 -44.41 21.33 -2.85
N ARG D 82 -44.61 20.11 -3.34
CA ARG D 82 -44.98 18.97 -2.51
C ARG D 82 -43.82 18.42 -1.71
N ILE D 83 -42.69 19.12 -1.72
CA ILE D 83 -41.51 18.67 -0.99
C ILE D 83 -40.67 19.83 -0.46
N LEU D 84 -40.73 20.97 -1.13
CA LEU D 84 -39.94 22.12 -0.73
C LEU D 84 -40.58 23.46 -1.04
N SER D 85 -40.33 24.44 -0.18
CA SER D 85 -40.82 25.81 -0.33
C SER D 85 -39.58 26.67 -0.31
N VAL D 86 -39.45 27.57 -1.29
CA VAL D 86 -38.27 28.42 -1.34
C VAL D 86 -38.62 29.90 -1.38
N GLU D 87 -37.73 30.74 -0.86
CA GLU D 87 -37.93 32.18 -0.86
C GLU D 87 -36.73 32.89 -1.46
N LEU D 88 -36.98 33.89 -2.29
CA LEU D 88 -35.92 34.65 -2.93
C LEU D 88 -35.07 35.32 -1.86
N PRO D 89 -33.77 35.00 -1.81
CA PRO D 89 -32.87 35.60 -0.82
C PRO D 89 -33.03 37.11 -0.77
N LYS D 90 -32.83 37.68 0.42
CA LYS D 90 -32.98 39.11 0.65
C LYS D 90 -32.39 40.07 -0.39
N ILE D 91 -31.28 39.68 -1.03
CA ILE D 91 -30.65 40.57 -2.01
C ILE D 91 -31.27 40.56 -3.40
N TYR D 92 -31.84 39.42 -3.80
CA TYR D 92 -32.46 39.33 -5.11
C TYR D 92 -33.89 39.87 -5.01
N GLN D 93 -34.29 40.20 -3.79
CA GLN D 93 -35.63 40.74 -3.53
C GLN D 93 -35.70 42.17 -4.05
N GLU D 94 -36.90 42.59 -4.42
CA GLU D 94 -37.14 43.93 -4.92
C GLU D 94 -36.64 44.98 -3.92
N GLY D 95 -36.28 44.51 -2.72
CA GLY D 95 -35.78 45.41 -1.70
C GLY D 95 -34.52 46.09 -2.19
N TRP D 96 -33.51 45.27 -2.49
CA TRP D 96 -32.24 45.78 -2.99
C TRP D 96 -32.34 46.06 -4.48
N ARG D 97 -33.19 45.30 -5.17
CA ARG D 97 -33.39 45.45 -6.60
C ARG D 97 -33.68 46.90 -6.99
N THR D 98 -33.87 47.74 -5.98
CA THR D 98 -34.14 49.16 -6.18
C THR D 98 -32.84 49.92 -5.88
N VAL D 99 -32.18 49.56 -4.78
CA VAL D 99 -30.94 50.21 -4.39
C VAL D 99 -29.87 50.01 -5.47
N PHE D 100 -29.97 48.91 -6.20
CA PHE D 100 -29.02 48.64 -7.28
C PHE D 100 -29.36 49.58 -8.42
N SER D 101 -30.67 49.77 -8.65
CA SER D 101 -31.14 50.65 -9.70
C SER D 101 -30.54 52.04 -9.48
N ALA D 102 -30.45 52.45 -8.22
CA ALA D 102 -29.87 53.73 -7.85
C ALA D 102 -28.45 53.74 -8.41
N ASP D 103 -27.54 53.06 -7.72
CA ASP D 103 -26.16 52.96 -8.16
C ASP D 103 -25.54 51.61 -7.85
N PRO D 104 -25.30 50.80 -8.89
CA PRO D 104 -24.72 49.47 -8.71
C PRO D 104 -23.22 49.54 -8.40
N ASN D 105 -22.54 50.49 -9.03
CA ASN D 105 -21.11 50.64 -8.84
C ASN D 105 -20.67 51.03 -7.42
N VAL D 106 -21.54 50.79 -6.45
CA VAL D 106 -21.20 51.09 -5.05
C VAL D 106 -21.44 49.84 -4.21
N VAL D 107 -22.32 48.97 -4.70
CA VAL D 107 -22.66 47.72 -4.02
C VAL D 107 -21.43 46.83 -3.81
N ASP D 108 -21.49 46.01 -2.77
CA ASP D 108 -20.39 45.11 -2.46
C ASP D 108 -20.78 43.70 -2.88
N LEU D 109 -20.94 43.50 -4.18
CA LEU D 109 -21.35 42.21 -4.75
C LEU D 109 -20.55 40.99 -4.31
N HIS D 110 -19.53 41.18 -3.47
CA HIS D 110 -18.76 40.04 -3.00
C HIS D 110 -19.26 39.62 -1.63
N LYS D 111 -19.48 40.61 -0.76
CA LYS D 111 -19.99 40.32 0.58
C LYS D 111 -21.31 39.58 0.36
N MSE D 112 -22.17 40.18 -0.46
CA MSE D 112 -23.44 39.56 -0.81
C MSE D 112 -23.03 38.30 -1.54
O MSE D 112 -21.83 38.05 -1.72
CB MSE D 112 -24.24 40.49 -1.72
CG MSE D 112 -24.36 41.90 -1.17
SE MSE D 112 -25.16 42.00 0.60
CE MSE D 112 -26.89 42.67 0.07
N GLY D 113 -23.98 37.49 -1.97
CA GLY D 113 -23.63 36.26 -2.67
C GLY D 113 -22.37 36.44 -3.49
N PRO D 114 -21.27 35.72 -3.19
CA PRO D 114 -20.04 35.88 -3.98
C PRO D 114 -20.25 35.62 -5.47
N HIS D 115 -21.18 34.70 -5.78
CA HIS D 115 -21.53 34.36 -7.16
C HIS D 115 -22.84 35.08 -7.49
N PHE D 116 -22.89 36.38 -7.24
CA PHE D 116 -24.10 37.17 -7.48
C PHE D 116 -24.87 36.86 -8.75
N TYR D 117 -24.21 36.97 -9.89
CA TYR D 117 -24.86 36.73 -11.17
C TYR D 117 -25.24 35.27 -11.42
N GLY D 118 -24.29 34.37 -11.24
CA GLY D 118 -24.55 32.95 -11.47
C GLY D 118 -25.68 32.38 -10.63
N PHE D 119 -25.66 32.64 -9.33
CA PHE D 119 -26.71 32.15 -8.43
C PHE D 119 -28.03 32.77 -8.86
N GLY D 120 -28.01 34.08 -9.08
CA GLY D 120 -29.22 34.78 -9.48
C GLY D 120 -29.88 34.14 -10.68
N SER D 121 -29.09 33.73 -11.67
CA SER D 121 -29.64 33.09 -12.86
C SER D 121 -30.27 31.73 -12.59
N GLN D 122 -29.53 30.85 -11.93
CA GLN D 122 -30.02 29.52 -11.61
C GLN D 122 -31.23 29.61 -10.69
N LEU D 123 -31.33 30.72 -9.98
CA LEU D 123 -32.42 30.96 -9.04
C LEU D 123 -33.75 31.14 -9.76
N LEU D 124 -33.72 31.22 -11.07
CA LEU D 124 -34.92 31.39 -11.87
C LEU D 124 -35.74 30.10 -11.96
N HIS D 125 -35.06 28.96 -11.99
CA HIS D 125 -35.70 27.65 -12.07
C HIS D 125 -36.87 27.52 -11.11
N PHE D 126 -36.70 28.04 -9.89
CA PHE D 126 -37.75 27.96 -8.87
C PHE D 126 -39.01 28.73 -9.25
N ASP D 127 -39.24 28.80 -10.56
CA ASP D 127 -40.41 29.45 -11.15
C ASP D 127 -40.99 30.63 -10.38
N SER D 128 -40.15 31.42 -9.72
CA SER D 128 -40.67 32.55 -8.97
C SER D 128 -41.54 33.40 -9.90
N PRO D 129 -42.59 34.02 -9.38
CA PRO D 129 -43.43 34.85 -10.24
C PRO D 129 -42.63 36.03 -10.74
N GLU D 130 -41.94 36.69 -9.79
CA GLU D 130 -41.13 37.87 -10.08
C GLU D 130 -39.78 37.59 -10.76
N ASN D 131 -39.69 36.48 -11.48
CA ASN D 131 -38.47 36.12 -12.19
C ASN D 131 -38.02 37.27 -13.08
N ALA D 132 -38.94 37.74 -13.93
CA ALA D 132 -38.67 38.82 -14.86
C ALA D 132 -37.91 39.97 -14.20
N ASP D 133 -38.55 40.64 -13.25
CA ASP D 133 -37.96 41.78 -12.56
C ASP D 133 -36.53 41.54 -12.09
N ILE D 134 -36.23 40.30 -11.69
CA ILE D 134 -34.89 39.95 -11.23
C ILE D 134 -33.93 40.13 -12.41
N SER D 135 -34.14 39.32 -13.44
CA SER D 135 -33.33 39.36 -14.65
C SER D 135 -33.15 40.76 -15.18
N GLN D 136 -34.25 41.53 -15.22
CA GLN D 136 -34.21 42.90 -15.71
C GLN D 136 -33.45 43.78 -14.69
N SER D 137 -32.66 43.13 -13.84
CA SER D 137 -31.86 43.83 -12.84
C SER D 137 -30.49 43.19 -12.84
N LEU D 138 -30.42 41.91 -13.23
CA LEU D 138 -29.16 41.20 -13.30
C LEU D 138 -28.33 41.80 -14.42
N LEU D 139 -28.98 42.59 -15.27
CA LEU D 139 -28.32 43.28 -16.39
C LEU D 139 -28.08 44.73 -15.97
N GLN D 140 -29.13 45.37 -15.49
CA GLN D 140 -29.05 46.76 -15.03
C GLN D 140 -27.89 46.93 -14.05
N THR D 141 -27.55 45.86 -13.34
CA THR D 141 -26.47 45.93 -12.35
C THR D 141 -25.11 45.51 -12.92
N PHE D 142 -25.13 44.83 -14.06
CA PHE D 142 -23.88 44.41 -14.70
C PHE D 142 -23.56 45.48 -15.75
N ILE D 143 -24.46 45.66 -16.71
CA ILE D 143 -24.26 46.66 -17.75
C ILE D 143 -24.01 47.99 -17.06
N GLY D 144 -24.35 48.06 -15.78
CA GLY D 144 -24.16 49.28 -15.03
C GLY D 144 -22.78 49.38 -14.41
N ARG D 145 -22.15 48.24 -14.18
CA ARG D 145 -20.81 48.24 -13.59
C ARG D 145 -19.72 47.90 -14.61
N PHE D 146 -20.14 47.54 -15.82
CA PHE D 146 -19.23 47.20 -16.90
C PHE D 146 -18.04 48.15 -17.00
N ARG D 147 -18.27 49.44 -16.75
CA ARG D 147 -17.21 50.43 -16.83
C ARG D 147 -16.15 50.27 -15.76
N ARG D 148 -16.46 50.67 -14.53
CA ARG D 148 -15.52 50.57 -13.42
C ARG D 148 -14.75 49.25 -13.37
N ILE D 149 -15.26 48.22 -14.04
CA ILE D 149 -14.58 46.93 -14.07
C ILE D 149 -13.52 46.92 -15.17
N MSE D 150 -13.90 47.34 -16.37
CA MSE D 150 -12.98 47.40 -17.49
C MSE D 150 -11.87 48.40 -17.22
O MSE D 150 -10.70 48.08 -17.37
CB MSE D 150 -13.73 47.81 -18.75
CG MSE D 150 -12.86 47.97 -19.97
SE MSE D 150 -13.90 48.52 -21.51
CE MSE D 150 -14.22 50.34 -20.94
N ASP D 151 -12.24 49.61 -16.81
CA ASP D 151 -11.26 50.65 -16.52
C ASP D 151 -10.23 50.20 -15.49
N SER D 152 -10.62 49.26 -14.64
CA SER D 152 -9.71 48.75 -13.62
C SER D 152 -8.77 47.72 -14.21
N SER D 153 -9.29 46.89 -15.10
CA SER D 153 -8.49 45.84 -15.73
C SER D 153 -7.49 46.41 -16.74
N GLN D 154 -7.98 47.30 -17.61
CA GLN D 154 -7.16 47.93 -18.65
C GLN D 154 -6.15 48.93 -18.10
N ASN D 155 -5.75 48.78 -16.85
CA ASN D 155 -4.79 49.70 -16.26
C ASN D 155 -3.94 49.01 -15.19
N ALA D 156 -2.75 49.56 -14.96
CA ALA D 156 -1.83 49.01 -13.97
C ALA D 156 -2.46 49.02 -12.58
N TYR D 157 -2.03 48.09 -11.74
CA TYR D 157 -2.55 47.98 -10.38
C TYR D 157 -2.25 49.19 -9.51
N ASN D 158 -3.15 49.39 -8.54
CA ASN D 158 -3.06 50.46 -7.55
C ASN D 158 -4.06 50.04 -6.49
N GLU D 159 -3.98 50.63 -5.31
CA GLU D 159 -4.91 50.25 -4.24
C GLU D 159 -6.34 50.73 -4.49
N ASP D 160 -6.63 51.13 -5.73
CA ASP D 160 -7.97 51.57 -6.12
C ASP D 160 -8.62 50.35 -6.74
N THR D 161 -7.79 49.45 -7.27
CA THR D 161 -8.26 48.22 -7.88
C THR D 161 -8.26 47.17 -6.78
N SER D 162 -7.30 47.28 -5.86
CA SER D 162 -7.18 46.35 -4.76
C SER D 162 -8.34 46.56 -3.79
N ALA D 163 -9.05 47.66 -3.95
CA ALA D 163 -10.20 47.99 -3.10
C ALA D 163 -11.48 47.79 -3.91
N LEU D 164 -11.36 47.96 -5.22
CA LEU D 164 -12.49 47.79 -6.12
C LEU D 164 -12.74 46.29 -6.24
N VAL D 165 -11.67 45.55 -6.53
CA VAL D 165 -11.74 44.10 -6.68
C VAL D 165 -12.39 43.43 -5.47
N ALA D 166 -12.12 43.94 -4.29
CA ALA D 166 -12.68 43.36 -3.08
C ALA D 166 -14.20 43.53 -3.03
N ARG D 167 -14.78 43.97 -4.15
CA ARG D 167 -16.22 44.17 -4.22
C ARG D 167 -16.88 43.57 -5.45
N LEU D 168 -16.09 43.05 -6.38
CA LEU D 168 -16.67 42.44 -7.58
C LEU D 168 -17.07 41.02 -7.18
N ASP D 169 -18.03 40.45 -7.90
CA ASP D 169 -18.45 39.09 -7.58
C ASP D 169 -17.54 38.16 -8.36
N GLU D 170 -17.80 36.86 -8.25
CA GLU D 170 -16.99 35.86 -8.93
C GLU D 170 -16.92 35.89 -10.44
N MSE D 171 -17.94 36.43 -11.11
CA MSE D 171 -17.91 36.47 -12.57
C MSE D 171 -17.25 37.76 -13.02
O MSE D 171 -16.81 37.88 -14.16
CB MSE D 171 -19.32 36.36 -13.17
CG MSE D 171 -20.08 37.68 -13.27
SE MSE D 171 -20.62 38.09 -15.10
CE MSE D 171 -19.12 39.19 -15.61
N GLU D 172 -17.20 38.73 -12.12
CA GLU D 172 -16.58 40.02 -12.41
C GLU D 172 -15.09 39.89 -12.16
N ARG D 173 -14.73 39.27 -11.04
CA ARG D 173 -13.33 39.05 -10.70
C ARG D 173 -12.71 38.32 -11.89
N GLY D 174 -13.56 37.61 -12.63
CA GLY D 174 -13.12 36.88 -13.81
C GLY D 174 -12.88 37.84 -14.96
N LEU D 175 -13.83 38.73 -15.22
CA LEU D 175 -13.69 39.71 -16.29
C LEU D 175 -12.41 40.46 -15.97
N PHE D 176 -12.29 40.84 -14.70
CA PHE D 176 -11.13 41.57 -14.21
C PHE D 176 -9.84 40.92 -14.66
N GLN D 177 -9.68 39.63 -14.36
CA GLN D 177 -8.48 38.90 -14.76
C GLN D 177 -8.23 38.99 -16.27
N THR D 178 -9.22 38.58 -17.06
CA THR D 178 -9.10 38.62 -18.51
C THR D 178 -8.60 39.95 -19.04
N GLY D 179 -9.19 41.04 -18.59
CA GLY D 179 -8.75 42.35 -19.05
C GLY D 179 -7.37 42.64 -18.52
N GLN D 180 -7.04 42.02 -17.39
CA GLN D 180 -5.75 42.18 -16.73
C GLN D 180 -4.71 41.32 -17.43
N LYS D 181 -5.18 40.42 -18.28
CA LYS D 181 -4.32 39.49 -19.03
C LYS D 181 -3.81 40.12 -20.31
N GLY D 182 -4.71 40.72 -21.08
CA GLY D 182 -4.31 41.36 -22.32
C GLY D 182 -3.46 42.58 -22.04
N LEU D 183 -3.77 43.27 -20.95
CA LEU D 183 -3.01 44.45 -20.56
C LEU D 183 -1.63 44.00 -20.11
N ASN D 184 -1.48 42.71 -19.82
CA ASN D 184 -0.19 42.19 -19.40
C ASN D 184 0.45 41.33 -20.47
N ASP D 185 -0.24 41.17 -21.60
CA ASP D 185 0.29 40.40 -22.70
C ASP D 185 0.95 41.41 -23.65
N PHE D 186 0.29 42.56 -23.76
CA PHE D 186 0.76 43.64 -24.61
C PHE D 186 1.92 44.37 -23.96
N GLN D 187 1.94 44.39 -22.63
CA GLN D 187 3.01 45.07 -21.93
C GLN D 187 4.24 44.18 -21.88
N CYS D 188 4.01 42.89 -22.11
CA CYS D 188 5.09 41.90 -22.12
C CYS D 188 5.57 41.78 -23.56
N TRP D 189 5.07 42.69 -24.39
CA TRP D 189 5.42 42.71 -25.80
C TRP D 189 6.03 44.08 -26.12
N GLU D 190 5.43 45.12 -25.55
CA GLU D 190 5.89 46.49 -25.76
C GLU D 190 7.31 46.63 -25.21
N LYS D 191 7.73 45.65 -24.41
CA LYS D 191 9.06 45.63 -23.83
C LYS D 191 10.02 44.92 -24.77
N GLY D 192 11.20 44.58 -24.28
CA GLY D 192 12.19 43.90 -25.10
C GLY D 192 11.99 42.40 -25.14
N VAL E 10 42.80 39.13 9.48
CA VAL E 10 41.95 38.56 8.38
C VAL E 10 42.73 37.50 7.61
N LEU E 11 42.02 36.71 6.82
CA LEU E 11 42.61 35.63 6.04
C LEU E 11 42.64 35.89 4.53
N THR E 12 43.09 34.87 3.78
CA THR E 12 43.19 34.92 2.32
C THR E 12 41.88 34.48 1.67
N PRO E 13 41.66 34.84 0.39
CA PRO E 13 40.44 34.49 -0.35
C PRO E 13 40.09 33.00 -0.45
N ALA E 14 41.09 32.14 -0.64
CA ALA E 14 40.84 30.71 -0.74
C ALA E 14 40.25 30.19 0.56
N GLU E 15 40.76 30.69 1.67
CA GLU E 15 40.29 30.27 2.96
C GLU E 15 38.95 30.93 3.28
N LEU E 16 38.68 32.08 2.67
CA LEU E 16 37.42 32.78 2.91
C LEU E 16 36.26 31.99 2.33
N ILE E 17 36.42 31.53 1.10
CA ILE E 17 35.37 30.75 0.46
C ILE E 17 35.17 29.44 1.21
N GLU E 18 36.24 28.90 1.75
CA GLU E 18 36.13 27.64 2.49
C GLU E 18 35.32 27.93 3.76
N ARG E 19 35.70 29.00 4.46
CA ARG E 19 35.03 29.40 5.68
C ARG E 19 33.54 29.68 5.38
N LEU E 20 33.27 30.27 4.22
CA LEU E 20 31.90 30.58 3.81
C LEU E 20 31.06 29.31 3.74
N GLU E 21 31.49 28.39 2.89
CA GLU E 21 30.81 27.13 2.72
C GLU E 21 30.73 26.42 4.07
N GLN E 22 31.74 26.60 4.90
CA GLN E 22 31.75 25.99 6.24
C GLN E 22 30.54 26.49 7.02
N ALA E 23 30.23 27.76 6.83
CA ALA E 23 29.10 28.41 7.50
C ALA E 23 27.83 27.93 6.86
N TRP E 24 27.82 27.93 5.53
CA TRP E 24 26.68 27.49 4.76
C TRP E 24 26.20 26.15 5.27
N MSE E 25 27.14 25.23 5.41
CA MSE E 25 26.83 23.90 5.86
C MSE E 25 26.28 23.86 7.29
O MSE E 25 25.25 23.24 7.55
CB MSE E 25 28.07 23.01 5.73
CG MSE E 25 28.56 22.88 4.30
SE MSE E 25 29.93 21.52 4.03
CE MSE E 25 29.21 20.13 5.21
N ASN E 26 26.98 24.51 8.22
CA ASN E 26 26.56 24.50 9.62
C ASN E 26 25.17 25.07 9.81
N GLU E 27 24.92 26.22 9.21
CA GLU E 27 23.63 26.88 9.33
C GLU E 27 22.54 25.97 8.78
N LYS E 28 22.96 25.07 7.90
CA LYS E 28 22.06 24.15 7.24
C LYS E 28 21.74 22.90 8.07
N PHE E 29 22.56 22.64 9.09
CA PHE E 29 22.37 21.47 9.95
C PHE E 29 21.99 21.80 11.38
N ALA E 30 22.19 23.04 11.80
CA ALA E 30 21.87 23.39 13.17
C ALA E 30 20.39 23.73 13.29
N PRO E 31 19.78 23.33 14.40
CA PRO E 31 18.36 23.59 14.64
C PRO E 31 18.05 25.03 15.03
N GLU E 32 19.09 25.83 15.20
CA GLU E 32 18.87 27.20 15.58
C GLU E 32 19.67 28.13 14.69
N LEU E 33 19.45 29.42 14.90
CA LEU E 33 20.16 30.46 14.18
C LEU E 33 21.54 30.49 14.83
N LEU E 34 22.59 30.42 14.01
CA LEU E 34 23.96 30.44 14.50
C LEU E 34 24.51 31.87 14.60
N GLU E 35 25.74 31.98 15.08
CA GLU E 35 26.39 33.28 15.20
C GLU E 35 26.52 33.98 13.87
N SER E 36 26.37 35.31 13.90
CA SER E 36 26.46 36.09 12.69
C SER E 36 27.90 36.16 12.23
N LYS E 37 28.09 36.19 10.92
CA LYS E 37 29.41 36.26 10.32
C LYS E 37 29.52 37.49 9.40
N PRO E 38 29.51 38.68 9.99
CA PRO E 38 29.60 39.92 9.21
C PRO E 38 30.87 39.94 8.37
N GLU E 39 32.02 39.72 9.02
CA GLU E 39 33.28 39.72 8.31
C GLU E 39 33.15 38.88 7.03
N ILE E 40 33.07 37.56 7.18
CA ILE E 40 32.94 36.66 6.03
C ILE E 40 31.99 37.16 4.93
N VAL E 41 30.77 37.51 5.30
CA VAL E 41 29.77 37.97 4.30
C VAL E 41 30.21 39.18 3.49
N GLU E 42 30.54 40.29 4.14
CA GLU E 42 30.96 41.45 3.36
C GLU E 42 32.28 41.25 2.64
N CYS E 43 33.13 40.35 3.12
CA CYS E 43 34.38 40.07 2.46
C CYS E 43 34.05 39.32 1.18
N VAL E 44 33.23 38.28 1.29
CA VAL E 44 32.84 37.50 0.12
C VAL E 44 32.00 38.37 -0.78
N MSE E 45 31.19 39.22 -0.16
CA MSE E 45 30.32 40.14 -0.86
C MSE E 45 31.17 41.11 -1.68
O MSE E 45 30.83 41.45 -2.81
CB MSE E 45 29.47 40.93 0.15
CG MSE E 45 28.04 40.45 0.24
SE MSE E 45 27.04 40.84 -1.38
CE MSE E 45 27.53 39.32 -2.47
N GLU E 46 32.28 41.52 -1.08
CA GLU E 46 33.22 42.44 -1.70
C GLU E 46 34.06 41.75 -2.77
N GLN E 47 34.65 40.60 -2.44
CA GLN E 47 35.47 39.89 -3.41
C GLN E 47 34.68 39.75 -4.70
N LEU E 48 33.37 39.61 -4.59
CA LEU E 48 32.53 39.48 -5.78
C LEU E 48 32.50 40.77 -6.57
N GLU E 49 32.14 41.88 -5.91
CA GLU E 49 32.06 43.18 -6.58
C GLU E 49 33.36 43.54 -7.30
N HIS E 50 34.49 43.23 -6.68
CA HIS E 50 35.79 43.51 -7.31
C HIS E 50 35.88 42.64 -8.56
N MSE E 51 36.00 41.33 -8.36
CA MSE E 51 36.09 40.36 -9.44
C MSE E 51 35.01 40.59 -10.49
O MSE E 51 35.14 40.20 -11.65
CB MSE E 51 35.96 38.94 -8.87
CG MSE E 51 35.87 37.84 -9.93
SE MSE E 51 37.38 37.83 -11.14
CE MSE E 51 38.71 37.02 -9.98
N GLU E 52 33.92 41.22 -10.06
CA GLU E 52 32.82 41.51 -10.95
C GLU E 52 33.32 42.37 -12.10
N GLU E 53 33.90 43.53 -11.77
CA GLU E 53 34.42 44.43 -12.79
C GLU E 53 35.91 44.22 -13.03
N ASN E 54 36.52 43.30 -12.28
CA ASN E 54 37.94 42.99 -12.44
C ASN E 54 38.04 42.36 -13.83
N LEU E 55 36.88 42.21 -14.47
CA LEU E 55 36.78 41.65 -15.81
C LEU E 55 35.83 42.52 -16.61
N ARG E 56 34.61 42.67 -16.10
CA ARG E 56 33.60 43.49 -16.78
C ARG E 56 33.99 44.96 -16.75
N GLU E 61 33.70 38.35 -25.26
CA GLU E 61 34.01 36.93 -25.33
C GLU E 61 35.43 36.69 -24.81
N ASP E 62 35.67 35.48 -24.30
CA ASP E 62 36.97 35.08 -23.75
C ASP E 62 36.77 33.95 -22.73
N LEU E 63 37.56 32.89 -22.87
CA LEU E 63 37.49 31.73 -22.00
C LEU E 63 37.82 32.05 -20.54
N LYS E 64 39.00 32.60 -20.30
CA LYS E 64 39.41 32.94 -18.94
C LYS E 64 38.32 33.75 -18.26
N VAL E 65 37.60 34.55 -19.04
CA VAL E 65 36.52 35.38 -18.51
C VAL E 65 35.29 34.52 -18.22
N SER E 66 35.13 33.44 -18.98
CA SER E 66 34.00 32.54 -18.80
C SER E 66 34.23 31.64 -17.58
N ILE E 67 35.48 31.21 -17.37
CA ILE E 67 35.77 30.36 -16.23
C ILE E 67 35.50 31.19 -14.97
N HIS E 68 36.03 32.41 -14.95
CA HIS E 68 35.86 33.30 -13.81
C HIS E 68 34.39 33.58 -13.47
N GLN E 69 33.54 33.68 -14.49
CA GLN E 69 32.12 33.95 -14.25
C GLN E 69 31.47 32.78 -13.53
N MSE E 70 31.86 31.58 -13.92
CA MSE E 70 31.32 30.37 -13.31
C MSE E 70 31.73 30.25 -11.85
O MSE E 70 30.89 30.17 -10.96
CB MSE E 70 31.78 29.16 -14.10
CG MSE E 70 31.27 29.14 -15.53
SE MSE E 70 31.76 27.50 -16.43
CE MSE E 70 31.15 26.22 -15.11
N GLU E 71 33.05 30.25 -11.60
CA GLU E 71 33.57 30.15 -10.24
C GLU E 71 33.08 31.33 -9.44
N MSE E 72 32.33 32.21 -10.10
CA MSE E 72 31.81 33.39 -9.42
C MSE E 72 30.38 33.13 -9.02
O MSE E 72 30.00 33.36 -7.87
CB MSE E 72 31.88 34.60 -10.35
CG MSE E 72 31.96 35.92 -9.60
SE MSE E 72 31.94 37.44 -10.80
CE MSE E 72 30.15 38.15 -10.42
N GLU E 73 29.58 32.64 -9.95
CA GLU E 73 28.18 32.34 -9.68
C GLU E 73 28.04 31.27 -8.59
N ARG E 74 28.98 30.35 -8.56
CA ARG E 74 28.95 29.31 -7.56
C ARG E 74 29.12 30.00 -6.19
N ILE E 75 29.96 31.02 -6.14
CA ILE E 75 30.20 31.76 -4.89
C ILE E 75 28.91 32.47 -4.53
N ARG E 76 28.25 33.02 -5.52
CA ARG E 76 27.02 33.75 -5.30
C ARG E 76 25.91 32.82 -4.83
N TYR E 77 25.80 31.66 -5.46
CA TYR E 77 24.80 30.70 -5.06
C TYR E 77 24.91 30.50 -3.57
N VAL E 78 26.05 29.99 -3.13
CA VAL E 78 26.29 29.72 -1.71
C VAL E 78 26.03 30.92 -0.79
N LEU E 79 26.45 32.11 -1.19
CA LEU E 79 26.21 33.24 -0.31
C LEU E 79 24.70 33.47 -0.14
N SER E 80 23.95 33.50 -1.25
CA SER E 80 22.50 33.68 -1.22
C SER E 80 21.82 32.58 -0.39
N SER E 81 22.18 31.33 -0.70
CA SER E 81 21.64 30.18 0.00
C SER E 81 21.79 30.42 1.51
N TYR E 82 23.04 30.42 1.97
CA TYR E 82 23.37 30.64 3.37
C TYR E 82 22.54 31.78 3.97
N LEU E 83 22.34 32.88 3.23
CA LEU E 83 21.56 33.99 3.77
C LEU E 83 20.08 33.63 3.92
N ARG E 84 19.54 32.91 2.93
CA ARG E 84 18.14 32.48 2.95
C ARG E 84 17.90 31.62 4.19
N CYS E 85 18.75 30.61 4.35
CA CYS E 85 18.65 29.70 5.48
C CYS E 85 18.46 30.50 6.77
N ARG E 86 19.23 31.58 6.93
CA ARG E 86 19.12 32.39 8.13
C ARG E 86 17.84 33.25 8.11
N LEU E 87 17.39 33.70 6.94
CA LEU E 87 16.17 34.50 6.91
C LEU E 87 15.03 33.61 7.40
N MSE E 88 15.07 32.36 6.94
CA MSE E 88 14.10 31.35 7.29
C MSE E 88 14.06 31.18 8.81
O MSE E 88 12.99 31.25 9.42
CB MSE E 88 14.49 30.03 6.60
CG MSE E 88 13.51 28.84 6.74
SE MSE E 88 13.79 27.63 8.26
CE MSE E 88 14.95 26.33 7.38
N LYS E 89 15.21 30.97 9.43
CA LYS E 89 15.26 30.78 10.86
C LYS E 89 14.79 32.02 11.63
N ILE E 90 15.17 33.19 11.15
CA ILE E 90 14.78 34.43 11.78
C ILE E 90 13.27 34.53 11.76
N GLU E 91 12.68 34.43 10.57
CA GLU E 91 11.23 34.52 10.44
C GLU E 91 10.53 33.44 11.29
N LYS E 92 11.16 32.28 11.37
CA LYS E 92 10.56 31.18 12.10
C LYS E 92 10.54 31.35 13.61
N PHE E 93 11.62 31.88 14.17
CA PHE E 93 11.73 32.08 15.59
C PHE E 93 11.84 33.55 15.96
N PHE E 94 11.42 34.45 15.09
CA PHE E 94 11.59 35.89 15.35
C PHE E 94 11.44 36.35 16.80
N PRO E 95 10.43 35.89 17.53
CA PRO E 95 10.30 36.33 18.92
C PRO E 95 11.48 36.03 19.82
N HIS E 96 12.06 34.85 19.66
CA HIS E 96 13.17 34.40 20.49
C HIS E 96 14.51 34.91 20.01
N VAL E 97 14.57 35.21 18.73
CA VAL E 97 15.77 35.74 18.15
C VAL E 97 15.99 37.16 18.73
N LEU E 98 14.92 37.94 18.80
CA LEU E 98 15.02 39.29 19.34
C LEU E 98 15.35 39.27 20.85
N GLU E 99 14.63 38.45 21.60
CA GLU E 99 14.86 38.32 23.04
C GLU E 99 16.34 38.09 23.30
N LYS E 100 16.89 37.09 22.62
CA LYS E 100 18.28 36.69 22.75
C LYS E 100 19.23 37.84 22.42
N GLU E 101 18.91 38.67 21.44
CA GLU E 101 19.79 39.77 21.10
C GLU E 101 19.90 40.71 22.29
N LYS E 102 18.81 41.39 22.57
CA LYS E 102 18.74 42.35 23.66
C LYS E 102 19.11 41.77 25.01
N THR E 103 19.13 40.45 25.11
CA THR E 103 19.45 39.88 26.39
C THR E 103 20.89 39.44 26.49
N ARG E 104 21.66 39.65 25.43
CA ARG E 104 23.06 39.26 25.38
C ARG E 104 24.03 40.32 25.87
N PRO E 105 25.11 39.88 26.55
CA PRO E 105 26.17 40.74 27.09
C PRO E 105 27.10 41.14 25.94
N GLU E 106 27.34 42.45 25.74
CA GLU E 106 28.16 42.94 24.62
C GLU E 106 29.37 42.08 24.19
N GLY E 107 29.96 41.34 25.14
CA GLY E 107 31.04 40.43 24.77
C GLY E 107 30.20 39.24 24.27
N GLU E 108 29.45 39.52 23.21
CA GLU E 108 28.51 38.57 22.65
C GLU E 108 28.66 38.28 21.18
N PRO E 109 28.82 37.01 20.80
CA PRO E 109 28.91 36.90 19.35
C PRO E 109 27.41 36.93 19.00
N SER E 110 26.93 38.04 18.48
CA SER E 110 25.53 38.19 18.10
C SER E 110 25.16 37.16 17.03
N SER E 111 23.89 36.77 16.99
CA SER E 111 23.44 35.81 15.97
C SER E 111 22.71 36.60 14.92
N LEU E 112 22.62 37.90 15.14
CA LEU E 112 21.95 38.78 14.21
C LEU E 112 22.87 39.86 13.66
N SER E 113 22.93 40.00 12.34
CA SER E 113 23.73 41.06 11.76
C SER E 113 22.79 42.24 11.97
N PRO E 114 23.32 43.47 12.08
CA PRO E 114 22.40 44.60 12.28
C PRO E 114 21.32 44.78 11.21
N GLU E 115 21.57 44.31 9.99
CA GLU E 115 20.57 44.46 8.94
C GLU E 115 19.46 43.43 9.13
N GLU E 116 19.79 42.33 9.79
CA GLU E 116 18.83 41.27 10.07
C GLU E 116 17.98 41.76 11.21
N LEU E 117 18.61 42.22 12.28
CA LEU E 117 17.89 42.76 13.42
C LEU E 117 16.79 43.72 12.94
N ALA E 118 17.09 44.54 11.93
CA ALA E 118 16.08 45.46 11.41
C ALA E 118 14.94 44.63 10.81
N PHE E 119 15.31 43.63 10.01
CA PHE E 119 14.37 42.74 9.38
C PHE E 119 13.52 42.06 10.45
N ALA E 120 14.19 41.52 11.45
CA ALA E 120 13.52 40.83 12.55
C ALA E 120 12.54 41.75 13.27
N ARG E 121 13.00 42.95 13.60
CA ARG E 121 12.17 43.89 14.30
C ARG E 121 11.00 44.33 13.45
N GLU E 122 11.22 44.44 12.14
CA GLU E 122 10.13 44.86 11.25
C GLU E 122 9.09 43.76 11.18
N PHE E 123 9.58 42.52 11.02
CA PHE E 123 8.75 41.32 10.93
C PHE E 123 7.79 41.23 12.10
N MSE E 124 8.32 41.44 13.30
CA MSE E 124 7.54 41.40 14.52
C MSE E 124 6.46 42.46 14.55
O MSE E 124 5.33 42.21 14.92
CB MSE E 124 8.46 41.61 15.71
CG MSE E 124 7.76 41.98 16.97
SE MSE E 124 7.62 40.51 18.19
CE MSE E 124 5.72 40.57 18.46
N ALA E 125 6.83 43.68 14.19
CA ALA E 125 5.88 44.78 14.19
C ALA E 125 4.81 44.58 13.13
N ASN E 126 5.18 43.97 12.01
CA ASN E 126 4.24 43.72 10.94
C ASN E 126 3.21 42.69 11.36
N THR E 127 3.68 41.53 11.80
CA THR E 127 2.76 40.48 12.20
C THR E 127 1.95 40.89 13.42
N GLU E 128 2.62 41.46 14.41
CA GLU E 128 1.97 41.91 15.63
C GLU E 128 0.82 42.86 15.28
N SER E 129 1.14 43.86 14.48
CA SER E 129 0.19 44.86 14.05
C SER E 129 -1.02 44.18 13.37
N TYR E 130 -0.76 43.22 12.51
CA TYR E 130 -1.81 42.51 11.77
C TYR E 130 -2.79 41.79 12.68
N LEU E 131 -2.25 40.95 13.53
CA LEU E 131 -3.00 40.16 14.49
C LEU E 131 -3.95 41.05 15.29
N LYS E 132 -3.49 42.25 15.64
CA LYS E 132 -4.30 43.17 16.42
C LYS E 132 -5.49 43.70 15.63
N ASN E 133 -5.22 44.25 14.46
CA ASN E 133 -6.25 44.84 13.64
C ASN E 133 -7.26 43.87 13.06
N VAL E 134 -6.83 42.64 12.80
CA VAL E 134 -7.73 41.65 12.20
C VAL E 134 -8.59 40.90 13.21
N ALA E 135 -8.17 40.84 14.47
CA ALA E 135 -8.98 40.10 15.41
C ALA E 135 -8.81 40.36 16.90
N LEU E 136 -7.59 40.41 17.40
CA LEU E 136 -7.40 40.63 18.82
C LEU E 136 -8.06 41.87 19.39
N LYS E 137 -8.16 42.94 18.60
CA LYS E 137 -8.77 44.14 19.13
C LYS E 137 -10.29 43.98 19.22
N HIS E 138 -10.82 43.04 18.43
CA HIS E 138 -12.24 42.77 18.42
C HIS E 138 -12.63 41.70 19.43
N MSE E 139 -11.66 41.27 20.24
CA MSE E 139 -11.91 40.26 21.25
C MSE E 139 -12.21 40.91 22.61
O MSE E 139 -11.79 42.03 22.88
CB MSE E 139 -10.69 39.33 21.39
CG MSE E 139 -10.51 38.34 20.25
SE MSE E 139 -8.95 37.21 20.52
CE MSE E 139 -9.24 36.87 22.38
N PRO E 140 -12.95 40.20 23.48
CA PRO E 140 -13.31 40.70 24.80
C PRO E 140 -12.11 41.22 25.56
N PRO E 141 -12.30 42.22 26.42
CA PRO E 141 -11.19 42.79 27.20
C PRO E 141 -10.47 41.71 28.00
N ASN E 142 -9.15 41.81 28.05
CA ASN E 142 -8.33 40.84 28.80
C ASN E 142 -8.23 39.51 28.05
N LEU E 143 -8.26 39.61 26.73
CA LEU E 143 -8.14 38.48 25.82
C LEU E 143 -7.55 39.05 24.53
N GLN E 144 -7.46 40.37 24.47
CA GLN E 144 -6.96 41.09 23.29
C GLN E 144 -5.47 41.08 23.02
N LYS E 145 -4.66 40.67 23.99
CA LYS E 145 -3.22 40.66 23.79
C LYS E 145 -2.68 39.24 23.68
N VAL E 146 -1.67 39.06 22.85
CA VAL E 146 -1.02 37.76 22.68
C VAL E 146 0.48 37.98 22.71
N ASP E 147 1.14 37.39 23.71
CA ASP E 147 2.57 37.54 23.81
C ASP E 147 3.24 36.53 22.86
N LEU E 148 3.54 36.98 21.64
CA LEU E 148 4.16 36.14 20.64
C LEU E 148 5.37 35.37 21.18
N PHE E 149 6.05 35.95 22.15
CA PHE E 149 7.20 35.28 22.71
C PHE E 149 6.83 33.92 23.29
N ARG E 150 5.57 33.77 23.69
CA ARG E 150 5.11 32.50 24.25
C ARG E 150 4.32 31.70 23.22
N ALA E 151 3.79 32.38 22.21
CA ALA E 151 3.01 31.72 21.19
C ALA E 151 3.84 31.01 20.11
N VAL E 152 4.94 31.65 19.68
CA VAL E 152 5.83 31.08 18.66
C VAL E 152 6.75 30.09 19.34
N PRO E 153 6.94 28.91 18.73
CA PRO E 153 7.82 27.94 19.39
C PRO E 153 9.33 28.23 19.29
N LYS E 154 10.08 27.85 20.33
CA LYS E 154 11.52 28.03 20.35
C LYS E 154 12.18 26.92 19.54
N PRO E 155 13.42 27.13 19.10
CA PRO E 155 14.13 26.11 18.32
C PRO E 155 14.42 24.92 19.22
N ASP E 156 14.45 23.73 18.63
CA ASP E 156 14.68 22.50 19.39
C ASP E 156 16.16 22.12 19.50
N LEU E 157 16.78 22.58 20.58
CA LEU E 157 18.19 22.29 20.81
C LEU E 157 18.50 20.82 21.04
N ASP E 158 17.46 20.05 21.36
CA ASP E 158 17.64 18.63 21.60
C ASP E 158 17.53 17.82 20.31
N SER E 159 17.49 18.51 19.17
CA SER E 159 17.39 17.82 17.89
C SER E 159 18.59 16.95 17.56
N TYR E 160 18.38 15.97 16.68
CA TYR E 160 19.46 15.07 16.25
C TYR E 160 20.04 15.61 14.97
N VAL E 161 21.35 15.72 14.93
CA VAL E 161 21.99 16.27 13.75
C VAL E 161 23.12 15.40 13.22
N PHE E 162 23.57 15.74 12.02
CA PHE E 162 24.70 15.04 11.40
C PHE E 162 25.83 16.05 11.43
N LEU E 163 26.79 15.78 12.30
CA LEU E 163 27.92 16.66 12.50
C LEU E 163 29.21 16.26 11.80
N ARG E 164 29.82 17.22 11.10
CA ARG E 164 31.10 16.95 10.46
C ARG E 164 32.08 17.78 11.25
N VAL E 165 32.84 17.13 12.14
CA VAL E 165 33.79 17.82 12.99
C VAL E 165 34.91 18.52 12.25
N ARG E 166 34.87 19.86 12.29
CA ARG E 166 35.87 20.69 11.63
C ARG E 166 36.90 21.14 12.66
N GLU E 167 36.73 20.69 13.90
CA GLU E 167 37.63 21.06 14.98
C GLU E 167 37.56 20.15 16.21
N ARG E 168 38.50 19.22 16.27
CA ARG E 168 38.63 18.25 17.35
C ARG E 168 37.92 18.61 18.66
N GLN E 169 36.76 18.02 18.93
CA GLN E 169 36.07 18.29 20.18
C GLN E 169 36.37 17.09 21.11
N GLU E 170 37.00 17.40 22.23
CA GLU E 170 37.47 16.42 23.20
C GLU E 170 36.59 16.05 24.38
N ASN E 171 36.53 14.76 24.67
CA ASN E 171 35.78 14.20 25.78
C ASN E 171 34.27 14.35 25.82
N ILE E 172 33.58 13.68 24.90
CA ILE E 172 32.14 13.73 24.84
C ILE E 172 31.57 12.48 25.51
N LEU E 173 30.77 12.68 26.55
CA LEU E 173 30.16 11.56 27.27
C LEU E 173 28.86 11.21 26.59
N VAL E 174 28.69 9.94 26.26
CA VAL E 174 27.43 9.53 25.65
C VAL E 174 26.73 8.60 26.62
N GLU E 175 25.48 8.92 26.91
CA GLU E 175 24.70 8.14 27.87
C GLU E 175 23.43 7.56 27.28
N PRO E 176 23.50 6.34 26.72
CA PRO E 176 22.35 5.67 26.12
C PRO E 176 21.28 5.41 27.19
N ASP E 177 20.05 5.81 26.91
CA ASP E 177 18.97 5.62 27.88
C ASP E 177 18.52 4.18 27.92
N THR E 178 19.42 3.34 28.45
CA THR E 178 19.18 1.92 28.52
C THR E 178 18.90 1.51 29.96
N ASP E 179 18.75 0.21 30.17
CA ASP E 179 18.48 -0.33 31.50
C ASP E 179 19.76 -0.60 32.24
N GLU E 180 20.71 -1.15 31.53
CA GLU E 180 21.98 -1.45 32.12
C GLU E 180 22.91 -0.28 31.77
N GLN E 181 23.86 -0.02 32.66
CA GLN E 181 24.86 1.04 32.49
C GLN E 181 25.67 0.82 31.19
N ARG E 182 25.33 1.55 30.14
CA ARG E 182 26.00 1.41 28.85
C ARG E 182 26.67 2.71 28.37
N ASP E 183 27.04 3.58 29.30
CA ASP E 183 27.65 4.85 28.94
C ASP E 183 29.07 4.72 28.41
N TYR E 184 29.47 5.71 27.64
CA TYR E 184 30.81 5.72 27.07
C TYR E 184 31.24 7.14 26.69
N VAL E 185 32.54 7.40 26.84
CA VAL E 185 33.09 8.69 26.49
C VAL E 185 33.99 8.55 25.28
N ILE E 186 33.81 9.44 24.29
CA ILE E 186 34.61 9.38 23.08
C ILE E 186 35.08 10.77 22.66
N ASP E 187 36.15 10.81 21.89
CA ASP E 187 36.69 12.08 21.39
C ASP E 187 36.19 12.24 19.96
N LEU E 188 35.72 13.43 19.65
CA LEU E 188 35.22 13.72 18.30
C LEU E 188 36.39 14.27 17.50
N GLU E 189 36.99 13.42 16.68
CA GLU E 189 38.12 13.79 15.83
C GLU E 189 37.74 14.79 14.76
N LYS E 190 38.71 15.60 14.36
CA LYS E 190 38.49 16.59 13.32
C LYS E 190 38.47 15.82 12.01
N GLY E 191 37.42 16.03 11.22
CA GLY E 191 37.30 15.34 9.95
C GLY E 191 36.28 14.21 10.00
N SER E 192 36.00 13.72 11.22
CA SER E 192 35.03 12.64 11.40
C SER E 192 33.60 13.17 11.48
N GLN E 193 32.64 12.30 11.16
CA GLN E 193 31.23 12.67 11.20
C GLN E 193 30.45 11.82 12.20
N HIS E 194 29.38 12.38 12.75
CA HIS E 194 28.58 11.68 13.73
C HIS E 194 27.10 11.99 13.66
N LEU E 195 26.32 11.18 14.37
CA LEU E 195 24.88 11.35 14.49
C LEU E 195 24.76 11.63 15.99
N ILE E 196 24.25 12.80 16.34
CA ILE E 196 24.19 13.15 17.75
C ILE E 196 23.18 14.26 18.07
N ARG E 197 22.88 14.42 19.36
CA ARG E 197 21.96 15.48 19.79
C ARG E 197 22.76 16.76 19.87
N TYR E 198 22.31 17.74 19.08
CA TYR E 198 22.95 19.04 19.00
C TYR E 198 23.38 19.60 20.35
N LYS E 199 22.47 19.57 21.32
CA LYS E 199 22.75 20.06 22.66
C LYS E 199 24.03 19.46 23.22
N THR E 200 24.25 18.18 22.94
CA THR E 200 25.44 17.50 23.47
C THR E 200 26.76 18.13 23.01
N ILE E 201 26.78 18.64 21.78
CA ILE E 201 28.00 19.24 21.23
C ILE E 201 28.01 20.77 21.27
N ALA E 202 26.96 21.40 20.74
CA ALA E 202 26.87 22.85 20.69
C ALA E 202 27.25 23.57 21.99
N PRO E 203 26.50 23.35 23.08
CA PRO E 203 26.84 24.03 24.34
C PRO E 203 28.29 23.83 24.76
N MSE F 1 -20.44 26.79 19.98
CA MSE F 1 -20.44 27.87 21.02
C MSE F 1 -19.62 27.39 22.22
O MSE F 1 -18.53 27.89 22.49
CB MSE F 1 -21.87 28.21 21.44
CG MSE F 1 -22.02 29.15 22.66
SE MSE F 1 -21.91 31.11 22.40
CE MSE F 1 -23.30 31.31 21.04
N MSE F 2 -20.16 26.40 22.92
CA MSE F 2 -19.51 25.86 24.09
C MSE F 2 -18.29 25.02 23.80
O MSE F 2 -17.37 24.96 24.61
CB MSE F 2 -20.52 25.05 24.91
CG MSE F 2 -21.59 25.91 25.54
SE MSE F 2 -20.73 27.25 26.65
CE MSE F 2 -22.33 28.05 27.44
N PHE F 3 -18.29 24.34 22.67
CA PHE F 3 -17.15 23.49 22.30
C PHE F 3 -16.39 24.18 21.19
N CYS F 4 -16.63 25.48 21.03
CA CYS F 4 -15.99 26.28 20.00
C CYS F 4 -15.95 25.44 18.74
N GLU F 5 -17.09 24.91 18.36
CA GLU F 5 -17.16 24.07 17.19
C GLU F 5 -16.93 24.86 15.91
N LYS F 6 -17.24 26.15 15.94
CA LYS F 6 -17.05 26.98 14.75
C LYS F 6 -15.59 27.28 14.48
N ALA F 7 -14.84 27.52 15.54
CA ALA F 7 -13.42 27.81 15.43
C ALA F 7 -12.75 26.59 14.84
N MSE F 8 -13.21 25.43 15.26
CA MSE F 8 -12.68 24.17 14.80
C MSE F 8 -12.84 23.94 13.30
O MSE F 8 -12.00 23.28 12.68
CB MSE F 8 -13.34 23.03 15.56
CG MSE F 8 -12.63 22.74 16.85
SE MSE F 8 -10.86 22.12 16.42
CE MSE F 8 -9.85 23.55 17.22
N GLU F 9 -13.90 24.47 12.69
CA GLU F 9 -14.01 24.25 11.28
C GLU F 9 -13.06 25.20 10.55
N LEU F 10 -12.70 26.27 11.24
CA LEU F 10 -11.76 27.24 10.68
C LEU F 10 -10.41 26.55 10.57
N ILE F 11 -9.98 25.99 11.69
CA ILE F 11 -8.72 25.29 11.75
C ILE F 11 -8.69 24.15 10.76
N ARG F 12 -9.75 23.37 10.75
CA ARG F 12 -9.87 22.21 9.89
C ARG F 12 -9.75 22.54 8.41
N GLU F 13 -10.40 23.61 7.99
CA GLU F 13 -10.37 24.04 6.60
C GLU F 13 -8.94 24.35 6.16
N LEU F 14 -8.14 24.83 7.09
CA LEU F 14 -6.75 25.17 6.79
C LEU F 14 -5.94 23.88 6.67
N HIS F 15 -6.18 22.96 7.58
CA HIS F 15 -5.51 21.67 7.60
C HIS F 15 -5.82 20.86 6.33
N ARG F 16 -7.10 20.78 5.97
CA ARG F 16 -7.53 20.03 4.80
C ARG F 16 -6.94 20.63 3.53
N ALA F 17 -6.50 21.88 3.60
CA ALA F 17 -5.91 22.55 2.45
C ALA F 17 -4.50 22.01 2.23
N PRO F 18 -4.34 21.16 1.21
CA PRO F 18 -3.07 20.52 0.84
C PRO F 18 -1.84 21.43 0.73
N GLU F 19 -0.80 21.04 1.44
CA GLU F 19 0.50 21.73 1.52
C GLU F 19 0.68 23.00 0.70
N GLY F 20 0.58 24.14 1.37
CA GLY F 20 0.75 25.42 0.72
C GLY F 20 -0.53 26.17 0.40
N GLN F 21 -1.45 25.49 -0.27
CA GLN F 21 -2.73 26.06 -0.65
C GLN F 21 -3.30 27.10 0.31
N LEU F 22 -3.89 28.15 -0.25
CA LEU F 22 -4.48 29.21 0.55
C LEU F 22 -5.96 29.32 0.28
N PRO F 23 -6.80 28.74 1.17
CA PRO F 23 -8.24 28.85 0.90
C PRO F 23 -8.70 30.29 1.01
N ALA F 24 -9.96 30.57 0.70
CA ALA F 24 -10.45 31.94 0.79
C ALA F 24 -10.55 32.33 2.26
N PHE F 25 -10.20 33.57 2.58
CA PHE F 25 -10.27 34.04 3.95
C PHE F 25 -11.76 34.03 4.32
N ASN F 26 -12.18 33.26 5.32
CA ASN F 26 -13.61 33.36 5.62
C ASN F 26 -13.86 34.31 6.77
N GLU F 27 -14.37 35.46 6.37
CA GLU F 27 -14.71 36.56 7.25
C GLU F 27 -15.87 36.16 8.15
N ASP F 28 -16.74 35.29 7.64
CA ASP F 28 -17.89 34.85 8.42
C ASP F 28 -17.45 33.93 9.52
N GLY F 29 -16.54 33.02 9.20
CA GLY F 29 -16.06 32.10 10.21
C GLY F 29 -15.47 32.87 11.36
N LEU F 30 -14.61 33.84 11.05
CA LEU F 30 -13.96 34.64 12.06
C LEU F 30 -14.96 35.51 12.79
N ARG F 31 -15.88 36.11 12.04
CA ARG F 31 -16.90 36.97 12.65
C ARG F 31 -17.68 36.18 13.69
N GLN F 32 -18.19 35.03 13.29
CA GLN F 32 -18.95 34.17 14.20
C GLN F 32 -18.18 33.82 15.45
N VAL F 33 -16.92 33.42 15.28
CA VAL F 33 -16.10 33.06 16.43
C VAL F 33 -15.99 34.26 17.37
N LEU F 34 -15.82 35.46 16.79
CA LEU F 34 -15.72 36.67 17.59
C LEU F 34 -17.07 37.00 18.23
N GLU F 35 -18.14 36.68 17.52
CA GLU F 35 -19.48 36.90 18.05
C GLU F 35 -19.67 36.01 19.29
N GLU F 36 -19.27 34.74 19.18
CA GLU F 36 -19.37 33.79 20.28
C GLU F 36 -18.55 34.20 21.51
N MSE F 37 -17.37 34.74 21.27
CA MSE F 37 -16.51 35.17 22.37
C MSE F 37 -17.18 36.30 23.12
O MSE F 37 -17.13 36.37 24.35
CB MSE F 37 -15.14 35.62 21.83
CG MSE F 37 -14.37 34.51 21.14
SE MSE F 37 -12.50 34.93 20.83
CE MSE F 37 -11.94 34.94 22.68
N LYS F 38 -17.82 37.19 22.36
CA LYS F 38 -18.53 38.32 22.94
C LYS F 38 -19.65 37.75 23.82
N ALA F 39 -20.45 36.88 23.23
CA ALA F 39 -21.55 36.25 23.94
C ALA F 39 -21.09 35.59 25.23
N LEU F 40 -20.11 34.70 25.12
CA LEU F 40 -19.58 33.98 26.27
C LEU F 40 -19.02 34.92 27.32
N TYR F 41 -18.37 36.01 26.89
CA TYR F 41 -17.80 36.96 27.83
C TYR F 41 -18.88 37.55 28.70
N GLU F 42 -19.98 37.94 28.06
CA GLU F 42 -21.14 38.50 28.70
C GLU F 42 -21.78 37.52 29.68
N GLN F 43 -22.14 36.34 29.19
CA GLN F 43 -22.76 35.33 30.04
C GLN F 43 -21.94 35.17 31.30
N ASN F 44 -20.61 35.13 31.15
CA ASN F 44 -19.72 34.97 32.29
C ASN F 44 -19.76 36.20 33.19
N GLN F 45 -19.98 37.36 32.58
CA GLN F 45 -20.06 38.61 33.30
C GLN F 45 -21.22 38.53 34.27
N SER F 46 -22.41 38.31 33.71
CA SER F 46 -23.64 38.19 34.48
C SER F 46 -23.45 37.21 35.64
N ASP F 47 -23.21 35.95 35.30
CA ASP F 47 -23.04 34.88 36.27
C ASP F 47 -22.01 35.21 37.37
N VAL F 48 -20.97 35.98 37.03
CA VAL F 48 -19.96 36.32 38.02
C VAL F 48 -20.45 37.24 39.13
N ASN F 49 -21.38 38.12 38.82
CA ASN F 49 -21.90 39.00 39.85
C ASN F 49 -22.85 38.22 40.73
N GLU F 50 -23.57 37.24 40.18
CA GLU F 50 -24.46 36.43 41.00
C GLU F 50 -23.57 35.61 41.93
N ALA F 51 -22.27 35.67 41.69
CA ALA F 51 -21.30 34.94 42.48
C ALA F 51 -20.79 35.80 43.64
N LYS F 52 -21.12 37.09 43.59
CA LYS F 52 -20.73 38.02 44.64
C LYS F 52 -22.03 38.56 45.25
N SER F 53 -22.71 39.43 44.49
CA SER F 53 -23.98 40.01 44.92
C SER F 53 -24.83 38.85 45.39
N GLY F 54 -25.38 38.09 44.44
CA GLY F 54 -26.18 36.94 44.80
C GLY F 54 -25.34 35.99 45.64
N GLY F 55 -25.95 34.96 46.19
CA GLY F 55 -25.21 34.02 47.00
C GLY F 55 -24.80 32.76 46.25
N ARG F 56 -25.01 32.77 44.94
CA ARG F 56 -24.68 31.62 44.13
C ARG F 56 -23.21 31.52 43.75
N SER F 57 -22.47 30.76 44.54
CA SER F 57 -21.04 30.55 44.32
C SER F 57 -20.90 29.21 43.61
N ASP F 58 -22.04 28.63 43.25
CA ASP F 58 -22.10 27.36 42.54
C ASP F 58 -22.03 27.61 41.04
N LEU F 59 -21.70 28.85 40.69
CA LEU F 59 -21.61 29.23 39.28
C LEU F 59 -20.17 29.23 38.76
N ILE F 60 -19.20 29.20 39.69
CA ILE F 60 -17.79 29.19 39.33
C ILE F 60 -17.46 28.14 38.24
N PRO F 61 -17.80 26.87 38.48
CA PRO F 61 -17.53 25.80 37.51
C PRO F 61 -18.03 26.15 36.12
N THR F 62 -19.25 26.66 36.06
CA THR F 62 -19.82 27.06 34.78
C THR F 62 -19.05 28.26 34.24
N ILE F 63 -18.57 29.11 35.14
CA ILE F 63 -17.80 30.27 34.71
C ILE F 63 -16.49 29.73 34.12
N LYS F 64 -15.83 28.86 34.87
CA LYS F 64 -14.58 28.26 34.43
C LYS F 64 -14.74 27.54 33.11
N PHE F 65 -15.87 26.87 32.92
CA PHE F 65 -16.12 26.16 31.68
C PHE F 65 -16.15 27.17 30.55
N ARG F 66 -16.83 28.28 30.77
CA ARG F 66 -16.92 29.29 29.71
C ARG F 66 -15.58 29.98 29.45
N HIS F 67 -14.74 30.11 30.49
CA HIS F 67 -13.45 30.75 30.31
C HIS F 67 -12.54 29.89 29.43
N CYS F 68 -12.63 28.56 29.57
CA CYS F 68 -11.87 27.64 28.75
C CYS F 68 -12.27 27.84 27.32
N SER F 69 -13.56 27.96 27.10
CA SER F 69 -14.08 28.15 25.74
C SER F 69 -13.51 29.42 25.14
N LEU F 70 -13.55 30.51 25.92
CA LEU F 70 -13.03 31.78 25.44
C LEU F 70 -11.58 31.58 25.03
N LEU F 71 -10.78 30.98 25.91
CA LEU F 71 -9.38 30.75 25.60
C LEU F 71 -9.19 29.83 24.40
N ARG F 72 -10.11 28.90 24.17
CA ARG F 72 -10.02 27.99 23.03
C ARG F 72 -10.20 28.79 21.75
N ASN F 73 -11.31 29.51 21.70
CA ASN F 73 -11.60 30.31 20.52
C ASN F 73 -10.45 31.24 20.19
N ARG F 74 -9.79 31.78 21.21
CA ARG F 74 -8.67 32.66 20.97
C ARG F 74 -7.54 31.88 20.34
N ARG F 75 -7.17 30.76 20.95
CA ARG F 75 -6.08 29.96 20.42
C ARG F 75 -6.31 29.57 18.96
N CYS F 76 -7.51 29.13 18.63
CA CYS F 76 -7.85 28.72 17.27
C CYS F 76 -7.77 29.88 16.30
N THR F 77 -8.37 30.98 16.66
CA THR F 77 -8.38 32.15 15.80
C THR F 77 -6.94 32.66 15.54
N VAL F 78 -6.10 32.67 16.56
CA VAL F 78 -4.73 33.11 16.39
C VAL F 78 -3.94 32.16 15.48
N ALA F 79 -4.07 30.85 15.69
CA ALA F 79 -3.37 29.87 14.86
C ALA F 79 -3.90 29.87 13.43
N TYR F 80 -5.20 30.13 13.28
CA TYR F 80 -5.76 30.18 11.94
C TYR F 80 -5.09 31.35 11.23
N LEU F 81 -5.00 32.48 11.94
CA LEU F 81 -4.38 33.68 11.38
C LEU F 81 -2.87 33.53 11.17
N TYR F 82 -2.15 33.04 12.16
CA TYR F 82 -0.71 32.88 12.01
C TYR F 82 -0.32 31.86 10.93
N ASP F 83 -1.20 30.92 10.63
CA ASP F 83 -0.88 29.93 9.62
C ASP F 83 -1.06 30.54 8.23
N ARG F 84 -2.10 31.33 8.05
CA ARG F 84 -2.32 31.96 6.76
C ARG F 84 -1.16 32.89 6.43
N LEU F 85 -0.67 33.60 7.44
CA LEU F 85 0.45 34.48 7.22
C LEU F 85 1.58 33.61 6.71
N LEU F 86 1.82 32.49 7.39
CA LEU F 86 2.86 31.55 6.98
C LEU F 86 2.73 31.10 5.54
N ARG F 87 1.52 30.79 5.10
CA ARG F 87 1.34 30.34 3.72
C ARG F 87 1.61 31.50 2.77
N ILE F 88 1.12 32.68 3.13
CA ILE F 88 1.31 33.87 2.33
C ILE F 88 2.79 34.25 2.20
N ARG F 89 3.50 34.29 3.33
CA ARG F 89 4.92 34.60 3.29
C ARG F 89 5.59 33.73 2.24
N ALA F 90 5.26 32.45 2.24
CA ALA F 90 5.83 31.50 1.30
C ALA F 90 5.65 31.91 -0.15
N LEU F 91 4.50 32.51 -0.47
CA LEU F 91 4.22 32.96 -1.84
C LEU F 91 5.34 33.83 -2.44
N ARG F 92 5.84 34.77 -1.63
CA ARG F 92 6.90 35.69 -2.06
C ARG F 92 8.05 34.94 -2.69
N TRP F 93 8.44 33.85 -2.07
CA TRP F 93 9.51 33.05 -2.60
C TRP F 93 9.05 32.11 -3.70
N GLU F 94 7.86 31.52 -3.59
CA GLU F 94 7.41 30.65 -4.67
C GLU F 94 7.23 31.50 -5.92
N TYR F 95 6.21 32.35 -5.94
CA TYR F 95 5.97 33.20 -7.10
C TYR F 95 6.92 34.39 -7.03
N GLY F 96 6.52 35.51 -7.60
CA GLY F 96 7.38 36.67 -7.55
C GLY F 96 7.11 37.63 -6.40
N SER F 97 7.39 38.89 -6.68
CA SER F 97 7.16 39.98 -5.74
C SER F 97 5.77 40.47 -6.13
N ILE F 98 5.24 39.83 -7.17
CA ILE F 98 3.94 40.16 -7.71
C ILE F 98 3.07 38.86 -7.78
N LEU F 99 2.04 38.83 -6.95
CA LEU F 99 1.14 37.68 -6.84
C LEU F 99 0.11 37.50 -7.93
N PRO F 100 -0.16 36.25 -8.30
CA PRO F 100 -1.15 35.95 -9.34
C PRO F 100 -2.48 36.44 -8.77
N ASN F 101 -3.37 37.00 -9.60
CA ASN F 101 -4.63 37.48 -9.05
C ASN F 101 -5.40 36.36 -8.32
N ALA F 102 -5.16 35.12 -8.73
CA ALA F 102 -5.82 33.98 -8.10
C ALA F 102 -5.63 34.01 -6.60
N LEU F 103 -4.38 33.89 -6.15
CA LEU F 103 -4.08 33.91 -4.72
C LEU F 103 -4.35 35.27 -4.11
N ARG F 104 -4.46 36.28 -4.96
CA ARG F 104 -4.71 37.63 -4.49
C ARG F 104 -6.16 37.73 -4.05
N PHE F 105 -7.05 37.03 -4.75
CA PHE F 105 -8.48 37.04 -4.43
C PHE F 105 -8.84 36.38 -3.08
N HIS F 106 -8.14 35.30 -2.74
CA HIS F 106 -8.42 34.58 -1.50
C HIS F 106 -7.70 35.16 -0.28
N MSE F 107 -7.19 36.38 -0.43
CA MSE F 107 -6.47 37.03 0.67
C MSE F 107 -7.27 38.16 1.30
O MSE F 107 -7.92 38.93 0.62
CB MSE F 107 -5.14 37.58 0.17
CG MSE F 107 -4.16 36.50 -0.24
SE MSE F 107 -2.51 37.23 -0.93
CE MSE F 107 -1.95 38.16 0.66
N ALA F 108 -7.23 38.24 2.63
CA ALA F 108 -7.95 39.29 3.32
C ALA F 108 -7.26 40.60 2.99
N ALA F 109 -7.97 41.71 3.17
CA ALA F 109 -7.37 43.00 2.86
C ALA F 109 -6.11 43.20 3.68
N GLU F 110 -6.22 43.00 4.99
CA GLU F 110 -5.07 43.20 5.87
C GLU F 110 -3.93 42.23 5.60
N GLU F 111 -4.22 41.07 5.01
CA GLU F 111 -3.14 40.14 4.72
C GLU F 111 -2.34 40.70 3.55
N MSE F 112 -3.04 41.20 2.54
CA MSE F 112 -2.38 41.80 1.39
C MSE F 112 -1.45 42.91 1.94
O MSE F 112 -0.32 43.06 1.51
CB MSE F 112 -3.41 42.40 0.44
CG MSE F 112 -2.84 42.94 -0.86
SE MSE F 112 -1.83 41.62 -1.89
CE MSE F 112 -0.06 42.28 -1.48
N GLU F 113 -1.95 43.67 2.91
CA GLU F 113 -1.20 44.74 3.54
C GLU F 113 0.04 44.16 4.24
N TRP F 114 -0.14 43.07 4.98
CA TRP F 114 0.96 42.43 5.70
C TRP F 114 2.04 41.98 4.73
N PHE F 115 1.62 41.46 3.59
CA PHE F 115 2.52 40.95 2.55
C PHE F 115 3.38 42.06 1.97
N ASN F 116 2.75 43.19 1.67
CA ASN F 116 3.46 44.33 1.13
C ASN F 116 4.51 44.82 2.11
N ASN F 117 4.16 44.97 3.38
CA ASN F 117 5.18 45.40 4.32
C ASN F 117 6.28 44.32 4.33
N TYR F 118 5.90 43.06 4.12
CA TYR F 118 6.92 41.99 4.10
C TYR F 118 7.84 42.11 2.90
N LYS F 119 7.26 42.30 1.72
CA LYS F 119 8.07 42.42 0.51
C LYS F 119 8.98 43.66 0.62
N ARG F 120 8.44 44.76 1.15
CA ARG F 120 9.24 45.97 1.31
C ARG F 120 10.41 45.67 2.24
N SER F 121 10.11 45.10 3.40
CA SER F 121 11.16 44.78 4.36
C SER F 121 12.23 43.86 3.78
N LEU F 122 11.82 42.95 2.91
CA LEU F 122 12.77 42.03 2.31
C LEU F 122 13.68 42.82 1.39
N ALA F 123 13.11 43.65 0.52
CA ALA F 123 13.90 44.46 -0.39
C ALA F 123 14.93 45.25 0.40
N THR F 124 14.47 46.06 1.35
CA THR F 124 15.38 46.82 2.18
C THR F 124 16.54 45.93 2.63
N TYR F 125 16.24 44.77 3.20
CA TYR F 125 17.29 43.87 3.66
C TYR F 125 18.29 43.49 2.57
N MSE F 126 17.79 43.15 1.40
CA MSE F 126 18.68 42.73 0.33
C MSE F 126 19.51 43.88 -0.22
O MSE F 126 20.72 43.75 -0.39
CB MSE F 126 17.87 42.08 -0.78
CG MSE F 126 16.89 41.04 -0.26
SE MSE F 126 16.19 39.83 -1.58
CE MSE F 126 14.91 41.01 -2.40
N ARG F 127 18.84 45.01 -0.47
CA ARG F 127 19.51 46.19 -1.00
C ARG F 127 20.67 46.65 -0.13
N SER F 128 20.72 46.20 1.11
CA SER F 128 21.79 46.62 2.00
C SER F 128 22.77 45.51 2.31
N LEU F 129 23.00 44.62 1.36
CA LEU F 129 23.92 43.52 1.62
C LEU F 129 25.35 43.72 1.11
N GLY F 130 25.71 44.95 0.76
CA GLY F 130 27.06 45.18 0.28
C GLY F 130 27.38 46.58 -0.20
N GLY F 131 27.41 47.54 0.74
CA GLY F 131 27.72 48.93 0.41
C GLY F 131 27.53 49.26 -1.06
N ASP F 132 26.40 48.83 -1.61
CA ASP F 132 26.09 49.06 -3.01
C ASP F 132 24.65 48.63 -3.25
N GLU F 133 24.47 47.60 -4.07
CA GLU F 133 23.14 47.07 -4.36
C GLU F 133 23.04 45.67 -3.76
N GLY F 134 23.64 45.52 -2.58
CA GLY F 134 23.62 44.27 -1.87
C GLY F 134 23.54 43.03 -2.73
N LEU F 135 22.43 42.30 -2.63
CA LEU F 135 22.27 41.07 -3.40
C LEU F 135 20.83 40.58 -3.35
N ASP F 136 20.31 40.15 -4.48
CA ASP F 136 18.95 39.62 -4.49
C ASP F 136 19.07 38.13 -4.21
N ILE F 137 18.66 37.73 -3.01
CA ILE F 137 18.74 36.34 -2.60
C ILE F 137 17.52 35.49 -2.95
N THR F 138 16.68 35.98 -3.86
CA THR F 138 15.51 35.22 -4.27
C THR F 138 15.73 34.65 -5.67
N GLN F 139 16.93 34.87 -6.21
CA GLN F 139 17.25 34.41 -7.56
C GLN F 139 18.10 33.15 -7.75
N ASP F 140 19.27 33.11 -7.14
CA ASP F 140 20.14 31.95 -7.30
C ASP F 140 19.55 30.81 -6.47
N MSE F 141 18.26 30.55 -6.67
CA MSE F 141 17.54 29.52 -5.91
C MSE F 141 18.11 28.10 -5.94
O MSE F 141 17.97 27.37 -4.96
CB MSE F 141 16.07 29.50 -6.34
CG MSE F 141 15.33 30.80 -6.01
SE MSE F 141 15.06 31.11 -4.10
CE MSE F 141 13.20 31.64 -4.13
N LYS F 142 18.73 27.70 -7.04
CA LYS F 142 19.30 26.37 -7.14
C LYS F 142 20.73 26.42 -7.65
N PRO F 143 21.57 25.42 -7.28
CA PRO F 143 22.96 25.40 -7.74
C PRO F 143 23.06 25.67 -9.24
N PRO F 144 24.00 26.54 -9.66
CA PRO F 144 24.21 26.88 -11.06
C PRO F 144 24.73 25.70 -11.86
N LYS F 145 24.31 25.63 -13.12
CA LYS F 145 24.72 24.54 -14.01
C LYS F 145 25.88 24.95 -14.93
N SER F 146 25.58 25.75 -15.95
CA SER F 146 26.54 26.22 -16.94
C SER F 146 25.86 26.20 -18.32
N MSE G 1 19.84 19.60 7.03
CA MSE G 1 20.08 18.73 5.85
C MSE G 1 20.14 19.52 4.56
O MSE G 1 19.63 20.63 4.46
CB MSE G 1 18.99 17.66 5.72
CG MSE G 1 18.85 16.70 6.90
SE MSE G 1 20.43 15.63 7.30
CE MSE G 1 20.44 15.89 9.22
N MSE G 2 20.74 18.90 3.54
CA MSE G 2 20.89 19.52 2.24
C MSE G 2 20.06 18.80 1.19
O MSE G 2 19.56 17.71 1.41
CB MSE G 2 22.35 19.49 1.81
CG MSE G 2 23.31 19.96 2.89
SE MSE G 2 25.14 19.90 2.29
CE MSE G 2 25.35 17.98 2.17
N ASP G 3 19.93 19.45 0.04
CA ASP G 3 19.20 18.91 -1.09
C ASP G 3 20.14 18.00 -1.86
N ALA G 4 19.60 17.14 -2.71
CA ALA G 4 20.43 16.24 -3.51
C ALA G 4 21.40 17.08 -4.34
N ALA G 5 20.88 18.14 -4.95
CA ALA G 5 21.68 19.04 -5.78
C ALA G 5 22.75 19.85 -5.03
N GLU G 6 22.49 20.21 -3.78
CA GLU G 6 23.49 20.96 -3.05
C GLU G 6 24.69 20.08 -2.77
N VAL G 7 24.45 18.77 -2.69
CA VAL G 7 25.52 17.82 -2.41
C VAL G 7 26.31 17.55 -3.69
N GLU G 8 25.64 17.70 -4.82
CA GLU G 8 26.26 17.51 -6.12
C GLU G 8 27.19 18.71 -6.31
N PHE G 9 26.66 19.89 -6.02
CA PHE G 9 27.42 21.13 -6.12
C PHE G 9 28.77 20.98 -5.41
N LEU G 10 28.77 20.28 -4.27
CA LEU G 10 30.01 20.07 -3.52
C LEU G 10 30.95 19.05 -4.17
N ALA G 11 30.37 18.02 -4.79
CA ALA G 11 31.17 16.99 -5.43
C ALA G 11 31.94 17.57 -6.61
N GLU G 12 31.40 18.65 -7.16
CA GLU G 12 32.00 19.33 -8.30
C GLU G 12 33.31 20.04 -7.91
N LYS G 13 33.53 20.22 -6.61
CA LYS G 13 34.74 20.87 -6.14
C LYS G 13 35.87 19.85 -6.16
N GLU G 14 35.51 18.59 -6.40
CA GLU G 14 36.48 17.50 -6.45
C GLU G 14 37.39 17.66 -7.65
N LEU G 15 38.67 17.38 -7.45
CA LEU G 15 39.62 17.49 -8.54
C LEU G 15 39.60 16.32 -9.48
N VAL G 16 39.65 16.62 -10.77
CA VAL G 16 39.70 15.60 -11.80
C VAL G 16 40.67 16.10 -12.87
N THR G 17 41.78 15.39 -13.07
CA THR G 17 42.76 15.81 -14.05
C THR G 17 42.22 15.73 -15.49
N ILE G 18 42.61 16.70 -16.31
CA ILE G 18 42.19 16.72 -17.71
C ILE G 18 43.36 17.02 -18.64
N ILE G 19 43.17 16.67 -19.91
CA ILE G 19 44.18 16.91 -20.92
C ILE G 19 43.48 17.71 -22.02
N PRO G 20 43.67 19.04 -22.01
CA PRO G 20 43.09 20.01 -22.96
C PRO G 20 43.72 20.04 -24.35
N ASN G 21 42.95 20.52 -25.32
CA ASN G 21 43.41 20.64 -26.69
C ASN G 21 43.67 22.10 -26.99
N PHE G 22 43.77 22.90 -25.92
CA PHE G 22 44.02 24.32 -26.05
C PHE G 22 45.07 24.78 -25.05
N SER G 23 45.46 26.04 -25.17
CA SER G 23 46.46 26.64 -24.29
C SER G 23 45.91 27.90 -23.62
N LEU G 24 46.21 28.04 -22.33
CA LEU G 24 45.76 29.19 -21.56
C LEU G 24 46.67 29.41 -20.37
N ASP G 25 46.79 30.67 -19.97
CA ASP G 25 47.65 31.03 -18.86
C ASP G 25 46.99 30.84 -17.49
N LYS G 26 47.80 30.43 -16.52
CA LYS G 26 47.34 30.21 -15.16
C LYS G 26 46.25 31.20 -14.75
N ILE G 27 45.12 30.66 -14.27
CA ILE G 27 43.98 31.46 -13.82
C ILE G 27 43.99 31.65 -12.30
N TYR G 28 43.73 32.88 -11.87
CA TYR G 28 43.71 33.22 -10.46
C TYR G 28 42.26 33.41 -9.99
N LEU G 29 41.64 32.30 -9.62
CA LEU G 29 40.25 32.31 -9.16
C LEU G 29 40.13 32.73 -7.69
N ILE G 30 39.04 33.42 -7.31
CA ILE G 30 38.89 33.85 -5.91
C ILE G 30 39.06 32.66 -4.97
N GLY G 31 38.69 31.48 -5.45
CA GLY G 31 38.78 30.28 -4.64
C GLY G 31 40.17 29.66 -4.61
N GLY G 32 40.78 29.51 -5.77
CA GLY G 32 42.10 28.91 -5.82
C GLY G 32 42.88 29.30 -7.05
N ASP G 33 44.02 28.65 -7.22
CA ASP G 33 44.90 28.90 -8.35
C ASP G 33 44.97 27.71 -9.30
N LEU G 34 44.31 27.82 -10.44
CA LEU G 34 44.33 26.75 -11.42
C LEU G 34 45.48 26.95 -12.41
N GLY G 35 46.50 26.12 -12.26
CA GLY G 35 47.69 26.18 -13.10
C GLY G 35 47.47 26.39 -14.60
N PRO G 36 48.57 26.48 -15.38
CA PRO G 36 48.62 26.68 -16.83
C PRO G 36 48.11 25.50 -17.66
N PHE G 37 47.39 25.82 -18.73
CA PHE G 37 46.83 24.80 -19.61
C PHE G 37 47.57 24.65 -20.92
N ASN G 38 48.30 23.55 -21.05
CA ASN G 38 49.05 23.27 -22.27
C ASN G 38 48.57 21.94 -22.85
N PRO G 39 47.98 21.98 -24.04
CA PRO G 39 47.47 20.76 -24.69
C PRO G 39 48.35 19.53 -24.53
N GLY G 40 47.72 18.37 -24.51
CA GLY G 40 48.46 17.12 -24.36
C GLY G 40 49.01 16.87 -22.96
N LEU G 41 48.84 17.86 -22.08
CA LEU G 41 49.34 17.73 -20.70
C LEU G 41 48.24 17.66 -19.63
N PRO G 42 48.44 16.79 -18.62
CA PRO G 42 47.52 16.55 -17.50
C PRO G 42 47.37 17.77 -16.60
N VAL G 43 46.13 18.15 -16.31
CA VAL G 43 45.85 19.31 -15.46
C VAL G 43 44.74 19.00 -14.46
N GLU G 44 45.07 18.90 -13.18
CA GLU G 44 44.06 18.66 -12.16
C GLU G 44 43.20 19.91 -12.04
N VAL G 45 41.91 19.76 -12.31
CA VAL G 45 40.99 20.89 -12.25
C VAL G 45 39.69 20.51 -11.54
N PRO G 46 38.91 21.50 -11.06
CA PRO G 46 37.66 21.17 -10.38
C PRO G 46 36.73 20.46 -11.37
N LEU G 47 36.03 19.45 -10.87
CA LEU G 47 35.11 18.67 -11.68
C LEU G 47 34.14 19.54 -12.47
N TRP G 48 33.63 20.60 -11.86
CA TRP G 48 32.67 21.45 -12.55
C TRP G 48 33.25 22.10 -13.77
N LEU G 49 34.53 22.47 -13.70
CA LEU G 49 35.17 23.11 -14.83
C LEU G 49 35.46 22.08 -15.91
N ALA G 50 35.86 20.88 -15.50
CA ALA G 50 36.15 19.78 -16.42
C ALA G 50 34.91 19.50 -17.25
N ILE G 51 33.80 19.31 -16.57
CA ILE G 51 32.53 19.04 -17.22
C ILE G 51 32.27 20.10 -18.30
N ASN G 52 32.47 21.36 -17.94
CA ASN G 52 32.24 22.47 -18.87
C ASN G 52 33.16 22.47 -20.07
N LEU G 53 34.41 22.05 -19.87
CA LEU G 53 35.39 21.99 -20.95
C LEU G 53 35.02 20.90 -21.95
N LYS G 54 35.03 19.64 -21.52
CA LYS G 54 34.70 18.54 -22.41
C LYS G 54 33.34 18.73 -23.08
N GLN G 55 32.58 19.68 -22.57
CA GLN G 55 31.26 19.96 -23.12
C GLN G 55 31.43 21.00 -24.23
N ARG G 56 32.58 21.65 -24.24
CA ARG G 56 32.96 22.65 -25.23
C ARG G 56 34.01 21.95 -26.06
N GLN G 57 34.24 20.69 -25.70
CA GLN G 57 35.20 19.81 -26.35
C GLN G 57 36.65 20.29 -26.17
N LYS G 58 36.84 21.41 -25.49
CA LYS G 58 38.18 21.95 -25.28
C LYS G 58 39.07 21.12 -24.35
N CYS G 59 38.62 19.94 -23.94
CA CYS G 59 39.45 19.12 -23.06
C CYS G 59 39.14 17.62 -23.16
N ARG G 60 39.77 16.85 -22.27
CA ARG G 60 39.60 15.41 -22.25
C ARG G 60 39.71 14.90 -20.82
N LEU G 61 38.58 14.42 -20.28
CA LEU G 61 38.51 13.91 -18.91
C LEU G 61 39.33 12.64 -18.67
N LEU G 62 40.28 12.74 -17.76
CA LEU G 62 41.13 11.60 -17.42
C LEU G 62 40.45 10.90 -16.25
N PRO G 63 39.67 9.84 -16.54
CA PRO G 63 38.96 9.06 -15.54
C PRO G 63 39.78 8.76 -14.29
N PRO G 64 39.18 8.94 -13.10
CA PRO G 64 39.84 8.70 -11.82
C PRO G 64 40.47 7.32 -11.66
N GLU G 65 41.40 7.22 -10.72
CA GLU G 65 42.14 5.99 -10.44
C GLU G 65 41.30 4.85 -9.85
N TRP G 66 40.10 5.15 -9.37
CA TRP G 66 39.23 4.15 -8.76
C TRP G 66 38.10 3.66 -9.66
N MSE G 67 37.79 4.42 -10.72
CA MSE G 67 36.70 4.03 -11.61
C MSE G 67 37.09 2.85 -12.50
O MSE G 67 36.86 2.87 -13.70
CB MSE G 67 36.27 5.20 -12.49
CG MSE G 67 35.14 6.01 -11.90
SE MSE G 67 34.18 7.03 -13.22
CE MSE G 67 33.17 5.61 -14.02
N ASP G 68 37.68 1.83 -11.88
CA ASP G 68 38.09 0.64 -12.60
C ASP G 68 37.16 -0.54 -12.31
N VAL G 69 36.41 -0.96 -13.33
CA VAL G 69 35.48 -2.08 -13.21
C VAL G 69 36.05 -3.24 -12.40
N GLU G 70 37.32 -3.55 -12.63
CA GLU G 70 37.98 -4.65 -11.95
C GLU G 70 38.20 -4.31 -10.47
N LYS G 71 38.26 -3.01 -10.17
CA LYS G 71 38.48 -2.55 -8.81
C LYS G 71 37.17 -2.39 -8.04
N LEU G 72 36.17 -1.77 -8.68
CA LEU G 72 34.89 -1.56 -8.02
C LEU G 72 34.18 -2.88 -7.77
N GLU G 73 34.68 -3.94 -8.39
CA GLU G 73 34.10 -5.26 -8.21
C GLU G 73 34.62 -5.81 -6.89
N LYS G 74 35.86 -5.49 -6.56
CA LYS G 74 36.46 -5.94 -5.31
C LYS G 74 35.65 -5.30 -4.18
N MSE G 75 35.41 -4.00 -4.31
CA MSE G 75 34.66 -3.24 -3.33
C MSE G 75 33.20 -3.71 -3.30
O MSE G 75 32.64 -3.93 -2.23
CB MSE G 75 34.75 -1.74 -3.66
CG MSE G 75 36.20 -1.24 -3.70
SE MSE G 75 36.48 0.65 -4.12
CE MSE G 75 36.80 1.31 -2.34
N ARG G 76 32.59 -3.86 -4.48
CA ARG G 76 31.20 -4.30 -4.55
C ARG G 76 30.97 -5.51 -3.66
N ASP G 77 31.96 -6.39 -3.58
CA ASP G 77 31.89 -7.59 -2.77
C ASP G 77 32.30 -7.25 -1.34
N HIS G 78 33.47 -6.66 -1.21
CA HIS G 78 33.99 -6.28 0.09
C HIS G 78 32.94 -5.57 0.94
N GLU G 79 32.10 -4.77 0.28
CA GLU G 79 31.04 -4.06 0.98
C GLU G 79 30.11 -5.07 1.61
N ARG G 80 29.66 -6.04 0.82
CA ARG G 80 28.76 -7.09 1.29
C ARG G 80 29.35 -7.86 2.48
N LYS G 81 30.29 -8.75 2.18
CA LYS G 81 30.94 -9.56 3.22
C LYS G 81 31.09 -8.82 4.56
N GLU G 82 31.59 -7.59 4.50
CA GLU G 82 31.83 -6.77 5.69
C GLU G 82 30.70 -6.55 6.69
N GLU G 83 29.45 -6.55 6.24
CA GLU G 83 28.31 -6.34 7.14
C GLU G 83 28.24 -4.89 7.65
N THR G 84 29.39 -4.29 7.91
CA THR G 84 29.46 -2.90 8.37
C THR G 84 29.82 -2.07 7.14
N PHE G 85 29.83 -0.74 7.27
CA PHE G 85 30.16 0.10 6.12
C PHE G 85 31.63 0.08 5.73
N THR G 86 31.87 0.07 4.43
CA THR G 86 33.22 0.05 3.85
C THR G 86 33.65 1.46 3.44
N PRO G 87 34.95 1.76 3.53
CA PRO G 87 35.42 3.09 3.13
C PRO G 87 35.45 3.23 1.61
N MSE G 88 34.62 4.12 1.08
CA MSE G 88 34.53 4.34 -0.35
C MSE G 88 35.78 5.04 -0.90
O MSE G 88 36.59 5.57 -0.14
CB MSE G 88 33.30 5.19 -0.67
CG MSE G 88 31.99 4.56 -0.29
SE MSE G 88 31.53 3.08 -1.45
CE MSE G 88 32.51 1.69 -0.53
N PRO G 89 35.94 5.03 -2.23
CA PRO G 89 37.08 5.67 -2.89
C PRO G 89 36.92 7.18 -2.85
N SER G 90 35.82 7.68 -3.36
CA SER G 90 35.55 9.12 -3.37
C SER G 90 34.44 9.52 -2.40
N PRO G 91 34.66 10.60 -1.61
CA PRO G 91 33.63 11.04 -0.67
C PRO G 91 32.38 11.45 -1.43
N TYR G 92 32.49 11.48 -2.75
CA TYR G 92 31.39 11.84 -3.64
C TYR G 92 31.36 10.89 -4.83
N TYR G 93 31.66 9.62 -4.56
CA TYR G 93 31.70 8.62 -5.61
C TYR G 93 30.42 8.54 -6.44
N MSE G 94 29.27 8.51 -5.77
CA MSE G 94 28.00 8.43 -6.48
C MSE G 94 27.90 9.54 -7.51
O MSE G 94 27.59 9.29 -8.67
CB MSE G 94 26.85 8.58 -5.49
CG MSE G 94 25.50 8.24 -6.08
SE MSE G 94 25.43 6.35 -6.44
CE MSE G 94 24.28 6.39 -8.00
N GLU G 95 28.16 10.76 -7.09
CA GLU G 95 28.08 11.94 -7.95
C GLU G 95 29.20 12.03 -8.98
N LEU G 96 30.39 11.54 -8.63
CA LEU G 96 31.49 11.59 -9.59
C LEU G 96 31.17 10.65 -10.73
N THR G 97 30.55 9.53 -10.39
CA THR G 97 30.17 8.51 -11.36
C THR G 97 28.96 8.96 -12.18
N LYS G 98 27.99 9.55 -11.52
CA LYS G 98 26.81 10.01 -12.21
C LYS G 98 27.21 11.07 -13.23
N LEU G 99 28.15 11.93 -12.86
CA LEU G 99 28.59 13.00 -13.76
C LEU G 99 29.67 12.61 -14.78
N LEU G 100 30.64 11.79 -14.38
CA LEU G 100 31.67 11.40 -15.33
C LEU G 100 31.13 10.41 -16.36
N LEU G 101 29.84 10.12 -16.30
CA LEU G 101 29.21 9.21 -17.25
C LEU G 101 28.04 9.92 -17.91
N ASN G 102 27.57 10.95 -17.23
CA ASN G 102 26.47 11.76 -17.73
C ASN G 102 27.10 12.67 -18.79
N HIS G 103 28.42 12.82 -18.71
CA HIS G 103 29.16 13.67 -19.64
C HIS G 103 30.43 13.05 -20.22
N ALA G 104 31.26 12.45 -19.37
CA ALA G 104 32.51 11.84 -19.86
C ALA G 104 32.33 10.36 -20.23
N SER G 105 31.15 10.05 -20.79
CA SER G 105 30.81 8.69 -21.21
C SER G 105 31.87 8.11 -22.14
N ASP G 106 32.58 9.03 -22.78
CA ASP G 106 33.64 8.71 -23.74
C ASP G 106 34.92 8.21 -23.07
N ASN G 107 35.69 9.16 -22.56
CA ASN G 107 36.97 8.86 -21.92
C ASN G 107 36.97 7.68 -20.94
N ILE G 108 35.80 7.17 -20.57
CA ILE G 108 35.76 6.08 -19.62
C ILE G 108 35.66 4.65 -20.15
N PRO G 109 36.58 3.78 -19.69
CA PRO G 109 36.67 2.37 -20.08
C PRO G 109 35.51 1.56 -19.49
N LYS G 110 34.83 0.80 -20.35
CA LYS G 110 33.70 -0.03 -19.91
C LYS G 110 32.53 0.86 -19.53
N ALA G 111 32.05 1.65 -20.49
CA ALA G 111 30.94 2.58 -20.29
C ALA G 111 29.91 2.10 -19.27
N ASP G 112 28.82 1.50 -19.74
CA ASP G 112 27.76 1.04 -18.86
C ASP G 112 28.20 0.01 -17.82
N GLU G 113 29.42 -0.50 -17.95
CA GLU G 113 29.93 -1.50 -17.00
C GLU G 113 30.03 -0.88 -15.61
N ILE G 114 30.66 0.29 -15.51
CA ILE G 114 30.83 0.98 -14.24
C ILE G 114 29.47 1.56 -13.82
N ARG G 115 28.74 2.09 -14.79
CA ARG G 115 27.43 2.70 -14.58
C ARG G 115 26.42 1.75 -13.94
N THR G 116 26.89 0.58 -13.52
CA THR G 116 26.01 -0.41 -12.90
C THR G 116 26.74 -1.10 -11.76
N LEU G 117 28.06 -1.18 -11.88
CA LEU G 117 28.87 -1.81 -10.84
C LEU G 117 28.91 -0.90 -9.61
N VAL G 118 28.62 0.38 -9.81
CA VAL G 118 28.59 1.34 -8.73
C VAL G 118 27.22 1.30 -8.10
N LYS G 119 26.20 1.45 -8.95
CA LYS G 119 24.82 1.44 -8.49
C LYS G 119 24.57 0.22 -7.61
N ASP G 120 25.27 -0.87 -7.89
CA ASP G 120 25.11 -2.07 -7.09
C ASP G 120 25.58 -1.73 -5.68
N MSE G 121 26.71 -1.05 -5.58
CA MSE G 121 27.25 -0.65 -4.27
C MSE G 121 26.27 0.26 -3.56
O MSE G 121 25.94 0.06 -2.40
CB MSE G 121 28.59 0.07 -4.41
CG MSE G 121 29.76 -0.84 -4.67
SE MSE G 121 31.45 -0.02 -4.20
CE MSE G 121 31.85 0.82 -5.90
N TRP G 122 25.80 1.29 -4.28
CA TRP G 122 24.85 2.21 -3.69
C TRP G 122 23.64 1.49 -3.13
N ASP G 123 23.12 0.53 -3.90
CA ASP G 123 21.95 -0.23 -3.48
C ASP G 123 22.14 -1.07 -2.23
N THR G 124 23.27 -1.78 -2.15
CA THR G 124 23.48 -2.60 -0.97
C THR G 124 23.79 -1.71 0.24
N ARG G 125 24.19 -0.47 -0.01
CA ARG G 125 24.51 0.46 1.07
C ARG G 125 23.26 1.09 1.68
N ILE G 126 22.46 1.75 0.85
CA ILE G 126 21.24 2.38 1.31
C ILE G 126 20.42 1.33 2.08
N ALA G 127 20.65 0.06 1.75
CA ALA G 127 19.97 -1.06 2.40
C ALA G 127 20.53 -1.33 3.78
N LYS G 128 21.86 -1.35 3.88
CA LYS G 128 22.52 -1.58 5.17
C LYS G 128 22.18 -0.44 6.09
N LEU G 129 21.86 0.71 5.48
CA LEU G 129 21.52 1.90 6.23
C LEU G 129 20.20 1.67 6.98
N ARG G 130 19.16 1.25 6.26
CA ARG G 130 17.90 0.98 6.91
C ARG G 130 18.12 -0.02 8.05
N VAL G 131 18.80 -1.12 7.77
CA VAL G 131 19.09 -2.12 8.79
C VAL G 131 19.86 -1.53 9.97
N SER G 132 20.89 -0.75 9.69
CA SER G 132 21.69 -0.13 10.76
C SER G 132 20.84 0.86 11.55
N ALA G 133 20.04 1.64 10.84
CA ALA G 133 19.16 2.62 11.49
C ALA G 133 18.15 1.93 12.41
N ASP G 134 17.55 0.83 11.96
CA ASP G 134 16.57 0.13 12.78
C ASP G 134 17.25 -0.41 14.03
N SER G 135 18.42 -1.00 13.82
CA SER G 135 19.19 -1.52 14.92
C SER G 135 19.43 -0.41 15.92
N PHE G 136 19.78 0.77 15.39
CA PHE G 136 20.04 1.96 16.18
C PHE G 136 18.88 2.37 17.09
N VAL G 137 17.68 2.33 16.51
CA VAL G 137 16.49 2.68 17.25
C VAL G 137 16.12 1.68 18.32
N ARG G 138 16.12 0.39 17.95
CA ARG G 138 15.79 -0.68 18.88
C ARG G 138 16.75 -0.80 20.05
N GLN G 139 18.04 -0.57 19.81
CA GLN G 139 19.02 -0.66 20.90
C GLN G 139 19.08 0.62 21.71
N GLN G 140 18.25 1.59 21.34
CA GLN G 140 18.20 2.86 22.03
C GLN G 140 19.54 3.59 22.10
N GLU G 141 20.23 3.67 20.97
CA GLU G 141 21.53 4.33 20.89
C GLU G 141 21.34 5.85 21.03
N ALA G 142 22.36 6.54 21.54
CA ALA G 142 22.29 7.99 21.71
C ALA G 142 23.21 8.74 20.73
N HIS G 143 24.08 7.98 20.08
CA HIS G 143 25.04 8.56 19.16
C HIS G 143 25.52 7.46 18.24
N ALA G 144 26.20 7.85 17.15
CA ALA G 144 26.70 6.87 16.21
C ALA G 144 27.73 7.49 15.29
N LYS G 145 28.88 6.83 15.16
CA LYS G 145 29.94 7.31 14.29
C LYS G 145 29.57 6.91 12.87
N LEU G 146 29.92 7.73 11.88
CA LEU G 146 29.56 7.42 10.50
C LEU G 146 30.61 7.89 9.53
N ASP G 147 31.88 7.61 9.81
CA ASP G 147 32.95 8.08 8.92
C ASP G 147 32.98 7.50 7.52
N ASN G 148 32.65 6.23 7.37
CA ASN G 148 32.66 5.61 6.04
C ASN G 148 31.43 5.92 5.20
N LEU G 149 30.48 6.65 5.77
CA LEU G 149 29.29 7.04 5.05
C LEU G 149 29.61 8.31 4.27
N THR G 150 28.78 8.65 3.30
CA THR G 150 29.01 9.85 2.51
C THR G 150 27.73 10.69 2.47
N LEU G 151 27.87 11.99 2.25
CA LEU G 151 26.72 12.88 2.21
C LEU G 151 25.51 12.30 1.51
N MSE G 152 25.51 12.25 0.17
CA MSE G 152 24.37 11.70 -0.56
C MSE G 152 23.66 10.59 0.20
O MSE G 152 22.43 10.56 0.30
CB MSE G 152 24.80 11.16 -1.91
CG MSE G 152 24.77 12.19 -3.01
SE MSE G 152 22.99 12.87 -3.23
CE MSE G 152 22.26 11.32 -4.10
N GLU G 153 24.45 9.69 0.76
CA GLU G 153 23.88 8.58 1.51
C GLU G 153 23.16 9.03 2.79
N ILE G 154 23.88 9.69 3.67
CA ILE G 154 23.27 10.13 4.92
C ILE G 154 22.28 11.27 4.71
N ASN G 155 22.29 11.87 3.54
CA ASN G 155 21.43 13.00 3.30
C ASN G 155 20.21 12.69 2.46
N THR G 156 19.89 11.42 2.29
CA THR G 156 18.71 11.02 1.52
C THR G 156 17.76 10.25 2.43
N SER G 157 18.27 9.84 3.59
CA SER G 157 17.50 9.10 4.59
C SER G 157 17.69 9.85 5.90
N GLY G 158 18.52 10.88 5.83
CA GLY G 158 18.84 11.69 6.99
C GLY G 158 17.69 12.42 7.62
N THR G 159 16.94 13.21 6.86
CA THR G 159 15.84 13.93 7.47
C THR G 159 14.91 12.97 8.18
N PHE G 160 14.59 11.87 7.52
CA PHE G 160 13.70 10.87 8.06
C PHE G 160 14.22 10.26 9.35
N LEU G 161 15.43 9.73 9.30
CA LEU G 161 16.00 9.08 10.47
C LEU G 161 16.13 10.09 11.60
N THR G 162 16.18 11.35 11.21
CA THR G 162 16.32 12.41 12.17
C THR G 162 15.00 12.85 12.80
N GLN G 163 13.95 13.04 12.01
CA GLN G 163 12.66 13.43 12.58
C GLN G 163 12.20 12.31 13.49
N ALA G 164 12.43 11.09 13.02
CA ALA G 164 12.09 9.91 13.77
C ALA G 164 12.71 9.97 15.15
N LEU G 165 14.03 10.17 15.22
CA LEU G 165 14.73 10.23 16.50
C LEU G 165 14.21 11.36 17.40
N ASN G 166 13.73 12.42 16.76
CA ASN G 166 13.21 13.55 17.50
C ASN G 166 11.89 13.24 18.19
N HIS G 167 10.96 12.61 17.47
CA HIS G 167 9.71 12.22 18.07
C HIS G 167 9.99 11.29 19.24
N MSE G 168 10.80 10.28 19.00
CA MSE G 168 11.12 9.36 20.07
C MSE G 168 11.69 10.09 21.29
O MSE G 168 11.31 9.81 22.41
CB MSE G 168 12.11 8.34 19.57
CG MSE G 168 11.58 7.60 18.36
SE MSE G 168 12.77 6.21 17.73
CE MSE G 168 14.00 6.14 19.28
N TYR G 169 12.59 11.03 21.06
CA TYR G 169 13.18 11.76 22.17
C TYR G 169 12.11 12.51 22.96
N LYS G 170 11.16 13.11 22.25
CA LYS G 170 10.09 13.83 22.94
C LYS G 170 9.26 12.80 23.73
N LEU G 171 9.00 11.65 23.12
CA LEU G 171 8.25 10.56 23.75
C LEU G 171 8.97 9.98 24.96
N ARG G 172 10.29 9.96 24.89
CA ARG G 172 11.10 9.43 25.96
C ARG G 172 11.28 10.43 27.11
N THR G 173 10.66 11.60 27.01
CA THR G 173 10.79 12.59 28.09
C THR G 173 9.50 13.41 28.29
N ASN G 174 8.34 12.84 27.97
CA ASN G 174 7.07 13.56 28.11
C ASN G 174 6.55 13.74 29.53
N LEU G 175 7.06 12.97 30.48
CA LEU G 175 6.62 13.12 31.86
C LEU G 175 7.83 13.41 32.71
N GLN G 176 8.83 14.03 32.08
CA GLN G 176 10.09 14.39 32.74
C GLN G 176 10.88 13.18 33.23
N GLU H 3 7.98 23.24 -0.10
CA GLU H 3 7.53 24.67 -0.16
C GLU H 3 8.28 25.54 0.87
N ALA H 4 8.24 26.86 0.66
CA ALA H 4 8.91 27.80 1.57
C ALA H 4 7.96 28.03 2.73
N TYR H 5 6.93 27.19 2.78
CA TYR H 5 5.92 27.24 3.81
C TYR H 5 6.31 26.40 5.02
N PHE H 6 6.74 27.07 6.08
CA PHE H 6 7.08 26.34 7.29
C PHE H 6 5.97 26.47 8.32
N ARG H 7 5.06 25.49 8.30
CA ARG H 7 3.91 25.41 9.18
C ARG H 7 4.41 25.14 10.59
N VAL H 8 3.67 25.59 11.61
CA VAL H 8 4.11 25.35 12.98
C VAL H 8 4.12 23.86 13.26
N GLU H 9 5.25 23.37 13.73
CA GLU H 9 5.40 21.95 14.05
C GLU H 9 4.66 21.64 15.34
N SER H 10 4.30 20.37 15.51
CA SER H 10 3.58 19.93 16.68
C SER H 10 4.53 19.72 17.86
N GLY H 11 3.99 19.77 19.07
CA GLY H 11 4.79 19.57 20.25
C GLY H 11 4.16 18.60 21.24
N ALA H 12 2.93 18.15 20.93
CA ALA H 12 2.19 17.25 21.80
C ALA H 12 2.92 15.98 22.27
N LEU H 13 3.76 15.38 21.42
CA LEU H 13 4.44 14.16 21.84
C LEU H 13 5.39 14.39 23.02
N GLY H 14 5.58 15.66 23.35
CA GLY H 14 6.45 15.99 24.46
C GLY H 14 5.65 16.54 25.62
N PRO H 15 6.31 17.16 26.61
CA PRO H 15 5.65 17.74 27.79
C PRO H 15 4.41 18.58 27.48
N GLU H 16 4.50 19.49 26.52
CA GLU H 16 3.35 20.32 26.20
C GLU H 16 3.08 20.51 24.72
N GLU H 17 1.87 20.97 24.41
CA GLU H 17 1.47 21.23 23.02
C GLU H 17 2.16 22.53 22.58
N ASN H 18 2.01 22.86 21.30
CA ASN H 18 2.55 24.10 20.78
C ASN H 18 1.35 24.97 20.48
N PHE H 19 1.20 26.00 21.29
CA PHE H 19 0.08 26.91 21.16
C PHE H 19 -0.45 27.13 19.76
N LEU H 20 0.43 27.16 18.77
CA LEU H 20 0.00 27.45 17.41
C LEU H 20 0.01 26.30 16.42
N SER H 21 0.22 25.09 16.91
CA SER H 21 0.24 23.93 16.03
C SER H 21 -1.17 23.52 15.65
N LEU H 22 -1.49 23.55 14.35
CA LEU H 22 -2.80 23.13 13.90
C LEU H 22 -2.98 21.66 14.28
N ASP H 23 -1.89 20.90 14.22
CA ASP H 23 -1.91 19.48 14.54
C ASP H 23 -2.27 19.29 15.99
N ASP H 24 -1.73 20.18 16.82
CA ASP H 24 -1.95 20.10 18.25
C ASP H 24 -3.31 20.54 18.75
N ILE H 25 -4.02 21.37 17.99
CA ILE H 25 -5.32 21.83 18.47
C ILE H 25 -6.41 21.00 17.84
N LEU H 26 -5.99 20.10 16.96
CA LEU H 26 -6.90 19.20 16.29
C LEU H 26 -6.90 17.97 17.18
N MSE H 27 -5.75 17.64 17.71
CA MSE H 27 -5.64 16.50 18.61
C MSE H 27 -6.36 16.80 19.91
O MSE H 27 -6.98 15.93 20.51
CB MSE H 27 -4.17 16.19 18.89
CG MSE H 27 -3.92 15.20 20.02
SE MSE H 27 -4.04 15.95 21.80
CE MSE H 27 -2.81 17.46 21.66
N SER H 28 -6.26 18.05 20.34
CA SER H 28 -6.89 18.49 21.58
C SER H 28 -8.42 18.52 21.54
N HIS H 29 -9.00 18.29 20.37
CA HIS H 29 -10.44 18.28 20.28
C HIS H 29 -11.05 16.92 20.57
N GLU H 30 -10.29 15.87 20.29
CA GLU H 30 -10.75 14.52 20.53
C GLU H 30 -11.27 14.43 21.97
N LYS H 31 -12.34 13.64 22.15
CA LYS H 31 -12.98 13.48 23.45
C LYS H 31 -12.34 12.51 24.43
N LEU H 32 -12.56 12.82 25.69
CA LEU H 32 -12.04 12.04 26.79
C LEU H 32 -13.27 11.66 27.64
N PRO H 33 -13.22 10.53 28.35
CA PRO H 33 -14.36 10.13 29.17
C PRO H 33 -14.26 10.85 30.51
N VAL H 34 -15.33 11.52 30.93
CA VAL H 34 -15.26 12.23 32.19
C VAL H 34 -16.56 12.18 33.01
N ARG H 35 -16.43 12.33 34.32
CA ARG H 35 -17.59 12.34 35.21
C ARG H 35 -17.53 13.59 36.09
N THR H 36 -18.55 14.44 35.98
CA THR H 36 -18.57 15.68 36.76
C THR H 36 -18.65 15.40 38.25
N GLU H 37 -17.79 16.07 39.01
CA GLU H 37 -17.75 15.92 40.45
C GLU H 37 -18.46 17.10 41.13
N THR H 38 -19.28 17.82 40.39
CA THR H 38 -19.98 18.97 40.93
C THR H 38 -21.02 19.43 39.92
N ALA H 39 -22.08 20.07 40.42
CA ALA H 39 -23.15 20.57 39.56
C ALA H 39 -22.72 21.77 38.76
N MSE H 40 -23.10 21.75 37.48
CA MSE H 40 -22.78 22.83 36.56
C MSE H 40 -24.06 23.43 36.04
O MSE H 40 -24.61 22.99 35.02
CB MSE H 40 -21.92 22.31 35.42
CG MSE H 40 -20.72 21.49 35.88
SE MSE H 40 -19.37 21.26 34.50
CE MSE H 40 -18.24 22.76 34.98
N PRO H 41 -24.58 24.45 36.73
CA PRO H 41 -25.81 25.12 36.34
C PRO H 41 -25.76 25.85 35.00
N ARG H 42 -26.81 25.68 34.21
CA ARG H 42 -26.95 26.34 32.91
C ARG H 42 -26.30 25.66 31.71
N LEU H 43 -25.56 24.57 31.94
CA LEU H 43 -24.92 23.87 30.83
C LEU H 43 -25.80 22.76 30.28
N GLY H 44 -26.59 22.13 31.14
CA GLY H 44 -27.46 21.06 30.69
C GLY H 44 -28.12 21.46 29.40
N ALA H 45 -28.42 22.76 29.29
CA ALA H 45 -29.07 23.34 28.12
C ALA H 45 -28.61 22.64 26.86
N PHE H 46 -27.31 22.65 26.59
CA PHE H 46 -26.78 21.97 25.40
C PHE H 46 -25.79 20.88 25.81
N PHE H 47 -26.37 19.72 26.08
CA PHE H 47 -25.65 18.52 26.48
C PHE H 47 -26.73 17.45 26.40
N LEU H 48 -27.87 17.87 25.83
CA LEU H 48 -29.04 17.00 25.66
C LEU H 48 -29.55 17.12 24.22
N ASP H 57 -32.28 27.62 35.83
CA ASP H 57 -30.96 27.31 35.28
C ASP H 57 -30.66 25.81 35.24
N ASN H 58 -31.41 25.07 34.40
CA ASN H 58 -31.23 23.63 34.28
C ASN H 58 -29.77 23.23 34.14
N ALA H 59 -29.20 22.79 35.26
CA ALA H 59 -27.80 22.40 35.35
C ALA H 59 -27.44 21.03 34.78
N VAL H 60 -26.20 20.62 35.07
CA VAL H 60 -25.68 19.32 34.70
C VAL H 60 -25.41 18.67 36.04
N PRO H 61 -26.21 17.66 36.39
CA PRO H 61 -26.14 16.91 37.63
C PRO H 61 -24.76 16.43 38.04
N GLN H 62 -24.43 16.67 39.31
CA GLN H 62 -23.15 16.31 39.89
C GLN H 62 -22.84 14.81 39.84
N GLY H 63 -22.61 14.30 38.64
CA GLY H 63 -22.29 12.89 38.51
C GLY H 63 -22.52 12.45 37.08
N SER H 64 -22.67 13.42 36.19
CA SER H 64 -22.90 13.11 34.80
C SER H 64 -21.66 12.55 34.14
N LYS H 65 -21.85 11.59 33.25
CA LYS H 65 -20.75 10.99 32.52
C LYS H 65 -20.69 11.64 31.15
N LEU H 66 -19.72 12.53 30.97
CA LEU H 66 -19.55 13.24 29.71
C LEU H 66 -18.34 12.82 28.92
N GLU H 67 -18.34 13.27 27.66
CA GLU H 67 -17.27 13.05 26.70
C GLU H 67 -16.80 14.47 26.38
N LEU H 68 -15.73 14.92 27.02
CA LEU H 68 -15.23 16.28 26.78
C LEU H 68 -13.99 16.33 25.89
N PRO H 69 -13.81 17.44 25.17
CA PRO H 69 -12.64 17.61 24.31
C PRO H 69 -11.41 17.67 25.23
N LEU H 70 -10.34 16.96 24.92
CA LEU H 70 -9.17 16.99 25.81
C LEU H 70 -8.82 18.39 26.30
N TRP H 71 -8.93 19.39 25.44
CA TRP H 71 -8.61 20.74 25.88
C TRP H 71 -9.49 21.19 27.04
N LEU H 72 -10.81 21.05 26.89
CA LEU H 72 -11.78 21.44 27.90
C LEU H 72 -11.60 20.70 29.22
N ALA H 73 -11.29 19.40 29.14
CA ALA H 73 -11.08 18.57 30.33
C ALA H 73 -9.77 18.92 31.02
N LYS H 74 -8.81 19.39 30.25
CA LYS H 74 -7.53 19.76 30.85
C LYS H 74 -7.74 21.08 31.61
N GLY H 75 -8.64 21.90 31.08
CA GLY H 75 -8.94 23.18 31.69
C GLY H 75 -9.61 23.08 33.05
N LEU H 76 -10.61 22.21 33.15
CA LEU H 76 -11.37 22.01 34.38
C LEU H 76 -10.74 21.08 35.43
N PHE H 77 -9.95 20.12 34.96
CA PHE H 77 -9.31 19.16 35.86
C PHE H 77 -8.33 19.81 36.86
N ASP H 78 -8.15 19.14 38.00
CA ASP H 78 -7.22 19.58 39.03
C ASP H 78 -7.01 18.30 39.84
N ASN H 79 -5.84 18.15 40.46
CA ASN H 79 -5.55 16.91 41.20
C ASN H 79 -6.48 16.49 42.33
N LYS H 80 -7.50 17.27 42.61
CA LYS H 80 -8.41 16.93 43.69
C LYS H 80 -9.77 16.55 43.13
N ARG H 81 -9.85 16.59 41.81
CA ARG H 81 -11.07 16.25 41.12
C ARG H 81 -12.30 16.99 41.67
N ARG H 82 -12.18 18.31 41.78
CA ARG H 82 -13.27 19.15 42.27
C ARG H 82 -14.36 19.30 41.25
N ILE H 83 -13.98 19.58 40.00
CA ILE H 83 -14.99 19.75 38.96
C ILE H 83 -15.26 18.47 38.20
N LEU H 84 -14.21 17.70 37.90
CA LEU H 84 -14.40 16.46 37.17
C LEU H 84 -13.37 15.39 37.46
N SER H 85 -13.65 14.18 36.98
CA SER H 85 -12.80 13.01 37.15
C SER H 85 -12.62 12.51 35.74
N VAL H 86 -11.43 12.04 35.43
CA VAL H 86 -11.16 11.58 34.09
C VAL H 86 -10.81 10.10 34.05
N GLU H 87 -11.08 9.47 32.91
CA GLU H 87 -10.77 8.07 32.72
C GLU H 87 -9.99 7.90 31.42
N LEU H 88 -8.96 7.06 31.45
CA LEU H 88 -8.14 6.83 30.26
C LEU H 88 -8.94 6.12 29.20
N PRO H 89 -8.81 6.54 27.95
CA PRO H 89 -9.56 5.85 26.90
C PRO H 89 -9.05 4.41 26.88
N LYS H 90 -9.88 3.48 26.43
CA LYS H 90 -9.52 2.07 26.39
C LYS H 90 -8.14 1.77 25.80
N ILE H 91 -7.90 2.28 24.59
CA ILE H 91 -6.63 2.04 23.92
C ILE H 91 -5.37 2.28 24.77
N TYR H 92 -5.46 3.08 25.83
CA TYR H 92 -4.29 3.33 26.67
C TYR H 92 -4.28 2.51 27.95
N GLN H 93 -5.25 1.61 28.08
CA GLN H 93 -5.31 0.79 29.30
C GLN H 93 -4.46 -0.46 29.18
N GLU H 94 -4.10 -1.02 30.33
CA GLU H 94 -3.24 -2.19 30.43
C GLU H 94 -3.37 -3.28 29.38
N GLY H 95 -4.57 -3.77 29.14
CA GLY H 95 -4.75 -4.82 28.15
C GLY H 95 -4.17 -4.52 26.79
N TRP H 96 -4.42 -3.31 26.30
CA TRP H 96 -3.92 -2.85 25.00
C TRP H 96 -2.43 -2.53 25.11
N ARG H 97 -2.01 -1.99 26.24
CA ARG H 97 -0.61 -1.68 26.45
C ARG H 97 0.16 -3.00 26.35
N THR H 98 -0.49 -4.09 26.72
CA THR H 98 0.15 -5.40 26.66
C THR H 98 0.15 -5.86 25.20
N VAL H 99 -0.92 -5.56 24.49
CA VAL H 99 -0.98 -5.98 23.10
C VAL H 99 0.09 -5.25 22.32
N PHE H 100 0.16 -3.92 22.49
CA PHE H 100 1.14 -3.08 21.80
C PHE H 100 2.55 -3.57 22.01
N SER H 101 2.79 -4.06 23.22
CA SER H 101 4.11 -4.56 23.59
C SER H 101 4.52 -5.80 22.82
N ALA H 102 3.56 -6.67 22.55
CA ALA H 102 3.84 -7.91 21.83
C ALA H 102 3.96 -7.70 20.34
N ASP H 103 3.13 -6.83 19.77
CA ASP H 103 3.21 -6.61 18.34
C ASP H 103 2.54 -5.33 17.92
N PRO H 104 3.25 -4.20 18.08
CA PRO H 104 2.73 -2.88 17.72
C PRO H 104 2.32 -2.72 16.26
N ASN H 105 2.94 -3.49 15.37
CA ASN H 105 2.63 -3.38 13.95
C ASN H 105 1.21 -3.79 13.60
N VAL H 106 0.59 -4.58 14.48
CA VAL H 106 -0.77 -5.07 14.26
C VAL H 106 -1.87 -4.00 14.34
N VAL H 107 -1.72 -3.06 15.27
CA VAL H 107 -2.72 -2.03 15.51
C VAL H 107 -2.83 -0.87 14.50
N ASP H 108 -4.04 -0.64 14.00
CA ASP H 108 -4.27 0.46 13.08
C ASP H 108 -4.39 1.71 13.93
N LEU H 109 -3.27 2.42 14.05
CA LEU H 109 -3.23 3.63 14.86
C LEU H 109 -4.02 4.79 14.26
N HIS H 110 -4.40 4.69 12.99
CA HIS H 110 -5.20 5.76 12.41
C HIS H 110 -6.57 5.73 13.06
N LYS H 111 -7.16 4.53 13.12
CA LYS H 111 -8.47 4.34 13.72
C LYS H 111 -8.49 4.59 15.22
N MSE H 112 -7.46 4.14 15.93
CA MSE H 112 -7.41 4.35 17.37
C MSE H 112 -7.05 5.79 17.69
O MSE H 112 -6.04 6.07 18.31
CB MSE H 112 -6.40 3.41 18.02
CG MSE H 112 -6.66 1.91 17.80
SE MSE H 112 -8.45 1.32 18.34
CE MSE H 112 -8.53 2.19 20.06
N GLY H 113 -7.91 6.71 17.25
CA GLY H 113 -7.66 8.13 17.47
C GLY H 113 -6.58 8.45 16.47
N PRO H 114 -6.77 9.44 15.58
CA PRO H 114 -5.71 9.74 14.60
C PRO H 114 -4.37 10.08 15.28
N HIS H 115 -4.42 10.95 16.28
CA HIS H 115 -3.23 11.36 17.00
C HIS H 115 -2.95 10.48 18.19
N PHE H 116 -2.66 9.23 17.91
CA PHE H 116 -2.36 8.29 18.95
C PHE H 116 -1.26 8.75 19.92
N TYR H 117 -0.10 9.17 19.41
CA TYR H 117 1.01 9.55 20.28
C TYR H 117 0.85 10.88 21.02
N GLY H 118 0.34 11.88 20.31
CA GLY H 118 0.14 13.18 20.91
C GLY H 118 -0.90 13.07 22.01
N PHE H 119 -1.95 12.30 21.78
CA PHE H 119 -2.99 12.15 22.78
C PHE H 119 -2.45 11.44 23.99
N GLY H 120 -1.86 10.28 23.74
CA GLY H 120 -1.32 9.53 24.85
C GLY H 120 -0.44 10.41 25.70
N SER H 121 0.43 11.17 25.04
CA SER H 121 1.35 12.06 25.73
C SER H 121 0.62 13.10 26.57
N GLN H 122 -0.27 13.86 25.95
CA GLN H 122 -1.01 14.88 26.68
C GLN H 122 -1.85 14.28 27.80
N LEU H 123 -2.31 13.05 27.58
CA LEU H 123 -3.12 12.32 28.55
C LEU H 123 -2.43 12.22 29.92
N LEU H 124 -1.10 12.32 29.93
CA LEU H 124 -0.30 12.22 31.16
C LEU H 124 -0.55 13.35 32.15
N HIS H 125 -1.02 14.48 31.65
CA HIS H 125 -1.28 15.61 32.52
C HIS H 125 -2.38 15.41 33.55
N PHE H 126 -3.05 14.25 33.52
CA PHE H 126 -4.13 14.00 34.43
C PHE H 126 -3.79 13.25 35.71
N ASP H 127 -2.50 13.15 36.00
CA ASP H 127 -2.07 12.52 37.24
C ASP H 127 -2.32 11.03 37.42
N SER H 128 -2.57 10.29 36.34
CA SER H 128 -2.84 8.86 36.47
C SER H 128 -1.71 8.11 37.16
N PRO H 129 -2.05 7.17 38.04
CA PRO H 129 -0.96 6.45 38.69
C PRO H 129 -0.28 5.51 37.71
N GLU H 130 -0.87 5.31 36.53
CA GLU H 130 -0.25 4.42 35.57
C GLU H 130 0.43 5.19 34.45
N ASN H 131 0.82 6.42 34.77
CA ASN H 131 1.50 7.31 33.85
C ASN H 131 2.80 6.74 33.31
N ALA H 132 3.71 6.38 34.20
CA ALA H 132 4.99 5.81 33.77
C ALA H 132 4.74 4.73 32.72
N ASP H 133 3.79 3.84 32.98
CA ASP H 133 3.44 2.77 32.05
C ASP H 133 2.93 3.28 30.72
N ILE H 134 1.95 4.19 30.75
CA ILE H 134 1.40 4.78 29.52
C ILE H 134 2.55 5.40 28.71
N SER H 135 3.43 6.10 29.42
CA SER H 135 4.57 6.77 28.82
C SER H 135 5.52 5.82 28.09
N GLN H 136 6.02 4.81 28.79
CA GLN H 136 6.94 3.90 28.15
C GLN H 136 6.28 3.10 27.04
N SER H 137 4.95 3.03 27.08
CA SER H 137 4.23 2.29 26.06
C SER H 137 4.34 3.03 24.73
N LEU H 138 3.96 4.30 24.73
CA LEU H 138 4.01 5.10 23.52
C LEU H 138 5.41 5.03 22.89
N LEU H 139 6.47 5.11 23.70
CA LEU H 139 7.83 5.03 23.18
C LEU H 139 8.04 3.68 22.47
N GLN H 140 7.86 2.61 23.22
CA GLN H 140 8.00 1.23 22.76
C GLN H 140 7.19 0.93 21.49
N THR H 141 5.97 1.42 21.38
CA THR H 141 5.22 1.10 20.17
C THR H 141 5.70 1.95 19.00
N PHE H 142 6.27 3.12 19.29
CA PHE H 142 6.79 3.94 18.21
C PHE H 142 8.04 3.24 17.66
N ILE H 143 8.89 2.76 18.56
CA ILE H 143 10.08 2.03 18.15
C ILE H 143 9.62 0.87 17.28
N GLY H 144 8.77 0.04 17.85
CA GLY H 144 8.27 -1.12 17.14
C GLY H 144 7.66 -0.93 15.77
N ARG H 145 7.35 0.30 15.38
CA ARG H 145 6.75 0.50 14.07
C ARG H 145 7.69 1.20 13.11
N PHE H 146 8.79 1.71 13.65
CA PHE H 146 9.79 2.43 12.87
C PHE H 146 10.26 1.71 11.59
N ARG H 147 10.82 0.51 11.75
CA ARG H 147 11.34 -0.25 10.64
C ARG H 147 10.36 -0.38 9.49
N ARG H 148 9.08 -0.62 9.79
CA ARG H 148 8.11 -0.78 8.72
C ARG H 148 7.68 0.56 8.11
N ILE H 149 7.74 1.63 8.89
CA ILE H 149 7.39 2.96 8.36
C ILE H 149 8.49 3.37 7.36
N MSE H 150 9.73 3.12 7.74
CA MSE H 150 10.88 3.46 6.91
C MSE H 150 10.97 2.74 5.58
O MSE H 150 11.08 3.37 4.52
CB MSE H 150 12.16 3.23 7.69
CG MSE H 150 13.40 3.25 6.82
SE MSE H 150 14.98 2.90 7.84
CE MSE H 150 15.46 4.75 8.16
N ASP H 151 10.93 1.41 5.61
CA ASP H 151 11.01 0.63 4.37
C ASP H 151 9.96 1.10 3.37
N SER H 152 8.77 1.38 3.86
CA SER H 152 7.71 1.79 2.97
C SER H 152 7.87 3.19 2.44
N SER H 153 8.20 4.14 3.30
CA SER H 153 8.35 5.51 2.81
C SER H 153 9.50 5.59 1.81
N GLN H 154 10.60 4.91 2.11
CA GLN H 154 11.76 4.95 1.25
C GLN H 154 11.76 4.00 0.04
N ASN H 155 10.61 3.41 -0.27
CA ASN H 155 10.54 2.54 -1.45
C ASN H 155 9.59 3.23 -2.40
N ALA H 156 9.49 2.70 -3.62
CA ALA H 156 8.59 3.28 -4.62
C ALA H 156 7.18 2.91 -4.24
N TYR H 157 6.26 3.85 -4.41
CA TYR H 157 4.86 3.64 -4.08
C TYR H 157 4.30 2.38 -4.76
N ASN H 158 3.20 1.86 -4.24
CA ASN H 158 2.54 0.68 -4.81
C ASN H 158 1.20 0.38 -4.15
N GLU H 159 0.54 -0.67 -4.64
CA GLU H 159 -0.76 -1.08 -4.13
C GLU H 159 -0.78 -1.23 -2.61
N ASP H 160 0.02 -2.17 -2.12
CA ASP H 160 0.10 -2.45 -0.70
C ASP H 160 0.45 -1.21 0.13
N THR H 161 1.27 -0.31 -0.43
CA THR H 161 1.67 0.90 0.29
C THR H 161 0.46 1.65 0.86
N SER H 162 -0.51 1.94 0.00
CA SER H 162 -1.73 2.65 0.39
C SER H 162 -2.37 2.01 1.62
N ALA H 163 -2.20 0.70 1.72
CA ALA H 163 -2.73 -0.08 2.82
C ALA H 163 -2.00 0.24 4.12
N LEU H 164 -0.68 0.42 4.05
CA LEU H 164 0.13 0.71 5.21
C LEU H 164 -0.20 2.09 5.78
N VAL H 165 -0.28 3.07 4.88
CA VAL H 165 -0.57 4.43 5.26
C VAL H 165 -1.86 4.53 6.03
N ALA H 166 -2.88 3.83 5.55
CA ALA H 166 -4.19 3.82 6.18
C ALA H 166 -4.21 3.38 7.65
N ARG H 167 -3.11 2.84 8.16
CA ARG H 167 -3.09 2.40 9.55
C ARG H 167 -2.07 3.21 10.33
N LEU H 168 -1.53 4.20 9.64
CA LEU H 168 -0.54 5.07 10.23
C LEU H 168 -1.17 6.21 11.00
N ASP H 169 -0.64 6.47 12.19
CA ASP H 169 -1.12 7.57 13.02
C ASP H 169 -0.64 8.85 12.34
N GLU H 170 -1.11 10.00 12.82
CA GLU H 170 -0.74 11.27 12.20
C GLU H 170 0.74 11.62 12.18
N MSE H 171 1.48 11.35 13.26
CA MSE H 171 2.90 11.65 13.25
C MSE H 171 3.60 10.67 12.33
O MSE H 171 4.58 11.02 11.68
CB MSE H 171 3.48 11.55 14.65
CG MSE H 171 3.03 12.68 15.59
SE MSE H 171 3.56 14.55 15.10
CE MSE H 171 2.03 15.02 13.96
N GLU H 172 3.10 9.44 12.27
CA GLU H 172 3.69 8.41 11.41
C GLU H 172 3.45 8.77 9.95
N ARG H 173 2.27 9.30 9.66
CA ARG H 173 1.93 9.65 8.29
C ARG H 173 2.86 10.72 7.74
N GLY H 174 3.10 11.76 8.55
CA GLY H 174 3.98 12.83 8.13
C GLY H 174 5.39 12.31 7.98
N LEU H 175 5.77 11.44 8.89
CA LEU H 175 7.08 10.82 8.89
C LEU H 175 7.24 10.04 7.58
N PHE H 176 6.18 9.37 7.17
CA PHE H 176 6.16 8.59 5.94
C PHE H 176 6.33 9.54 4.76
N GLN H 177 5.70 10.70 4.88
CA GLN H 177 5.72 11.73 3.84
C GLN H 177 7.13 12.27 3.64
N THR H 178 7.86 12.47 4.73
CA THR H 178 9.22 12.97 4.61
C THR H 178 10.05 11.88 3.96
N GLY H 179 9.90 10.64 4.39
CA GLY H 179 10.65 9.57 3.75
C GLY H 179 10.36 9.59 2.26
N GLN H 180 9.10 9.83 1.91
CA GLN H 180 8.66 9.89 0.51
C GLN H 180 9.37 10.96 -0.28
N LYS H 181 9.56 12.14 0.33
CA LYS H 181 10.24 13.22 -0.37
C LYS H 181 11.71 12.84 -0.57
N GLY H 182 12.26 12.15 0.42
CA GLY H 182 13.64 11.74 0.32
C GLY H 182 13.85 10.96 -0.94
N LEU H 183 12.93 10.06 -1.25
CA LEU H 183 13.04 9.25 -2.45
C LEU H 183 12.84 10.06 -3.72
N ASN H 184 11.83 10.93 -3.74
CA ASN H 184 11.57 11.75 -4.92
C ASN H 184 12.80 12.61 -5.22
N ASP H 185 13.25 13.36 -4.22
CA ASP H 185 14.40 14.22 -4.36
C ASP H 185 15.56 13.48 -5.01
N PHE H 186 15.86 12.29 -4.51
CA PHE H 186 16.95 11.49 -5.05
C PHE H 186 16.70 10.98 -6.46
N GLN H 187 15.48 10.55 -6.72
CA GLN H 187 15.17 10.02 -8.04
C GLN H 187 15.14 11.10 -9.10
N CYS H 188 14.93 12.34 -8.69
CA CYS H 188 14.92 13.45 -9.64
C CYS H 188 16.35 13.77 -9.97
N TRP H 189 17.21 13.69 -8.97
CA TRP H 189 18.64 13.95 -9.13
C TRP H 189 19.26 12.95 -10.11
N GLU H 190 19.20 11.67 -9.75
CA GLU H 190 19.75 10.61 -10.59
C GLU H 190 19.09 10.57 -11.97
N LYS H 191 18.17 11.49 -12.20
CA LYS H 191 17.47 11.56 -13.47
C LYS H 191 17.87 12.84 -14.19
N GLY H 192 18.76 13.61 -13.55
CA GLY H 192 19.21 14.85 -14.14
C GLY H 192 18.42 16.04 -13.65
N GLN H 193 17.58 15.81 -12.65
CA GLN H 193 16.73 16.83 -12.06
C GLN H 193 15.64 17.31 -13.04
N LEU I 11 -4.13 -33.46 43.69
CA LEU I 11 -3.73 -32.35 42.77
C LEU I 11 -4.95 -31.57 42.27
N THR I 12 -4.69 -30.37 41.75
CA THR I 12 -5.74 -29.49 41.26
C THR I 12 -6.40 -29.98 39.97
N PRO I 13 -7.66 -29.56 39.73
CA PRO I 13 -8.48 -29.91 38.56
C PRO I 13 -7.80 -29.67 37.22
N ALA I 14 -7.30 -28.48 36.98
CA ALA I 14 -6.65 -28.22 35.70
C ALA I 14 -5.47 -29.19 35.52
N GLU I 15 -4.82 -29.52 36.63
CA GLU I 15 -3.70 -30.46 36.63
C GLU I 15 -4.23 -31.84 36.26
N LEU I 16 -5.43 -32.15 36.72
CA LEU I 16 -6.03 -33.44 36.44
C LEU I 16 -6.31 -33.62 34.95
N ILE I 17 -7.03 -32.71 34.33
CA ILE I 17 -7.31 -32.91 32.92
C ILE I 17 -6.04 -32.84 32.11
N GLU I 18 -4.93 -32.49 32.75
CA GLU I 18 -3.64 -32.45 32.05
C GLU I 18 -3.14 -33.89 32.04
N ARG I 19 -3.30 -34.55 33.18
CA ARG I 19 -2.89 -35.92 33.38
C ARG I 19 -3.73 -36.83 32.48
N LEU I 20 -4.98 -36.46 32.27
CA LEU I 20 -5.85 -37.23 31.41
C LEU I 20 -5.38 -37.12 29.96
N GLU I 21 -5.04 -35.93 29.52
CA GLU I 21 -4.57 -35.78 28.15
C GLU I 21 -3.19 -36.38 28.06
N GLN I 22 -2.57 -36.58 29.21
CA GLN I 22 -1.23 -37.17 29.26
C GLN I 22 -1.38 -38.63 28.85
N ALA I 23 -2.24 -39.34 29.57
CA ALA I 23 -2.50 -40.75 29.29
C ALA I 23 -3.18 -40.91 27.94
N TRP I 24 -4.05 -39.97 27.60
CA TRP I 24 -4.75 -40.04 26.32
C TRP I 24 -3.76 -40.18 25.19
N MSE I 25 -2.70 -39.40 25.24
CA MSE I 25 -1.71 -39.41 24.18
C MSE I 25 -0.76 -40.58 24.23
O MSE I 25 -0.43 -41.16 23.19
CB MSE I 25 -0.90 -38.12 24.22
CG MSE I 25 -1.72 -36.88 23.93
SE MSE I 25 -0.53 -35.38 23.80
CE MSE I 25 -0.16 -35.58 21.91
N ASN I 26 -0.31 -40.93 25.42
CA ASN I 26 0.57 -42.06 25.57
C ASN I 26 -0.07 -43.29 24.98
N GLU I 27 -1.33 -43.53 25.36
CA GLU I 27 -2.04 -44.66 24.85
C GLU I 27 -2.03 -44.62 23.32
N LYS I 28 -2.19 -43.45 22.73
CA LYS I 28 -2.21 -43.35 21.28
C LYS I 28 -0.87 -43.48 20.56
N PHE I 29 0.22 -43.57 21.32
CA PHE I 29 1.52 -43.69 20.70
C PHE I 29 2.27 -44.98 21.06
N ALA I 30 1.69 -45.79 21.94
CA ALA I 30 2.31 -47.04 22.38
C ALA I 30 1.71 -48.25 21.68
N PRO I 31 2.56 -49.10 21.10
CA PRO I 31 2.06 -50.28 20.40
C PRO I 31 1.28 -51.24 21.30
N GLU I 32 1.45 -51.11 22.61
CA GLU I 32 0.75 -52.00 23.52
C GLU I 32 -0.26 -51.29 24.41
N LEU I 33 -0.94 -52.06 25.25
CA LEU I 33 -1.92 -51.48 26.16
C LEU I 33 -1.18 -51.04 27.40
N LEU I 34 -1.36 -49.79 27.81
CA LEU I 34 -0.68 -49.28 29.00
C LEU I 34 -1.44 -49.59 30.26
N GLU I 35 -0.87 -49.19 31.40
CA GLU I 35 -1.49 -49.44 32.70
C GLU I 35 -2.89 -48.87 32.81
N SER I 36 -3.61 -49.32 33.83
CA SER I 36 -4.98 -48.89 34.03
C SER I 36 -5.21 -47.41 34.35
N LYS I 37 -4.57 -46.90 35.40
CA LYS I 37 -4.78 -45.48 35.74
C LYS I 37 -6.28 -45.22 35.89
N PRO I 38 -6.96 -46.02 36.72
CA PRO I 38 -8.40 -45.93 36.97
C PRO I 38 -8.80 -44.65 37.70
N GLU I 39 -7.88 -44.14 38.52
CA GLU I 39 -8.11 -42.91 39.27
C GLU I 39 -8.41 -41.76 38.31
N ILE I 40 -7.43 -41.39 37.49
CA ILE I 40 -7.62 -40.30 36.54
C ILE I 40 -9.03 -40.40 35.96
N VAL I 41 -9.44 -41.62 35.60
CA VAL I 41 -10.76 -41.80 35.04
C VAL I 41 -11.86 -41.35 35.99
N GLU I 42 -11.95 -42.02 37.14
CA GLU I 42 -12.98 -41.70 38.12
C GLU I 42 -12.99 -40.26 38.60
N CYS I 43 -11.83 -39.60 38.59
CA CYS I 43 -11.76 -38.21 39.01
C CYS I 43 -12.29 -37.27 37.94
N VAL I 44 -11.98 -37.53 36.69
CA VAL I 44 -12.47 -36.69 35.62
C VAL I 44 -13.99 -36.75 35.64
N MSE I 45 -14.53 -37.96 35.82
CA MSE I 45 -15.97 -38.17 35.86
C MSE I 45 -16.60 -37.37 37.00
O MSE I 45 -17.56 -36.64 36.82
CB MSE I 45 -16.26 -39.65 36.07
CG MSE I 45 -15.65 -40.55 35.01
SE MSE I 45 -16.99 -41.59 34.08
CE MSE I 45 -17.72 -40.18 32.97
N GLU I 46 -16.01 -37.52 38.18
CA GLU I 46 -16.45 -36.84 39.38
C GLU I 46 -16.52 -35.34 39.08
N GLN I 47 -15.44 -34.81 38.53
CA GLN I 47 -15.32 -33.39 38.19
C GLN I 47 -16.36 -33.00 37.15
N LEU I 48 -16.55 -33.86 36.14
CA LEU I 48 -17.53 -33.60 35.08
C LEU I 48 -18.87 -33.53 35.74
N GLU I 49 -19.09 -34.45 36.68
CA GLU I 49 -20.34 -34.50 37.42
C GLU I 49 -20.54 -33.18 38.16
N HIS I 50 -19.62 -32.88 39.08
CA HIS I 50 -19.68 -31.64 39.84
C HIS I 50 -20.08 -30.47 38.95
N MSE I 51 -19.16 -30.06 38.08
CA MSE I 51 -19.43 -28.96 37.17
C MSE I 51 -20.77 -29.14 36.47
O MSE I 51 -21.59 -28.23 36.46
CB MSE I 51 -18.30 -28.85 36.12
CG MSE I 51 -18.35 -27.60 35.23
SE MSE I 51 -18.24 -25.89 36.19
CE MSE I 51 -16.41 -25.98 36.80
N GLU I 52 -21.00 -30.32 35.91
CA GLU I 52 -22.25 -30.61 35.19
C GLU I 52 -23.46 -30.11 35.97
N GLU I 53 -23.34 -30.09 37.28
CA GLU I 53 -24.43 -29.61 38.12
C GLU I 53 -24.04 -28.28 38.73
N ASN I 54 -22.89 -28.27 39.42
CA ASN I 54 -22.35 -27.09 40.08
C ASN I 54 -23.03 -25.80 39.63
N LEU I 55 -22.69 -25.32 38.46
CA LEU I 55 -23.30 -24.09 37.95
C LEU I 55 -24.58 -24.40 37.18
N ARG I 56 -24.71 -25.60 36.63
CA ARG I 56 -25.90 -25.94 35.88
C ARG I 56 -27.14 -25.78 36.78
N ARG I 57 -26.89 -25.75 38.09
CA ARG I 57 -27.94 -25.55 39.09
C ARG I 57 -27.43 -24.43 39.99
N ALA I 58 -27.22 -23.28 39.36
CA ALA I 58 -26.74 -22.05 39.98
C ALA I 58 -27.29 -20.95 39.09
N LYS I 59 -28.41 -21.28 38.43
CA LYS I 59 -29.15 -20.41 37.52
C LYS I 59 -28.35 -19.29 36.84
N ARG I 60 -27.50 -19.69 35.89
CA ARG I 60 -26.68 -18.73 35.17
C ARG I 60 -27.11 -18.54 33.72
N GLU I 61 -26.50 -17.56 33.06
CA GLU I 61 -26.84 -17.20 31.69
C GLU I 61 -26.34 -18.09 30.57
N ASP I 62 -26.91 -17.85 29.40
CA ASP I 62 -26.60 -18.60 28.20
C ASP I 62 -25.14 -18.80 27.79
N LEU I 63 -24.48 -17.79 27.24
CA LEU I 63 -23.10 -18.00 26.81
C LEU I 63 -22.17 -18.44 27.93
N LYS I 64 -22.30 -17.88 29.12
CA LYS I 64 -21.41 -18.31 30.20
C LYS I 64 -21.59 -19.82 30.36
N VAL I 65 -22.84 -20.27 30.30
CA VAL I 65 -23.14 -21.70 30.41
C VAL I 65 -22.64 -22.41 29.15
N SER I 66 -23.02 -21.91 27.99
CA SER I 66 -22.58 -22.49 26.73
C SER I 66 -21.06 -22.68 26.74
N ILE I 67 -20.34 -21.75 27.37
CA ILE I 67 -18.89 -21.86 27.46
C ILE I 67 -18.61 -23.08 28.32
N HIS I 68 -18.98 -22.99 29.60
CA HIS I 68 -18.77 -24.09 30.52
C HIS I 68 -19.09 -25.45 29.88
N GLN I 69 -20.10 -25.46 29.00
CA GLN I 69 -20.50 -26.69 28.35
C GLN I 69 -19.48 -27.11 27.32
N MSE I 70 -19.04 -26.14 26.53
CA MSE I 70 -18.06 -26.38 25.48
C MSE I 70 -16.80 -27.03 26.05
O MSE I 70 -16.29 -27.99 25.48
CB MSE I 70 -17.69 -25.07 24.78
CG MSE I 70 -18.74 -24.60 23.78
SE MSE I 70 -18.19 -23.13 22.63
CE MSE I 70 -17.34 -24.13 21.20
N GLU I 71 -16.32 -26.52 27.18
CA GLU I 71 -15.12 -27.09 27.78
C GLU I 71 -15.34 -28.55 28.10
N MSE I 72 -16.46 -28.84 28.78
CA MSE I 72 -16.78 -30.20 29.17
C MSE I 72 -16.88 -31.16 28.00
O MSE I 72 -16.43 -32.30 28.10
CB MSE I 72 -18.09 -30.25 29.95
CG MSE I 72 -18.07 -29.47 31.25
SE MSE I 72 -19.69 -29.77 32.28
CE MSE I 72 -20.99 -29.69 30.81
N GLU I 73 -17.47 -30.71 26.90
CA GLU I 73 -17.54 -31.59 25.74
C GLU I 73 -16.12 -31.98 25.33
N ARG I 74 -15.18 -31.04 25.46
CA ARG I 74 -13.79 -31.30 25.12
C ARG I 74 -13.23 -32.35 26.08
N ILE I 75 -13.34 -32.09 27.38
CA ILE I 75 -12.86 -33.01 28.41
C ILE I 75 -13.45 -34.41 28.25
N ARG I 76 -14.77 -34.45 28.05
CA ARG I 76 -15.50 -35.70 27.89
C ARG I 76 -15.01 -36.45 26.65
N TYR I 77 -14.73 -35.70 25.58
CA TYR I 77 -14.23 -36.28 24.35
C TYR I 77 -12.86 -36.90 24.56
N VAL I 78 -12.02 -36.29 25.38
CA VAL I 78 -10.70 -36.84 25.60
C VAL I 78 -10.88 -38.14 26.35
N LEU I 79 -11.70 -38.12 27.39
CA LEU I 79 -11.92 -39.31 28.17
C LEU I 79 -12.40 -40.43 27.25
N SER I 80 -13.45 -40.17 26.46
CA SER I 80 -13.99 -41.16 25.54
C SER I 80 -12.92 -41.74 24.63
N SER I 81 -12.35 -40.88 23.79
CA SER I 81 -11.29 -41.27 22.86
C SER I 81 -10.26 -42.19 23.55
N TYR I 82 -9.86 -41.83 24.77
CA TYR I 82 -8.88 -42.60 25.52
C TYR I 82 -9.36 -44.04 25.80
N LEU I 83 -10.50 -44.16 26.48
CA LEU I 83 -11.06 -45.46 26.80
C LEU I 83 -11.25 -46.28 25.49
N ARG I 84 -11.63 -45.59 24.43
CA ARG I 84 -11.83 -46.22 23.13
C ARG I 84 -10.53 -46.76 22.55
N CYS I 85 -9.42 -46.07 22.82
CA CYS I 85 -8.13 -46.49 22.30
C CYS I 85 -7.77 -47.81 22.99
N ARG I 86 -8.03 -47.87 24.30
CA ARG I 86 -7.76 -49.06 25.07
C ARG I 86 -8.65 -50.22 24.64
N LEU I 87 -9.94 -49.97 24.47
CA LEU I 87 -10.82 -51.06 24.06
C LEU I 87 -10.39 -51.63 22.73
N MSE I 88 -10.07 -50.77 21.79
CA MSE I 88 -9.68 -51.27 20.48
C MSE I 88 -8.34 -52.00 20.56
O MSE I 88 -7.98 -52.77 19.67
CB MSE I 88 -9.62 -50.11 19.47
CG MSE I 88 -10.94 -49.32 19.40
SE MSE I 88 -12.51 -50.32 18.80
CE MSE I 88 -13.01 -49.18 17.30
N LYS I 89 -7.63 -51.78 21.64
CA LYS I 89 -6.35 -52.42 21.83
C LYS I 89 -6.60 -53.78 22.48
N ILE I 90 -7.63 -53.85 23.32
CA ILE I 90 -7.98 -55.08 23.98
C ILE I 90 -8.61 -56.05 22.98
N GLU I 91 -9.40 -55.51 22.05
CA GLU I 91 -10.06 -56.35 21.06
C GLU I 91 -9.04 -56.88 20.06
N LYS I 92 -7.91 -56.20 19.99
CA LYS I 92 -6.87 -56.56 19.05
C LYS I 92 -5.88 -57.53 19.65
N PHE I 93 -5.77 -57.59 20.96
CA PHE I 93 -4.82 -58.50 21.60
C PHE I 93 -5.43 -59.26 22.78
N PHE I 94 -6.75 -59.42 22.78
CA PHE I 94 -7.41 -60.07 23.90
C PHE I 94 -6.71 -61.29 24.49
N PRO I 95 -6.28 -62.26 23.66
CA PRO I 95 -5.60 -63.44 24.20
C PRO I 95 -4.46 -63.06 25.13
N HIS I 96 -3.65 -62.12 24.67
CA HIS I 96 -2.48 -61.67 25.40
C HIS I 96 -2.75 -60.73 26.54
N VAL I 97 -3.73 -59.87 26.35
CA VAL I 97 -4.14 -58.93 27.36
C VAL I 97 -4.55 -59.81 28.55
N LEU I 98 -5.44 -60.76 28.26
CA LEU I 98 -5.95 -61.70 29.27
C LEU I 98 -4.85 -62.56 29.88
N GLU I 99 -3.96 -63.07 29.04
CA GLU I 99 -2.86 -63.91 29.52
C GLU I 99 -1.91 -63.13 30.42
N LYS I 100 -1.61 -61.89 30.05
CA LYS I 100 -0.72 -61.08 30.86
C LYS I 100 -1.32 -60.81 32.22
N GLU I 101 -2.64 -60.65 32.26
CA GLU I 101 -3.33 -60.39 33.51
C GLU I 101 -3.32 -61.62 34.40
N LYS I 102 -3.55 -62.80 33.82
CA LYS I 102 -3.57 -64.03 34.59
C LYS I 102 -2.21 -64.36 35.18
N THR I 103 -1.17 -63.73 34.65
CA THR I 103 0.17 -64.03 35.12
C THR I 103 0.78 -62.87 35.90
N ARG I 104 0.02 -61.80 36.03
CA ARG I 104 0.48 -60.61 36.74
C ARG I 104 0.63 -60.75 38.26
N PRO I 105 1.87 -60.65 38.76
CA PRO I 105 2.17 -60.75 40.19
C PRO I 105 1.52 -59.58 40.93
N GLU I 106 0.72 -59.85 41.96
CA GLU I 106 0.00 -58.79 42.68
C GLU I 106 0.80 -57.53 43.01
N GLY I 107 2.08 -57.69 43.33
CA GLY I 107 2.90 -56.53 43.62
C GLY I 107 3.22 -55.84 42.30
N GLU I 108 2.17 -55.56 41.51
CA GLU I 108 2.38 -54.91 40.21
C GLU I 108 1.05 -54.39 39.60
N PRO I 109 1.10 -53.24 38.91
CA PRO I 109 -0.01 -52.55 38.26
C PRO I 109 -0.65 -53.24 37.06
N SER I 110 -1.95 -53.52 37.15
CA SER I 110 -2.66 -54.18 36.07
C SER I 110 -2.91 -53.26 34.88
N SER I 111 -2.93 -53.83 33.68
CA SER I 111 -3.20 -53.05 32.47
C SER I 111 -4.70 -53.11 32.13
N LEU I 112 -5.48 -53.69 33.03
CA LEU I 112 -6.92 -53.85 32.85
C LEU I 112 -7.73 -53.52 34.10
N SER I 113 -8.77 -52.71 33.95
CA SER I 113 -9.63 -52.40 35.09
C SER I 113 -10.59 -53.58 35.13
N PRO I 114 -11.08 -53.94 36.31
CA PRO I 114 -12.01 -55.06 36.38
C PRO I 114 -13.19 -54.99 35.39
N GLU I 115 -13.58 -53.80 34.96
CA GLU I 115 -14.66 -53.69 34.01
C GLU I 115 -14.10 -53.93 32.62
N GLU I 116 -12.82 -53.63 32.44
CA GLU I 116 -12.17 -53.85 31.15
C GLU I 116 -11.91 -55.35 30.98
N LEU I 117 -11.47 -55.98 32.07
CA LEU I 117 -11.18 -57.41 32.13
C LEU I 117 -12.43 -58.21 31.83
N ALA I 118 -13.56 -57.73 32.35
CA ALA I 118 -14.84 -58.40 32.12
C ALA I 118 -15.12 -58.38 30.62
N PHE I 119 -14.91 -57.23 30.01
CA PHE I 119 -15.12 -57.02 28.57
C PHE I 119 -14.21 -57.95 27.76
N ALA I 120 -12.98 -58.10 28.22
CA ALA I 120 -12.03 -58.94 27.51
C ALA I 120 -12.47 -60.40 27.54
N ARG I 121 -12.83 -60.89 28.72
CA ARG I 121 -13.28 -62.27 28.85
C ARG I 121 -14.53 -62.56 28.02
N GLU I 122 -15.41 -61.58 27.89
CA GLU I 122 -16.62 -61.77 27.11
C GLU I 122 -16.23 -61.77 25.63
N PHE I 123 -15.29 -60.90 25.28
CA PHE I 123 -14.84 -60.81 23.89
C PHE I 123 -14.27 -62.15 23.44
N MSE I 124 -13.54 -62.80 24.34
CA MSE I 124 -12.93 -64.10 24.05
C MSE I 124 -14.03 -65.16 23.81
O MSE I 124 -14.12 -65.75 22.73
CB MSE I 124 -12.05 -64.52 25.23
CG MSE I 124 -11.47 -65.93 25.14
SE MSE I 124 -9.55 -66.04 24.81
CE MSE I 124 -9.68 -66.51 22.94
N ALA I 125 -14.83 -65.38 24.85
CA ALA I 125 -15.92 -66.34 24.79
C ALA I 125 -16.76 -66.14 23.54
N ASN I 126 -17.17 -64.90 23.31
CA ASN I 126 -17.99 -64.60 22.17
C ASN I 126 -17.33 -65.15 20.92
N THR I 127 -16.13 -64.68 20.63
CA THR I 127 -15.40 -65.10 19.43
C THR I 127 -15.16 -66.60 19.34
N GLU I 128 -14.74 -67.23 20.43
CA GLU I 128 -14.52 -68.66 20.39
C GLU I 128 -15.83 -69.36 20.00
N SER I 129 -16.90 -69.01 20.69
CA SER I 129 -18.19 -69.59 20.41
C SER I 129 -18.55 -69.36 18.93
N TYR I 130 -18.40 -68.13 18.46
CA TYR I 130 -18.71 -67.86 17.06
C TYR I 130 -17.95 -68.81 16.14
N LEU I 131 -16.63 -68.83 16.30
CA LEU I 131 -15.73 -69.65 15.50
C LEU I 131 -16.12 -71.13 15.51
N LYS I 132 -16.50 -71.62 16.68
CA LYS I 132 -16.90 -73.00 16.84
C LYS I 132 -18.10 -73.38 15.98
N ASN I 133 -19.19 -72.66 16.19
CA ASN I 133 -20.43 -72.95 15.48
C ASN I 133 -20.56 -72.57 14.01
N VAL I 134 -19.64 -71.79 13.48
CA VAL I 134 -19.72 -71.41 12.07
C VAL I 134 -18.89 -72.32 11.20
N ALA I 135 -17.80 -72.86 11.74
CA ALA I 135 -16.92 -73.72 10.96
C ALA I 135 -16.23 -74.85 11.71
N LEU I 136 -15.43 -74.51 12.71
CA LEU I 136 -14.67 -75.49 13.49
C LEU I 136 -15.44 -76.74 13.91
N LYS I 137 -16.70 -76.54 14.28
CA LYS I 137 -17.58 -77.62 14.70
C LYS I 137 -17.80 -78.64 13.57
N HIS I 138 -17.71 -78.16 12.32
CA HIS I 138 -17.91 -79.00 11.14
C HIS I 138 -16.64 -79.50 10.49
N MSE I 139 -15.51 -79.32 11.15
CA MSE I 139 -14.26 -79.75 10.56
C MSE I 139 -13.90 -81.14 11.09
O MSE I 139 -14.36 -81.55 12.17
CB MSE I 139 -13.13 -78.76 10.88
CG MSE I 139 -13.06 -77.53 9.96
SE MSE I 139 -11.88 -76.11 10.61
CE MSE I 139 -10.28 -77.14 10.68
N PRO I 140 -13.10 -81.89 10.31
CA PRO I 140 -12.67 -83.24 10.68
C PRO I 140 -12.15 -83.24 12.11
N PRO I 141 -12.25 -84.39 12.79
CA PRO I 141 -11.79 -84.49 14.18
C PRO I 141 -10.33 -84.08 14.38
N ASN I 142 -10.06 -83.49 15.53
CA ASN I 142 -8.71 -83.07 15.88
C ASN I 142 -8.32 -81.78 15.18
N LEU I 143 -9.15 -81.35 14.24
CA LEU I 143 -8.89 -80.11 13.53
C LEU I 143 -10.03 -79.15 13.83
N GLN I 144 -10.57 -79.22 15.03
CA GLN I 144 -11.69 -78.36 15.41
C GLN I 144 -11.35 -77.32 16.46
N LYS I 145 -10.27 -77.55 17.18
CA LYS I 145 -9.86 -76.61 18.20
C LYS I 145 -8.84 -75.64 17.62
N VAL I 146 -9.00 -74.35 17.93
CA VAL I 146 -8.08 -73.34 17.46
C VAL I 146 -7.69 -72.46 18.62
N ASP I 147 -6.41 -72.49 18.99
CA ASP I 147 -5.91 -71.71 20.10
C ASP I 147 -5.68 -70.24 19.73
N LEU I 148 -6.63 -69.39 20.12
CA LEU I 148 -6.52 -67.98 19.79
C LEU I 148 -5.30 -67.32 20.38
N PHE I 149 -4.66 -67.95 21.35
CA PHE I 149 -3.48 -67.34 21.92
C PHE I 149 -2.33 -67.43 20.92
N ARG I 150 -2.42 -68.39 20.01
CA ARG I 150 -1.40 -68.58 19.01
C ARG I 150 -1.78 -67.95 17.68
N ALA I 151 -3.07 -67.93 17.38
CA ALA I 151 -3.53 -67.40 16.11
C ALA I 151 -3.56 -65.89 16.08
N VAL I 152 -3.74 -65.28 17.24
CA VAL I 152 -3.80 -63.84 17.32
C VAL I 152 -2.42 -63.33 17.69
N PRO I 153 -1.86 -62.44 16.87
CA PRO I 153 -0.53 -61.86 17.06
C PRO I 153 -0.35 -60.96 18.27
N LYS I 154 0.81 -61.04 18.91
CA LYS I 154 1.12 -60.22 20.08
C LYS I 154 1.46 -58.78 19.66
N PRO I 155 1.36 -57.84 20.58
CA PRO I 155 1.71 -56.49 20.15
C PRO I 155 3.23 -56.42 19.90
N ASP I 156 3.60 -55.91 18.73
CA ASP I 156 5.00 -55.79 18.32
C ASP I 156 5.69 -54.67 19.09
N LEU I 157 6.60 -55.02 19.99
CA LEU I 157 7.27 -54.00 20.77
C LEU I 157 8.51 -53.43 20.09
N ASP I 158 8.85 -53.95 18.92
CA ASP I 158 10.02 -53.45 18.18
C ASP I 158 9.52 -52.51 17.13
N SER I 159 8.51 -51.74 17.50
CA SER I 159 7.92 -50.80 16.57
C SER I 159 8.46 -49.40 16.79
N TYR I 160 8.80 -48.74 15.69
CA TYR I 160 9.30 -47.37 15.79
C TYR I 160 8.16 -46.49 16.25
N VAL I 161 8.46 -45.62 17.20
CA VAL I 161 7.47 -44.73 17.78
C VAL I 161 7.93 -43.27 17.74
N PHE I 162 6.99 -42.33 17.80
CA PHE I 162 7.33 -40.91 17.84
C PHE I 162 7.35 -40.60 19.33
N LEU I 163 8.48 -40.16 19.86
CA LEU I 163 8.54 -39.88 21.28
C LEU I 163 8.86 -38.45 21.63
N ARG I 164 8.02 -37.83 22.46
CA ARG I 164 8.30 -36.48 22.92
C ARG I 164 8.61 -36.67 24.39
N VAL I 165 9.89 -36.70 24.71
CA VAL I 165 10.31 -36.89 26.08
C VAL I 165 9.59 -35.94 27.00
N ARG I 166 8.88 -36.50 27.98
CA ARG I 166 8.13 -35.69 28.94
C ARG I 166 8.98 -35.42 30.19
N GLU I 167 9.38 -36.49 30.86
CA GLU I 167 10.22 -36.36 32.06
C GLU I 167 11.69 -36.18 31.70
N ARG I 168 12.34 -37.27 31.31
CA ARG I 168 13.75 -37.29 30.91
C ARG I 168 14.37 -38.53 30.27
N GLN I 169 14.38 -39.62 31.03
CA GLN I 169 14.99 -40.84 30.54
C GLN I 169 16.51 -40.92 30.56
N GLU I 170 17.13 -39.75 30.52
CA GLU I 170 18.58 -39.64 30.59
C GLU I 170 19.39 -40.60 29.71
N ASN I 171 20.43 -41.20 30.29
CA ASN I 171 21.33 -42.13 29.56
C ASN I 171 20.68 -43.34 28.94
N ILE I 172 20.77 -43.42 27.61
CA ILE I 172 20.23 -44.54 26.87
C ILE I 172 21.24 -44.82 25.76
N LEU I 173 21.41 -46.09 25.41
CA LEU I 173 22.37 -46.46 24.40
C LEU I 173 21.72 -46.84 23.08
N VAL I 174 22.20 -46.25 21.99
CA VAL I 174 21.68 -46.58 20.66
C VAL I 174 22.76 -47.31 19.89
N GLU I 175 22.44 -48.54 19.52
CA GLU I 175 23.35 -49.42 18.79
C GLU I 175 22.96 -49.44 17.32
N PRO I 176 23.69 -48.68 16.49
CA PRO I 176 23.37 -48.67 15.06
C PRO I 176 23.90 -49.95 14.45
N ASP I 177 23.02 -50.70 13.80
CA ASP I 177 23.44 -51.95 13.17
C ASP I 177 24.30 -51.62 11.96
N THR I 178 25.61 -51.67 12.11
CA THR I 178 26.52 -51.36 11.01
C THR I 178 27.75 -52.24 11.01
N ASP I 179 28.51 -52.17 9.92
CA ASP I 179 29.73 -52.95 9.75
C ASP I 179 30.87 -52.46 10.62
N GLU I 180 30.67 -51.33 11.30
CA GLU I 180 31.72 -50.77 12.13
C GLU I 180 31.16 -50.21 13.44
N GLN I 181 32.01 -50.06 14.45
CA GLN I 181 31.60 -49.54 15.75
C GLN I 181 30.99 -48.13 15.69
N ARG I 182 29.67 -48.04 15.61
CA ARG I 182 28.97 -46.75 15.54
C ARG I 182 28.05 -47.27 16.65
N ASP I 183 28.32 -46.84 17.88
CA ASP I 183 27.53 -47.26 19.03
C ASP I 183 27.84 -45.97 19.76
N TYR I 184 26.81 -45.33 20.29
CA TYR I 184 26.97 -44.10 21.04
C TYR I 184 25.88 -44.02 22.09
N VAL I 185 26.15 -43.29 23.16
CA VAL I 185 25.18 -43.15 24.23
C VAL I 185 24.91 -41.68 24.55
N ILE I 186 23.63 -41.36 24.74
CA ILE I 186 23.21 -40.00 25.06
C ILE I 186 21.97 -40.02 25.95
N ASP I 187 21.62 -38.86 26.49
CA ASP I 187 20.46 -38.71 27.37
C ASP I 187 19.29 -38.04 26.66
N LEU I 188 18.10 -38.61 26.81
CA LEU I 188 16.91 -38.05 26.19
C LEU I 188 16.55 -36.79 26.93
N GLU I 189 16.89 -35.66 26.30
CA GLU I 189 16.65 -34.36 26.86
C GLU I 189 15.17 -34.00 26.94
N LYS I 190 14.64 -33.91 28.15
CA LYS I 190 13.23 -33.57 28.37
C LYS I 190 12.76 -32.55 27.34
N GLY I 191 11.58 -32.79 26.79
CA GLY I 191 11.03 -31.89 25.79
C GLY I 191 11.51 -32.22 24.38
N SER I 192 12.46 -33.13 24.26
CA SER I 192 13.00 -33.52 22.95
C SER I 192 12.06 -34.49 22.23
N GLN I 193 12.18 -34.55 20.91
CA GLN I 193 11.35 -35.43 20.10
C GLN I 193 12.21 -36.41 19.36
N HIS I 194 11.86 -37.69 19.45
CA HIS I 194 12.64 -38.73 18.80
C HIS I 194 11.85 -39.76 18.03
N LEU I 195 12.55 -40.43 17.12
CA LEU I 195 12.00 -41.50 16.33
C LEU I 195 12.91 -42.61 16.84
N ILE I 196 12.31 -43.62 17.46
CA ILE I 196 13.08 -44.71 18.04
C ILE I 196 12.17 -45.91 18.27
N ARG I 197 12.75 -47.09 18.44
CA ARG I 197 11.92 -48.27 18.66
C ARG I 197 11.27 -48.22 20.03
N TYR I 198 10.06 -48.75 20.13
CA TYR I 198 9.32 -48.74 21.38
C TYR I 198 10.04 -49.49 22.50
N LYS I 199 10.55 -50.69 22.19
CA LYS I 199 11.35 -51.45 23.15
C LYS I 199 12.45 -50.39 23.25
N THR I 200 13.15 -50.26 24.37
CA THR I 200 14.14 -49.17 24.47
C THR I 200 13.77 -48.02 25.39
N ILE I 201 12.49 -47.83 25.65
CA ILE I 201 12.01 -46.71 26.47
C ILE I 201 10.75 -47.14 27.21
N ALA I 202 10.55 -48.45 27.31
CA ALA I 202 9.39 -49.01 27.99
C ALA I 202 10.12 -49.61 29.19
N MSE J 2 -7.99 -79.90 -4.22
CA MSE J 2 -6.73 -79.68 -3.47
C MSE J 2 -5.98 -78.43 -3.86
O MSE J 2 -6.41 -77.66 -4.74
CB MSE J 2 -5.79 -80.84 -3.62
CG MSE J 2 -6.31 -82.14 -3.07
SE MSE J 2 -4.95 -83.47 -3.19
CE MSE J 2 -4.29 -83.41 -1.36
N PHE J 3 -4.82 -78.25 -3.23
CA PHE J 3 -3.99 -77.07 -3.46
C PHE J 3 -4.80 -75.95 -2.86
N CYS J 4 -5.90 -76.32 -2.23
CA CYS J 4 -6.81 -75.41 -1.57
C CYS J 4 -7.15 -74.18 -2.39
N GLU J 5 -7.26 -74.35 -3.71
CA GLU J 5 -7.58 -73.22 -4.57
C GLU J 5 -8.86 -72.53 -4.13
N LYS J 6 -9.80 -73.32 -3.63
CA LYS J 6 -11.07 -72.77 -3.22
C LYS J 6 -10.97 -71.83 -2.04
N ALA J 7 -10.30 -72.26 -0.98
CA ALA J 7 -10.16 -71.41 0.20
C ALA J 7 -9.50 -70.09 -0.20
N MSE J 8 -8.66 -70.14 -1.23
CA MSE J 8 -7.98 -68.93 -1.67
C MSE J 8 -8.97 -67.89 -2.20
O MSE J 8 -8.77 -66.70 -2.02
CB MSE J 8 -6.93 -69.25 -2.75
CG MSE J 8 -5.64 -69.83 -2.20
SE MSE J 8 -4.81 -68.66 -0.89
CE MSE J 8 -4.61 -67.12 -2.05
N GLU J 9 -10.03 -68.33 -2.86
CA GLU J 9 -11.05 -67.41 -3.37
C GLU J 9 -11.59 -66.64 -2.19
N LEU J 10 -11.77 -67.36 -1.11
CA LEU J 10 -12.30 -66.80 0.13
C LEU J 10 -11.41 -65.66 0.62
N ILE J 11 -10.10 -65.88 0.53
CA ILE J 11 -9.12 -64.91 0.98
C ILE J 11 -8.95 -63.72 0.03
N ARG J 12 -8.97 -63.97 -1.27
CA ARG J 12 -8.76 -62.88 -2.21
C ARG J 12 -9.88 -61.85 -2.17
N GLU J 13 -11.12 -62.30 -2.10
CA GLU J 13 -12.28 -61.42 -2.07
C GLU J 13 -12.18 -60.38 -0.96
N LEU J 14 -11.75 -60.84 0.22
CA LEU J 14 -11.63 -59.96 1.37
C LEU J 14 -10.50 -58.99 1.18
N HIS J 15 -9.39 -59.53 0.71
CA HIS J 15 -8.19 -58.74 0.48
C HIS J 15 -8.46 -57.66 -0.55
N ARG J 16 -9.12 -58.07 -1.63
CA ARG J 16 -9.44 -57.20 -2.74
C ARG J 16 -10.65 -56.30 -2.49
N ALA J 17 -11.36 -56.54 -1.39
CA ALA J 17 -12.54 -55.77 -1.04
C ALA J 17 -12.26 -54.31 -0.74
N PRO J 18 -13.28 -53.45 -0.92
CA PRO J 18 -13.17 -52.01 -0.67
C PRO J 18 -12.88 -51.71 0.79
N GLU J 19 -11.74 -51.07 1.05
CA GLU J 19 -11.29 -50.69 2.38
C GLU J 19 -12.32 -50.78 3.52
N GLY J 20 -12.36 -51.92 4.21
CA GLY J 20 -13.29 -52.08 5.32
C GLY J 20 -14.65 -52.66 5.01
N GLN J 21 -15.13 -52.50 3.78
CA GLN J 21 -16.44 -53.00 3.37
C GLN J 21 -16.66 -54.44 3.79
N LEU J 22 -17.93 -54.82 3.87
CA LEU J 22 -18.30 -56.17 4.26
C LEU J 22 -19.13 -56.80 3.16
N PRO J 23 -18.54 -57.69 2.35
CA PRO J 23 -19.29 -58.33 1.28
C PRO J 23 -20.18 -59.45 1.79
N ALA J 24 -21.06 -59.95 0.93
CA ALA J 24 -21.96 -61.03 1.32
C ALA J 24 -21.17 -62.23 1.83
N PHE J 25 -21.57 -62.72 3.00
CA PHE J 25 -20.93 -63.88 3.58
C PHE J 25 -21.15 -64.95 2.54
N ASN J 26 -20.11 -65.58 2.02
CA ASN J 26 -20.44 -66.60 1.04
C ASN J 26 -20.40 -68.00 1.65
N GLU J 27 -21.60 -68.55 1.90
CA GLU J 27 -21.73 -69.88 2.50
C GLU J 27 -21.37 -70.98 1.52
N ASP J 28 -21.49 -70.68 0.23
CA ASP J 28 -21.17 -71.65 -0.80
C ASP J 28 -19.71 -72.05 -0.80
N GLY J 29 -18.85 -71.08 -0.53
CA GLY J 29 -17.43 -71.37 -0.51
C GLY J 29 -17.04 -72.05 0.78
N LEU J 30 -17.55 -71.53 1.88
CA LEU J 30 -17.22 -72.12 3.16
C LEU J 30 -17.76 -73.54 3.24
N ARG J 31 -18.78 -73.84 2.43
CA ARG J 31 -19.34 -75.18 2.43
C ARG J 31 -18.42 -76.09 1.64
N GLN J 32 -18.06 -75.67 0.44
CA GLN J 32 -17.15 -76.46 -0.40
C GLN J 32 -15.80 -76.68 0.29
N VAL J 33 -15.37 -75.68 1.06
CA VAL J 33 -14.10 -75.80 1.76
C VAL J 33 -14.23 -76.89 2.81
N LEU J 34 -15.34 -76.87 3.53
CA LEU J 34 -15.56 -77.90 4.53
C LEU J 34 -15.79 -79.27 3.84
N GLU J 35 -16.19 -79.26 2.57
CA GLU J 35 -16.39 -80.52 1.85
C GLU J 35 -14.98 -81.03 1.58
N GLU J 36 -14.22 -80.26 0.81
CA GLU J 36 -12.83 -80.59 0.49
C GLU J 36 -12.20 -81.22 1.73
N MSE J 37 -12.32 -80.54 2.86
CA MSE J 37 -11.73 -81.03 4.09
C MSE J 37 -12.23 -82.43 4.42
O MSE J 37 -11.42 -83.35 4.66
CB MSE J 37 -12.00 -80.05 5.24
CG MSE J 37 -11.15 -78.76 5.19
SE MSE J 37 -11.25 -77.59 6.77
CE MSE J 37 -10.19 -78.62 8.02
N LYS J 38 -13.54 -82.61 4.44
CA LYS J 38 -14.12 -83.91 4.76
C LYS J 38 -13.52 -84.94 3.82
N ALA J 39 -13.54 -84.61 2.52
CA ALA J 39 -12.98 -85.49 1.52
C ALA J 39 -11.54 -85.83 1.92
N LEU J 40 -10.69 -84.82 1.86
CA LEU J 40 -9.29 -84.97 2.21
C LEU J 40 -9.08 -85.84 3.44
N TYR J 41 -9.88 -85.61 4.47
CA TYR J 41 -9.74 -86.36 5.71
C TYR J 41 -10.10 -87.84 5.59
N GLU J 42 -11.18 -88.14 4.89
CA GLU J 42 -11.59 -89.51 4.72
C GLU J 42 -10.53 -90.23 3.96
N GLN J 43 -10.16 -89.68 2.81
CA GLN J 43 -9.14 -90.30 1.96
C GLN J 43 -7.83 -90.54 2.72
N ASN J 44 -7.49 -89.64 3.62
CA ASN J 44 -6.27 -89.81 4.38
C ASN J 44 -6.45 -91.02 5.28
N GLN J 45 -7.48 -91.01 6.11
CA GLN J 45 -7.74 -92.14 7.01
C GLN J 45 -7.62 -93.47 6.28
N SER J 46 -8.28 -93.58 5.13
CA SER J 46 -8.21 -94.82 4.37
C SER J 46 -6.75 -95.19 4.13
N ASP J 47 -6.03 -94.33 3.41
CA ASP J 47 -4.63 -94.56 3.11
C ASP J 47 -3.81 -94.85 4.37
N VAL J 48 -4.17 -94.24 5.48
CA VAL J 48 -3.41 -94.44 6.71
C VAL J 48 -3.52 -95.86 7.19
N ASN J 49 -4.61 -96.53 6.84
CA ASN J 49 -4.72 -97.90 7.29
C ASN J 49 -3.97 -98.82 6.35
N GLU J 50 -3.96 -98.47 5.07
CA GLU J 50 -3.20 -99.28 4.14
C GLU J 50 -1.75 -99.21 4.61
N ALA J 51 -1.39 -98.11 5.26
CA ALA J 51 -0.03 -97.89 5.75
C ALA J 51 0.28 -98.76 6.97
N LYS J 52 -0.58 -98.69 7.98
CA LYS J 52 -0.40 -99.46 9.20
C LYS J 52 -0.44 -100.95 8.92
N SER J 53 -1.65 -101.45 8.65
CA SER J 53 -1.88 -102.87 8.37
C SER J 53 -1.87 -103.12 6.87
N GLY J 54 -0.74 -102.85 6.22
CA GLY J 54 -0.65 -103.06 4.79
C GLY J 54 0.77 -103.00 4.25
N GLY J 55 1.72 -102.68 5.12
CA GLY J 55 3.12 -102.58 4.71
C GLY J 55 3.36 -101.57 3.61
N ARG J 56 2.29 -100.98 3.09
CA ARG J 56 2.40 -100.00 2.03
C ARG J 56 2.53 -98.60 2.63
N SER J 57 3.58 -98.42 3.44
CA SER J 57 3.86 -97.13 4.08
C SER J 57 4.41 -96.18 3.03
N ASP J 58 4.54 -96.66 1.80
CA ASP J 58 5.04 -95.84 0.71
C ASP J 58 4.05 -94.70 0.49
N LEU J 59 2.99 -94.70 1.30
CA LEU J 59 1.94 -93.69 1.20
C LEU J 59 2.13 -92.50 2.15
N ILE J 60 2.95 -92.66 3.19
CA ILE J 60 3.18 -91.59 4.15
C ILE J 60 3.30 -90.23 3.45
N PRO J 61 4.18 -90.14 2.43
CA PRO J 61 4.34 -88.88 1.71
C PRO J 61 2.99 -88.31 1.23
N THR J 62 2.21 -89.13 0.54
CA THR J 62 0.90 -88.69 0.06
C THR J 62 0.02 -88.25 1.22
N ILE J 63 0.14 -88.94 2.36
CA ILE J 63 -0.63 -88.63 3.55
C ILE J 63 -0.19 -87.30 4.17
N LYS J 64 1.09 -87.00 4.09
CA LYS J 64 1.62 -85.75 4.63
C LYS J 64 1.13 -84.61 3.75
N PHE J 65 1.30 -84.80 2.45
CA PHE J 65 0.85 -83.83 1.48
C PHE J 65 -0.61 -83.43 1.80
N ARG J 66 -1.51 -84.42 1.86
CA ARG J 66 -2.91 -84.16 2.15
C ARG J 66 -3.17 -83.43 3.46
N HIS J 67 -2.43 -83.80 4.50
CA HIS J 67 -2.61 -83.16 5.80
C HIS J 67 -2.30 -81.68 5.76
N CYS J 68 -1.35 -81.29 4.90
CA CYS J 68 -0.96 -79.91 4.77
C CYS J 68 -2.09 -79.14 4.14
N SER J 69 -2.78 -79.79 3.22
CA SER J 69 -3.92 -79.18 2.55
C SER J 69 -5.02 -78.98 3.60
N LEU J 70 -5.14 -79.94 4.52
CA LEU J 70 -6.14 -79.86 5.56
C LEU J 70 -5.91 -78.61 6.39
N LEU J 71 -4.68 -78.46 6.89
CA LEU J 71 -4.29 -77.31 7.68
C LEU J 71 -4.37 -75.99 6.92
N ARG J 72 -4.06 -76.02 5.62
CA ARG J 72 -4.11 -74.81 4.82
C ARG J 72 -5.55 -74.34 4.78
N ASN J 73 -6.44 -75.27 4.44
CA ASN J 73 -7.87 -74.97 4.38
C ASN J 73 -8.36 -74.43 5.72
N ARG J 74 -7.96 -75.08 6.79
CA ARG J 74 -8.38 -74.62 8.09
C ARG J 74 -7.90 -73.19 8.36
N ARG J 75 -6.61 -72.93 8.14
CA ARG J 75 -6.02 -71.61 8.36
C ARG J 75 -6.70 -70.52 7.52
N CYS J 76 -6.96 -70.82 6.27
CA CYS J 76 -7.61 -69.87 5.39
C CYS J 76 -8.97 -69.46 5.89
N THR J 77 -9.81 -70.44 6.25
CA THR J 77 -11.17 -70.12 6.68
C THR J 77 -11.22 -69.44 8.04
N VAL J 78 -10.32 -69.80 8.95
CA VAL J 78 -10.30 -69.13 10.25
C VAL J 78 -9.96 -67.66 9.98
N ALA J 79 -9.04 -67.44 9.04
CA ALA J 79 -8.58 -66.11 8.66
C ALA J 79 -9.66 -65.29 7.97
N TYR J 80 -10.43 -65.95 7.11
CA TYR J 80 -11.52 -65.32 6.40
C TYR J 80 -12.58 -64.93 7.42
N LEU J 81 -12.85 -65.83 8.37
CA LEU J 81 -13.85 -65.61 9.40
C LEU J 81 -13.48 -64.54 10.42
N TYR J 82 -12.20 -64.49 10.79
CA TYR J 82 -11.76 -63.50 11.77
C TYR J 82 -11.68 -62.11 11.16
N ASP J 83 -11.49 -62.04 9.85
CA ASP J 83 -11.40 -60.74 9.20
C ASP J 83 -12.77 -60.08 9.15
N ARG J 84 -13.81 -60.90 8.91
CA ARG J 84 -15.16 -60.36 8.86
C ARG J 84 -15.55 -59.91 10.25
N LEU J 85 -15.08 -60.61 11.28
CA LEU J 85 -15.45 -60.14 12.60
C LEU J 85 -14.85 -58.76 12.79
N LEU J 86 -13.59 -58.61 12.39
CA LEU J 86 -12.91 -57.32 12.52
C LEU J 86 -13.72 -56.23 11.81
N ARG J 87 -14.32 -56.56 10.67
CA ARG J 87 -15.13 -55.61 9.94
C ARG J 87 -16.49 -55.41 10.62
N ILE J 88 -17.12 -56.50 11.01
CA ILE J 88 -18.42 -56.44 11.67
C ILE J 88 -18.27 -55.60 12.93
N ARG J 89 -17.16 -55.78 13.62
CA ARG J 89 -16.91 -55.04 14.85
C ARG J 89 -16.79 -53.55 14.59
N ALA J 90 -16.31 -53.20 13.40
CA ALA J 90 -16.15 -51.79 13.05
C ALA J 90 -17.52 -51.14 12.95
N LEU J 91 -18.48 -51.92 12.47
CA LEU J 91 -19.85 -51.50 12.29
C LEU J 91 -20.45 -50.80 13.50
N ARG J 92 -20.23 -51.38 14.67
CA ARG J 92 -20.78 -50.81 15.89
C ARG J 92 -20.44 -49.35 16.10
N TRP J 93 -19.22 -48.95 15.70
CA TRP J 93 -18.79 -47.55 15.89
C TRP J 93 -19.00 -46.63 14.69
N GLU J 94 -19.46 -47.18 13.57
CA GLU J 94 -19.70 -46.40 12.37
C GLU J 94 -21.21 -46.30 12.13
N TYR J 95 -21.98 -47.12 12.83
CA TYR J 95 -23.44 -47.12 12.64
C TYR J 95 -24.26 -47.10 13.93
N GLY J 96 -23.70 -47.61 15.02
CA GLY J 96 -24.42 -47.63 16.28
C GLY J 96 -24.99 -48.99 16.61
N SER J 97 -25.92 -49.04 17.57
CA SER J 97 -26.55 -50.28 18.00
C SER J 97 -27.44 -51.00 16.97
N ILE J 98 -28.01 -50.24 16.03
CA ILE J 98 -28.88 -50.85 15.02
C ILE J 98 -28.30 -50.72 13.62
N LEU J 99 -27.80 -51.86 13.14
CA LEU J 99 -27.20 -51.95 11.81
C LEU J 99 -28.21 -51.73 10.71
N PRO J 100 -27.79 -51.07 9.62
CA PRO J 100 -28.74 -50.85 8.52
C PRO J 100 -29.20 -52.23 8.08
N ASN J 101 -30.38 -52.34 7.48
CA ASN J 101 -30.87 -53.65 7.05
C ASN J 101 -30.14 -54.19 5.82
N ALA J 102 -29.53 -53.29 5.05
CA ALA J 102 -28.80 -53.69 3.85
C ALA J 102 -27.53 -54.41 4.25
N LEU J 103 -27.10 -54.18 5.48
CA LEU J 103 -25.91 -54.81 6.02
C LEU J 103 -26.24 -56.17 6.60
N ARG J 104 -27.32 -56.26 7.36
CA ARG J 104 -27.72 -57.52 7.97
C ARG J 104 -27.82 -58.62 6.93
N PHE J 105 -28.18 -58.23 5.71
CA PHE J 105 -28.34 -59.18 4.64
C PHE J 105 -27.03 -59.79 4.15
N HIS J 106 -25.91 -59.22 4.60
CA HIS J 106 -24.59 -59.70 4.23
C HIS J 106 -23.93 -60.44 5.37
N MSE J 107 -24.67 -60.62 6.45
CA MSE J 107 -24.12 -61.29 7.60
C MSE J 107 -24.75 -62.65 7.80
O MSE J 107 -25.95 -62.83 7.66
CB MSE J 107 -24.35 -60.45 8.84
CG MSE J 107 -23.69 -59.09 8.77
SE MSE J 107 -23.90 -58.11 10.41
CE MSE J 107 -24.80 -56.61 9.62
N ALA J 108 -23.92 -63.64 8.12
CA ALA J 108 -24.42 -64.96 8.39
C ALA J 108 -25.20 -64.80 9.70
N ALA J 109 -26.18 -65.66 9.95
CA ALA J 109 -26.98 -65.58 11.17
C ALA J 109 -26.08 -65.65 12.39
N GLU J 110 -25.09 -66.52 12.35
CA GLU J 110 -24.20 -66.64 13.50
C GLU J 110 -23.30 -65.41 13.64
N GLU J 111 -23.11 -64.64 12.57
CA GLU J 111 -22.30 -63.43 12.68
C GLU J 111 -23.14 -62.35 13.36
N MSE J 112 -24.42 -62.30 13.01
CA MSE J 112 -25.32 -61.33 13.61
C MSE J 112 -25.46 -61.66 15.09
O MSE J 112 -25.75 -60.80 15.92
CB MSE J 112 -26.67 -61.39 12.91
CG MSE J 112 -27.70 -60.39 13.44
SE MSE J 112 -27.16 -58.53 13.31
CE MSE J 112 -26.92 -58.18 15.21
N GLU J 113 -25.25 -62.92 15.41
CA GLU J 113 -25.32 -63.43 16.76
C GLU J 113 -24.12 -62.84 17.52
N TRP J 114 -22.96 -62.92 16.88
CA TRP J 114 -21.71 -62.42 17.43
C TRP J 114 -21.84 -60.92 17.74
N PHE J 115 -22.43 -60.19 16.81
CA PHE J 115 -22.63 -58.73 16.94
C PHE J 115 -23.49 -58.32 18.14
N ASN J 116 -24.59 -59.04 18.37
CA ASN J 116 -25.46 -58.71 19.49
C ASN J 116 -24.74 -58.97 20.79
N ASN J 117 -23.99 -60.06 20.84
CA ASN J 117 -23.23 -60.36 22.04
C ASN J 117 -22.22 -59.24 22.26
N TYR J 118 -21.54 -58.85 21.18
CA TYR J 118 -20.56 -57.78 21.27
C TYR J 118 -21.27 -56.59 21.92
N LYS J 119 -22.30 -56.07 21.23
CA LYS J 119 -23.09 -54.96 21.74
C LYS J 119 -23.42 -55.07 23.22
N ARG J 120 -23.84 -56.24 23.67
CA ARG J 120 -24.15 -56.38 25.07
C ARG J 120 -22.95 -56.06 25.95
N SER J 121 -21.80 -56.64 25.62
CA SER J 121 -20.59 -56.42 26.40
C SER J 121 -20.18 -54.95 26.48
N LEU J 122 -20.19 -54.30 25.32
CA LEU J 122 -19.83 -52.89 25.22
C LEU J 122 -20.74 -52.05 26.12
N ALA J 123 -22.04 -52.29 25.98
CA ALA J 123 -23.07 -51.63 26.77
C ALA J 123 -22.81 -51.84 28.26
N THR J 124 -22.54 -53.07 28.64
CA THR J 124 -22.26 -53.37 30.04
C THR J 124 -21.05 -52.54 30.47
N TYR J 125 -19.98 -52.63 29.69
CA TYR J 125 -18.76 -51.88 30.00
C TYR J 125 -19.09 -50.42 30.25
N MSE J 126 -19.62 -49.76 29.23
CA MSE J 126 -19.95 -48.35 29.30
C MSE J 126 -20.76 -47.91 30.51
O MSE J 126 -20.64 -46.77 30.95
CB MSE J 126 -20.67 -47.92 28.03
CG MSE J 126 -19.87 -48.19 26.78
SE MSE J 126 -20.60 -47.37 25.23
CE MSE J 126 -21.84 -48.74 24.65
N ARG J 127 -21.56 -48.81 31.06
CA ARG J 127 -22.37 -48.50 32.25
C ARG J 127 -21.57 -48.61 33.53
N SER J 128 -20.51 -49.41 33.51
CA SER J 128 -19.68 -49.59 34.69
C SER J 128 -18.69 -48.46 34.91
N LEU J 129 -18.52 -47.63 33.90
CA LEU J 129 -17.58 -46.52 33.97
C LEU J 129 -17.76 -45.63 35.18
N GLY J 130 -19.00 -45.50 35.64
CA GLY J 130 -19.23 -44.70 36.82
C GLY J 130 -20.34 -45.25 37.70
N GLY J 131 -20.34 -44.85 38.97
CA GLY J 131 -21.39 -45.29 39.87
C GLY J 131 -22.61 -44.45 39.50
N ASP J 132 -23.07 -44.64 38.27
CA ASP J 132 -24.19 -43.89 37.71
C ASP J 132 -24.63 -44.59 36.43
N GLU J 133 -24.92 -43.79 35.39
CA GLU J 133 -25.33 -44.34 34.08
C GLU J 133 -24.08 -44.76 33.30
N GLY J 134 -22.93 -44.23 33.69
CA GLY J 134 -21.70 -44.55 33.00
C GLY J 134 -21.44 -43.52 31.92
N LEU J 135 -20.47 -43.80 31.08
CA LEU J 135 -20.15 -42.87 30.01
C LEU J 135 -20.32 -43.56 28.68
N ASP J 136 -21.13 -42.97 27.82
CA ASP J 136 -21.36 -43.54 26.51
C ASP J 136 -20.18 -43.07 25.64
N ILE J 137 -19.15 -43.89 25.55
CA ILE J 137 -17.97 -43.51 24.78
C ILE J 137 -18.12 -43.73 23.28
N THR J 138 -19.35 -43.93 22.82
CA THR J 138 -19.56 -44.11 21.39
C THR J 138 -20.03 -42.81 20.76
N GLN J 139 -20.26 -41.79 21.60
CA GLN J 139 -20.75 -40.50 21.11
C GLN J 139 -19.72 -39.51 20.59
N ASP J 140 -18.80 -39.12 21.46
CA ASP J 140 -17.78 -38.15 21.07
C ASP J 140 -16.79 -38.75 20.07
N MSE J 141 -17.30 -39.46 19.08
CA MSE J 141 -16.46 -40.11 18.07
C MSE J 141 -15.36 -39.27 17.46
O MSE J 141 -14.27 -39.77 17.20
CB MSE J 141 -17.33 -40.70 16.96
CG MSE J 141 -18.02 -42.00 17.36
SE MSE J 141 -16.81 -43.27 18.13
CE MSE J 141 -15.94 -43.89 16.51
N LYS J 142 -15.65 -37.99 17.18
CA LYS J 142 -14.65 -37.11 16.59
C LYS J 142 -14.56 -35.82 17.39
N PRO J 143 -13.36 -35.23 17.46
CA PRO J 143 -13.13 -33.99 18.21
C PRO J 143 -14.33 -33.08 18.03
N PRO J 144 -14.91 -32.60 19.13
CA PRO J 144 -16.07 -31.73 19.07
C PRO J 144 -15.85 -30.36 18.46
N LYS J 145 -16.30 -30.18 17.23
CA LYS J 145 -16.21 -28.89 16.59
C LYS J 145 -17.48 -28.26 17.13
N SER J 146 -17.44 -26.98 17.46
CA SER J 146 -18.64 -26.34 18.00
C SER J 146 -18.80 -24.92 17.45
N MSE K 1 -0.23 -43.66 15.85
CA MSE K 1 -0.06 -42.20 15.61
C MSE K 1 -1.26 -41.40 16.08
O MSE K 1 -2.10 -41.89 16.84
CB MSE K 1 0.19 -41.93 14.12
CG MSE K 1 1.60 -42.28 13.64
SE MSE K 1 2.99 -41.02 14.25
CE MSE K 1 3.63 -41.96 15.83
N MSE K 2 -1.35 -40.17 15.60
CA MSE K 2 -2.42 -39.26 15.97
C MSE K 2 -3.02 -38.63 14.74
O MSE K 2 -2.30 -38.16 13.85
CB MSE K 2 -1.88 -38.19 16.90
CG MSE K 2 -2.90 -37.36 17.59
SE MSE K 2 -1.99 -36.45 19.03
CE MSE K 2 -2.90 -37.17 20.59
N ASP K 3 -4.33 -38.63 14.71
CA ASP K 3 -5.13 -38.09 13.61
C ASP K 3 -5.13 -36.55 13.51
N ALA K 4 -5.07 -36.05 12.28
CA ALA K 4 -5.06 -34.60 12.02
C ALA K 4 -6.05 -33.82 12.90
N ALA K 5 -7.31 -34.23 12.87
CA ALA K 5 -8.34 -33.59 13.67
C ALA K 5 -7.95 -33.58 15.15
N GLU K 6 -7.26 -34.62 15.59
CA GLU K 6 -6.87 -34.68 16.98
C GLU K 6 -5.79 -33.65 17.27
N VAL K 7 -4.85 -33.48 16.33
CA VAL K 7 -3.79 -32.49 16.52
C VAL K 7 -4.45 -31.12 16.68
N GLU K 8 -5.39 -30.82 15.79
CA GLU K 8 -6.10 -29.55 15.87
C GLU K 8 -6.77 -29.42 17.23
N PHE K 9 -7.33 -30.50 17.75
CA PHE K 9 -7.96 -30.41 19.05
C PHE K 9 -6.91 -29.79 19.97
N LEU K 10 -5.67 -30.28 19.89
CA LEU K 10 -4.57 -29.76 20.72
C LEU K 10 -4.23 -28.32 20.37
N ALA K 11 -4.19 -28.05 19.08
CA ALA K 11 -3.88 -26.72 18.61
C ALA K 11 -4.84 -25.71 19.27
N GLU K 12 -6.13 -26.04 19.25
CA GLU K 12 -7.18 -25.19 19.81
C GLU K 12 -7.02 -24.83 21.29
N LYS K 13 -6.03 -25.41 21.97
CA LYS K 13 -5.81 -25.09 23.36
C LYS K 13 -4.94 -23.83 23.44
N GLU K 14 -4.30 -23.53 22.32
CA GLU K 14 -3.40 -22.39 22.19
C GLU K 14 -4.10 -21.06 22.48
N LEU K 15 -3.43 -20.18 23.23
CA LEU K 15 -3.95 -18.86 23.58
C LEU K 15 -3.91 -17.88 22.41
N VAL K 16 -4.90 -16.99 22.39
CA VAL K 16 -5.04 -15.97 21.37
C VAL K 16 -5.74 -14.78 22.02
N THR K 17 -5.67 -13.61 21.39
CA THR K 17 -6.30 -12.44 21.97
C THR K 17 -7.50 -12.00 21.18
N ILE K 18 -8.58 -11.70 21.89
CA ILE K 18 -9.80 -11.27 21.21
C ILE K 18 -10.30 -10.00 21.87
N ILE K 19 -11.02 -9.19 21.10
CA ILE K 19 -11.59 -7.96 21.65
C ILE K 19 -13.10 -8.11 21.64
N PRO K 20 -13.66 -8.45 22.82
CA PRO K 20 -15.10 -8.64 23.01
C PRO K 20 -15.87 -7.37 22.74
N ASN K 21 -17.09 -7.53 22.24
CA ASN K 21 -17.93 -6.38 22.00
C ASN K 21 -19.06 -6.50 23.01
N PHE K 22 -18.89 -7.42 23.97
CA PHE K 22 -19.87 -7.68 25.00
C PHE K 22 -19.24 -7.72 26.39
N SER K 23 -20.09 -7.85 27.40
CA SER K 23 -19.63 -7.90 28.77
C SER K 23 -19.91 -9.25 29.43
N LEU K 24 -18.99 -9.72 30.27
CA LEU K 24 -19.18 -11.02 30.93
C LEU K 24 -18.23 -11.12 32.09
N ASP K 25 -18.69 -11.64 33.22
CA ASP K 25 -17.83 -11.76 34.38
C ASP K 25 -16.82 -12.90 34.21
N LYS K 26 -15.90 -13.00 35.15
CA LYS K 26 -14.85 -14.02 35.11
C LYS K 26 -15.38 -15.46 35.00
N ILE K 27 -14.95 -16.20 33.97
CA ILE K 27 -15.38 -17.60 33.80
C ILE K 27 -14.39 -18.54 34.49
N TYR K 28 -14.85 -19.37 35.40
CA TYR K 28 -13.97 -20.31 36.07
C TYR K 28 -14.04 -21.70 35.44
N LEU K 29 -13.34 -21.87 34.31
CA LEU K 29 -13.30 -23.16 33.61
C LEU K 29 -12.44 -24.12 34.44
N ILE K 30 -12.79 -25.41 34.40
CA ILE K 30 -12.05 -26.42 35.16
C ILE K 30 -10.56 -26.36 34.88
N GLY K 31 -10.18 -25.90 33.69
CA GLY K 31 -8.77 -25.80 33.37
C GLY K 31 -8.23 -24.40 33.58
N GLY K 32 -8.78 -23.66 34.55
CA GLY K 32 -8.33 -22.30 34.83
C GLY K 32 -9.28 -21.19 34.43
N ASP K 33 -9.24 -20.06 35.14
CA ASP K 33 -10.13 -18.93 34.86
C ASP K 33 -9.90 -18.22 33.51
N LEU K 34 -10.85 -17.38 33.13
CA LEU K 34 -10.74 -16.59 31.93
C LEU K 34 -11.25 -15.21 32.31
N GLY K 35 -10.33 -14.43 32.90
CA GLY K 35 -10.57 -13.07 33.36
C GLY K 35 -11.72 -12.43 32.67
N PRO K 36 -12.50 -11.59 33.38
CA PRO K 36 -13.69 -10.88 32.87
C PRO K 36 -13.55 -10.34 31.47
N PHE K 37 -14.69 -10.21 30.80
CA PHE K 37 -14.73 -9.69 29.45
C PHE K 37 -15.47 -8.35 29.36
N ASN K 38 -14.73 -7.32 28.96
CA ASN K 38 -15.30 -5.99 28.82
C ASN K 38 -15.22 -5.60 27.36
N PRO K 39 -16.29 -5.02 26.82
CA PRO K 39 -16.20 -4.64 25.40
C PRO K 39 -15.05 -3.66 25.18
N GLY K 40 -14.35 -3.84 24.06
CA GLY K 40 -13.24 -2.98 23.71
C GLY K 40 -11.91 -3.21 24.40
N LEU K 41 -11.85 -4.11 25.38
CA LEU K 41 -10.60 -4.41 26.07
C LEU K 41 -10.19 -5.82 25.69
N PRO K 42 -8.89 -6.04 25.42
CA PRO K 42 -8.31 -7.33 25.02
C PRO K 42 -8.28 -8.43 26.08
N VAL K 43 -8.58 -9.66 25.67
CA VAL K 43 -8.56 -10.83 26.57
C VAL K 43 -7.79 -12.01 25.99
N GLU K 44 -6.99 -12.67 26.82
CA GLU K 44 -6.22 -13.84 26.39
C GLU K 44 -7.19 -15.03 26.48
N VAL K 45 -7.28 -15.82 25.42
CA VAL K 45 -8.24 -16.92 25.42
C VAL K 45 -7.89 -18.15 24.57
N PRO K 46 -8.38 -19.33 24.97
CA PRO K 46 -8.14 -20.60 24.24
C PRO K 46 -8.71 -20.46 22.84
N LEU K 47 -7.95 -20.89 21.85
CA LEU K 47 -8.37 -20.77 20.45
C LEU K 47 -9.80 -21.26 20.18
N TRP K 48 -10.22 -22.33 20.85
CA TRP K 48 -11.56 -22.85 20.61
C TRP K 48 -12.65 -21.83 21.00
N LEU K 49 -12.52 -21.24 22.17
CA LEU K 49 -13.47 -20.22 22.61
C LEU K 49 -13.44 -19.01 21.64
N ALA K 50 -12.25 -18.54 21.28
CA ALA K 50 -12.14 -17.43 20.36
C ALA K 50 -12.87 -17.68 19.05
N ILE K 51 -12.67 -18.85 18.46
CA ILE K 51 -13.33 -19.12 17.20
C ILE K 51 -14.84 -19.12 17.38
N ASN K 52 -15.32 -19.60 18.52
CA ASN K 52 -16.75 -19.63 18.76
C ASN K 52 -17.27 -18.20 18.82
N LEU K 53 -16.82 -17.46 19.83
CA LEU K 53 -17.22 -16.08 20.00
C LEU K 53 -17.18 -15.35 18.65
N LYS K 54 -16.18 -15.64 17.83
CA LYS K 54 -16.07 -14.99 16.54
C LYS K 54 -17.26 -15.36 15.66
N GLN K 55 -17.53 -16.65 15.52
CA GLN K 55 -18.65 -17.12 14.72
C GLN K 55 -19.93 -16.50 15.27
N ARG K 56 -19.99 -16.31 16.58
CA ARG K 56 -21.16 -15.71 17.23
C ARG K 56 -21.21 -14.19 17.10
N GLN K 57 -20.15 -13.61 16.52
CA GLN K 57 -20.04 -12.16 16.36
C GLN K 57 -20.04 -11.45 17.71
N LYS K 58 -19.34 -12.04 18.67
CA LYS K 58 -19.26 -11.48 20.00
C LYS K 58 -17.87 -10.93 20.28
N CYS K 59 -17.03 -10.85 19.24
CA CYS K 59 -15.68 -10.32 19.42
C CYS K 59 -14.92 -10.15 18.11
N ARG K 60 -13.69 -9.68 18.24
CA ARG K 60 -12.75 -9.46 17.14
C ARG K 60 -11.45 -10.18 17.47
N LEU K 61 -10.81 -10.76 16.46
CA LEU K 61 -9.53 -11.44 16.69
C LEU K 61 -8.35 -10.58 16.30
N LEU K 62 -7.25 -10.80 17.03
CA LEU K 62 -5.97 -10.13 16.80
C LEU K 62 -5.02 -11.25 16.39
N PRO K 63 -4.50 -11.20 15.16
CA PRO K 63 -3.58 -12.22 14.66
C PRO K 63 -2.31 -12.33 15.48
N PRO K 64 -1.78 -13.55 15.63
CA PRO K 64 -0.54 -13.73 16.40
C PRO K 64 0.55 -12.83 15.83
N GLU K 65 1.48 -12.42 16.68
CA GLU K 65 2.56 -11.55 16.25
C GLU K 65 3.31 -12.08 15.03
N TRP K 66 3.25 -13.40 14.80
CA TRP K 66 3.96 -14.01 13.68
C TRP K 66 3.20 -14.16 12.37
N MSE K 67 1.88 -14.05 12.42
CA MSE K 67 1.10 -14.19 11.21
C MSE K 67 1.20 -12.94 10.35
O MSE K 67 0.20 -12.24 10.15
CB MSE K 67 -0.35 -14.47 11.58
CG MSE K 67 -1.14 -15.07 10.44
SE MSE K 67 -2.72 -15.90 11.10
CE MSE K 67 -1.91 -17.37 12.09
N ASP K 68 2.39 -12.66 9.85
CA ASP K 68 2.62 -11.48 9.01
C ASP K 68 3.47 -11.81 7.80
N VAL K 69 3.00 -11.45 6.62
CA VAL K 69 3.73 -11.71 5.39
C VAL K 69 5.22 -11.49 5.47
N GLU K 70 5.65 -10.29 5.81
CA GLU K 70 7.08 -10.00 5.89
C GLU K 70 7.82 -10.95 6.82
N LYS K 71 7.28 -11.18 8.02
CA LYS K 71 7.91 -12.10 8.97
C LYS K 71 7.91 -13.55 8.47
N LEU K 72 6.83 -13.95 7.80
CA LEU K 72 6.72 -15.30 7.28
C LEU K 72 7.70 -15.51 6.14
N GLU K 73 7.80 -14.54 5.24
CA GLU K 73 8.74 -14.63 4.12
C GLU K 73 10.14 -14.89 4.65
N LYS K 74 10.57 -14.11 5.65
CA LYS K 74 11.90 -14.30 6.22
C LYS K 74 12.07 -15.68 6.80
N MSE K 75 10.97 -16.27 7.28
CA MSE K 75 11.03 -17.61 7.86
C MSE K 75 11.13 -18.68 6.80
O MSE K 75 11.92 -19.60 6.90
CB MSE K 75 9.80 -17.85 8.74
CG MSE K 75 9.63 -16.82 9.83
SE MSE K 75 8.32 -17.25 11.17
CE MSE K 75 9.52 -17.48 12.68
N ARG K 76 10.30 -18.56 5.75
CA ARG K 76 10.33 -19.55 4.69
C ARG K 76 11.75 -19.63 4.13
N ASP K 77 12.38 -18.47 3.98
CA ASP K 77 13.72 -18.41 3.44
C ASP K 77 14.73 -19.01 4.41
N HIS K 78 14.73 -18.53 5.65
CA HIS K 78 15.66 -19.08 6.61
C HIS K 78 15.58 -20.61 6.57
N GLU K 79 14.35 -21.14 6.54
CA GLU K 79 14.11 -22.57 6.52
C GLU K 79 14.66 -23.18 5.23
N ARG K 80 14.40 -22.51 4.10
CA ARG K 80 14.88 -22.96 2.80
C ARG K 80 16.40 -22.92 2.81
N LYS K 81 16.94 -22.05 3.67
CA LYS K 81 18.38 -21.89 3.80
C LYS K 81 18.95 -23.08 4.56
N GLU K 82 18.71 -23.12 5.86
CA GLU K 82 19.21 -24.20 6.72
C GLU K 82 19.16 -25.59 6.09
N GLU K 83 19.96 -26.49 6.67
CA GLU K 83 20.06 -27.88 6.23
C GLU K 83 19.03 -28.64 7.06
N THR K 84 19.02 -28.32 8.36
CA THR K 84 18.12 -28.92 9.34
C THR K 84 16.84 -28.08 9.41
N PHE K 85 15.90 -28.45 10.29
CA PHE K 85 14.64 -27.72 10.43
C PHE K 85 14.80 -26.59 11.45
N THR K 86 14.23 -25.43 11.14
CA THR K 86 14.31 -24.29 12.04
C THR K 86 13.11 -24.30 13.01
N PRO K 87 13.21 -23.55 14.12
CA PRO K 87 12.06 -23.53 15.05
C PRO K 87 10.93 -22.60 14.58
N MSE K 88 9.71 -23.13 14.59
CA MSE K 88 8.52 -22.41 14.16
C MSE K 88 7.97 -21.43 15.21
O MSE K 88 8.22 -21.58 16.41
CB MSE K 88 7.44 -23.40 13.77
CG MSE K 88 7.83 -24.38 12.68
SE MSE K 88 8.05 -23.43 11.05
CE MSE K 88 7.17 -24.48 9.75
N PRO K 89 7.22 -20.42 14.75
CA PRO K 89 6.58 -19.36 15.56
C PRO K 89 5.63 -19.96 16.60
N SER K 90 4.88 -20.98 16.17
CA SER K 90 3.96 -21.70 17.04
C SER K 90 4.15 -23.19 16.77
N PRO K 91 4.01 -24.02 17.83
CA PRO K 91 4.14 -25.48 17.69
C PRO K 91 2.94 -26.01 16.92
N TYR K 92 2.07 -25.08 16.57
CA TYR K 92 0.85 -25.34 15.80
C TYR K 92 0.65 -24.26 14.74
N TYR K 93 1.74 -23.83 14.12
CA TYR K 93 1.66 -22.78 13.10
C TYR K 93 0.72 -23.10 11.94
N MSE K 94 0.59 -24.38 11.62
CA MSE K 94 -0.28 -24.78 10.52
C MSE K 94 -1.79 -24.74 10.92
O MSE K 94 -2.64 -24.33 10.12
CB MSE K 94 0.14 -26.17 10.06
CG MSE K 94 -0.54 -26.66 8.81
SE MSE K 94 0.06 -25.78 7.19
CE MSE K 94 1.92 -25.77 7.61
N GLU K 95 -2.12 -25.13 12.16
CA GLU K 95 -3.49 -25.12 12.64
C GLU K 95 -4.04 -23.71 12.84
N LEU K 96 -3.33 -22.91 13.64
CA LEU K 96 -3.70 -21.52 13.92
C LEU K 96 -3.96 -20.84 12.57
N THR K 97 -3.10 -21.08 11.60
CA THR K 97 -3.26 -20.46 10.31
C THR K 97 -4.55 -20.88 9.63
N LYS K 98 -4.86 -22.17 9.66
CA LYS K 98 -6.07 -22.70 9.03
C LYS K 98 -7.30 -22.21 9.77
N LEU K 99 -7.33 -22.43 11.08
CA LEU K 99 -8.46 -21.99 11.87
C LEU K 99 -8.73 -20.49 11.74
N LEU K 100 -7.72 -19.67 12.04
CA LEU K 100 -7.86 -18.21 11.97
C LEU K 100 -8.23 -17.66 10.59
N LEU K 101 -7.60 -18.18 9.55
CA LEU K 101 -7.90 -17.70 8.21
C LEU K 101 -9.34 -18.02 7.84
N ASN K 102 -9.75 -19.27 8.00
CA ASN K 102 -11.11 -19.66 7.66
C ASN K 102 -12.16 -18.96 8.51
N HIS K 103 -11.92 -18.79 9.81
CA HIS K 103 -12.91 -18.16 10.66
C HIS K 103 -12.70 -16.70 11.05
N ALA K 104 -11.64 -16.06 10.55
CA ALA K 104 -11.40 -14.67 10.92
C ALA K 104 -10.48 -13.90 9.97
N SER K 105 -10.55 -14.21 8.68
CA SER K 105 -9.70 -13.51 7.71
C SER K 105 -10.07 -12.04 7.55
N ASP K 106 -11.20 -11.64 8.11
CA ASP K 106 -11.63 -10.26 8.04
C ASP K 106 -10.90 -9.49 9.13
N ASN K 107 -10.22 -10.24 10.00
CA ASN K 107 -9.46 -9.65 11.09
C ASN K 107 -7.98 -9.90 10.82
N ILE K 108 -7.69 -10.47 9.67
CA ILE K 108 -6.31 -10.77 9.31
C ILE K 108 -5.85 -10.08 8.03
N PRO K 109 -4.92 -9.12 8.18
CA PRO K 109 -4.39 -8.36 7.05
C PRO K 109 -3.91 -9.26 5.92
N LYS K 110 -4.26 -8.88 4.70
CA LYS K 110 -3.89 -9.63 3.50
C LYS K 110 -3.82 -11.14 3.72
N ALA K 111 -4.93 -11.69 4.21
CA ALA K 111 -5.07 -13.10 4.49
C ALA K 111 -4.59 -13.92 3.29
N ASP K 112 -5.28 -13.71 2.17
CA ASP K 112 -4.98 -14.39 0.92
C ASP K 112 -3.50 -14.64 0.68
N GLU K 113 -2.63 -13.78 1.22
CA GLU K 113 -1.20 -13.93 1.00
C GLU K 113 -0.51 -14.73 2.09
N ILE K 114 -1.06 -14.69 3.30
CA ILE K 114 -0.50 -15.43 4.43
C ILE K 114 -0.64 -16.91 4.15
N ARG K 115 -1.76 -17.27 3.54
CA ARG K 115 -2.07 -18.65 3.21
C ARG K 115 -0.98 -19.22 2.32
N THR K 116 -0.63 -18.49 1.26
CA THR K 116 0.39 -18.94 0.34
C THR K 116 1.73 -19.14 1.06
N LEU K 117 2.14 -18.16 1.85
CA LEU K 117 3.39 -18.23 2.59
C LEU K 117 3.46 -19.42 3.53
N VAL K 118 2.37 -19.69 4.25
CA VAL K 118 2.36 -20.81 5.17
C VAL K 118 2.31 -22.13 4.41
N LYS K 119 1.54 -22.17 3.33
CA LYS K 119 1.44 -23.38 2.52
C LYS K 119 2.80 -23.78 2.01
N ASP K 120 3.57 -22.79 1.57
CA ASP K 120 4.90 -23.02 1.05
C ASP K 120 5.90 -23.29 2.17
N MSE K 121 5.62 -22.74 3.34
CA MSE K 121 6.48 -22.95 4.49
C MSE K 121 6.41 -24.46 4.77
O MSE K 121 7.43 -25.14 4.95
CB MSE K 121 5.95 -22.19 5.70
CG MSE K 121 6.98 -21.32 6.38
SE MSE K 121 8.52 -22.37 6.89
CE MSE K 121 8.92 -21.50 8.57
N TRP K 122 5.17 -24.96 4.79
CA TRP K 122 4.88 -26.37 5.02
C TRP K 122 5.47 -27.20 3.89
N ASP K 123 5.15 -26.84 2.66
CA ASP K 123 5.65 -27.57 1.52
C ASP K 123 7.17 -27.76 1.54
N THR K 124 7.92 -26.72 1.89
CA THR K 124 9.37 -26.87 1.90
C THR K 124 9.88 -27.71 3.06
N ARG K 125 9.14 -27.76 4.17
CA ARG K 125 9.57 -28.56 5.30
C ARG K 125 9.32 -30.06 5.10
N ILE K 126 8.20 -30.40 4.49
CA ILE K 126 7.91 -31.80 4.23
C ILE K 126 8.98 -32.30 3.28
N ALA K 127 9.40 -31.44 2.35
CA ALA K 127 10.44 -31.80 1.41
C ALA K 127 11.73 -32.13 2.17
N LYS K 128 12.12 -31.25 3.09
CA LYS K 128 13.34 -31.48 3.85
C LYS K 128 13.19 -32.78 4.63
N LEU K 129 11.98 -33.08 5.10
CA LEU K 129 11.74 -34.29 5.86
C LEU K 129 11.96 -35.51 4.98
N ARG K 130 11.43 -35.46 3.75
CA ARG K 130 11.61 -36.58 2.86
C ARG K 130 13.10 -36.81 2.64
N VAL K 131 13.81 -35.75 2.26
CA VAL K 131 15.25 -35.84 2.04
C VAL K 131 15.97 -36.36 3.27
N SER K 132 15.59 -35.86 4.44
CA SER K 132 16.22 -36.28 5.66
C SER K 132 15.95 -37.76 5.86
N ALA K 133 14.70 -38.15 5.65
CA ALA K 133 14.24 -39.54 5.79
C ALA K 133 15.04 -40.46 4.88
N ASP K 134 15.19 -40.07 3.62
CA ASP K 134 15.95 -40.88 2.69
C ASP K 134 17.37 -41.01 3.22
N SER K 135 17.94 -39.88 3.64
CA SER K 135 19.29 -39.88 4.17
C SER K 135 19.40 -40.89 5.29
N PHE K 136 18.56 -40.71 6.30
CA PHE K 136 18.52 -41.60 7.46
C PHE K 136 18.48 -43.07 7.07
N VAL K 137 17.60 -43.42 6.14
CA VAL K 137 17.46 -44.80 5.70
C VAL K 137 18.72 -45.33 5.03
N ARG K 138 19.28 -44.56 4.10
CA ARG K 138 20.48 -44.97 3.43
C ARG K 138 21.63 -45.06 4.43
N GLN K 139 21.83 -44.00 5.21
CA GLN K 139 22.92 -43.98 6.18
C GLN K 139 22.72 -44.95 7.34
N GLN K 140 21.69 -45.79 7.27
CA GLN K 140 21.41 -46.79 8.30
C GLN K 140 21.49 -46.39 9.77
N GLU K 141 20.73 -45.37 10.17
CA GLU K 141 20.69 -44.94 11.56
C GLU K 141 19.59 -45.69 12.30
N ALA K 142 19.65 -45.68 13.63
CA ALA K 142 18.65 -46.37 14.45
C ALA K 142 17.78 -45.37 15.20
N HIS K 143 18.39 -44.24 15.54
CA HIS K 143 17.73 -43.17 16.26
C HIS K 143 17.85 -41.82 15.53
N ALA K 144 16.73 -41.10 15.47
CA ALA K 144 16.68 -39.78 14.83
C ALA K 144 16.12 -38.80 15.82
N LYS K 145 16.47 -37.52 15.66
CA LYS K 145 15.96 -36.48 16.54
C LYS K 145 15.07 -35.58 15.68
N LEU K 146 13.84 -35.38 16.12
CA LEU K 146 12.87 -34.58 15.37
C LEU K 146 12.62 -33.22 16.00
N ASP K 147 13.70 -32.55 16.36
CA ASP K 147 13.60 -31.25 16.99
C ASP K 147 13.07 -30.21 16.01
N ASN K 148 12.23 -29.31 16.50
CA ASN K 148 11.63 -28.24 15.69
C ASN K 148 10.58 -28.75 14.73
N LEU K 149 10.16 -30.00 14.91
CA LEU K 149 9.14 -30.56 14.05
C LEU K 149 7.87 -30.54 14.86
N THR K 150 6.79 -30.03 14.26
CA THR K 150 5.50 -29.93 14.95
C THR K 150 4.68 -31.22 14.90
N LEU K 151 3.72 -31.36 15.80
CA LEU K 151 2.90 -32.57 15.80
C LEU K 151 2.21 -32.82 14.48
N MSE K 152 1.77 -31.74 13.82
CA MSE K 152 1.08 -31.86 12.56
C MSE K 152 1.98 -32.40 11.46
O MSE K 152 1.52 -33.14 10.59
CB MSE K 152 0.49 -30.53 12.15
CG MSE K 152 -0.50 -30.59 10.99
SE MSE K 152 -2.10 -31.68 11.32
CE MSE K 152 -2.21 -32.44 9.55
N GLU K 153 3.27 -32.05 11.50
CA GLU K 153 4.24 -32.51 10.49
C GLU K 153 4.66 -33.94 10.79
N ILE K 154 4.69 -34.26 12.07
CA ILE K 154 5.07 -35.58 12.53
C ILE K 154 4.00 -36.63 12.27
N ASN K 155 2.82 -36.46 12.86
CA ASN K 155 1.76 -37.42 12.68
C ASN K 155 1.24 -37.52 11.25
N THR K 156 1.56 -36.54 10.43
CA THR K 156 1.07 -36.55 9.06
C THR K 156 1.85 -37.44 8.10
N SER K 157 3.13 -37.64 8.37
CA SER K 157 3.97 -38.50 7.54
C SER K 157 4.45 -39.62 8.44
N GLY K 158 4.07 -39.50 9.71
CA GLY K 158 4.44 -40.47 10.71
C GLY K 158 4.20 -41.89 10.28
N THR K 159 2.94 -42.29 10.26
CA THR K 159 2.58 -43.65 9.90
C THR K 159 3.42 -44.20 8.77
N PHE K 160 3.67 -43.40 7.74
CA PHE K 160 4.47 -43.87 6.62
C PHE K 160 5.89 -44.11 7.05
N LEU K 161 6.52 -43.11 7.65
CA LEU K 161 7.90 -43.27 8.10
C LEU K 161 8.04 -44.44 9.06
N THR K 162 7.16 -44.51 10.03
CA THR K 162 7.21 -45.60 11.01
C THR K 162 7.05 -46.94 10.30
N GLN K 163 6.22 -46.99 9.27
CA GLN K 163 6.00 -48.25 8.58
C GLN K 163 7.25 -48.74 7.88
N ALA K 164 7.94 -47.81 7.22
CA ALA K 164 9.16 -48.12 6.49
C ALA K 164 10.25 -48.62 7.45
N LEU K 165 10.41 -47.93 8.57
CA LEU K 165 11.40 -48.29 9.56
C LEU K 165 11.08 -49.66 10.15
N ASN K 166 9.80 -49.97 10.19
CA ASN K 166 9.36 -51.23 10.74
C ASN K 166 9.60 -52.36 9.75
N HIS K 167 9.48 -52.07 8.47
CA HIS K 167 9.71 -53.08 7.45
C HIS K 167 11.20 -53.36 7.36
N MSE K 168 12.00 -52.30 7.43
CA MSE K 168 13.44 -52.45 7.38
C MSE K 168 13.97 -53.16 8.59
O MSE K 168 14.94 -53.91 8.50
CB MSE K 168 14.09 -51.09 7.31
CG MSE K 168 14.28 -50.60 5.91
SE MSE K 168 14.60 -48.74 6.04
CE MSE K 168 16.14 -48.76 7.24
N TYR K 169 13.35 -52.91 9.74
CA TYR K 169 13.84 -53.56 10.94
C TYR K 169 13.64 -55.06 10.87
N LYS K 170 12.48 -55.48 10.35
CA LYS K 170 12.20 -56.89 10.22
C LYS K 170 13.23 -57.49 9.24
N LEU K 171 13.48 -56.79 8.13
CA LEU K 171 14.44 -57.24 7.13
C LEU K 171 15.86 -57.28 7.66
N ARG K 172 16.25 -56.24 8.39
CA ARG K 172 17.58 -56.14 8.96
C ARG K 172 17.84 -57.22 10.01
N THR K 173 16.84 -58.06 10.25
CA THR K 173 16.97 -59.10 11.26
C THR K 173 16.24 -60.39 10.91
N ASN K 174 15.60 -60.45 9.74
CA ASN K 174 14.84 -61.64 9.34
C ASN K 174 15.63 -62.94 9.45
N LEU K 175 16.94 -62.83 9.67
CA LEU K 175 17.82 -63.99 9.81
C LEU K 175 17.84 -64.49 11.25
N GLU L 3 -12.18 -45.16 9.08
CA GLU L 3 -12.89 -45.92 10.14
C GLU L 3 -11.95 -46.65 11.12
N ALA L 4 -12.49 -47.63 11.84
CA ALA L 4 -11.71 -48.36 12.83
C ALA L 4 -11.46 -49.81 12.45
N TYR L 5 -11.74 -50.19 11.21
CA TYR L 5 -11.50 -51.57 10.80
C TYR L 5 -10.01 -51.77 10.53
N PHE L 6 -9.39 -52.65 11.30
CA PHE L 6 -7.97 -52.90 11.13
C PHE L 6 -7.69 -54.36 10.81
N ARG L 7 -7.30 -54.66 9.58
CA ARG L 7 -7.02 -56.04 9.25
C ARG L 7 -5.86 -56.56 10.10
N VAL L 8 -5.49 -57.81 9.93
CA VAL L 8 -4.36 -58.34 10.69
C VAL L 8 -3.07 -58.04 9.93
N GLU L 9 -2.09 -57.53 10.64
CA GLU L 9 -0.83 -57.18 10.02
C GLU L 9 -0.01 -58.37 9.58
N SER L 10 0.69 -58.17 8.48
CA SER L 10 1.54 -59.20 7.89
C SER L 10 2.78 -59.46 8.74
N GLY L 11 3.34 -60.67 8.64
CA GLY L 11 4.51 -60.97 9.42
C GLY L 11 5.67 -61.60 8.66
N ALA L 12 5.53 -61.74 7.35
CA ALA L 12 6.55 -62.38 6.51
C ALA L 12 7.93 -61.74 6.48
N LEU L 13 8.01 -60.44 6.66
CA LEU L 13 9.30 -59.75 6.64
C LEU L 13 10.16 -60.19 7.82
N GLY L 14 9.51 -60.72 8.84
CA GLY L 14 10.26 -61.18 10.00
C GLY L 14 10.33 -62.70 9.98
N PRO L 15 10.78 -63.31 11.09
CA PRO L 15 10.89 -64.77 11.21
C PRO L 15 9.73 -65.59 10.62
N GLU L 16 8.57 -65.55 11.25
CA GLU L 16 7.43 -66.32 10.75
C GLU L 16 6.23 -65.49 10.27
N GLU L 17 5.33 -66.12 9.53
CA GLU L 17 4.13 -65.46 9.03
C GLU L 17 3.19 -65.29 10.20
N ASN L 18 2.12 -64.53 10.02
CA ASN L 18 1.12 -64.34 11.07
C ASN L 18 -0.04 -65.23 10.65
N PHE L 19 -0.40 -66.20 11.49
CA PHE L 19 -1.48 -67.14 11.18
C PHE L 19 -2.69 -66.53 10.47
N LEU L 20 -3.16 -65.39 10.97
CA LEU L 20 -4.34 -64.76 10.41
C LEU L 20 -4.19 -63.66 9.36
N SER L 21 -2.97 -63.40 8.90
CA SER L 21 -2.74 -62.35 7.91
C SER L 21 -3.17 -62.70 6.49
N LEU L 22 -4.21 -62.06 6.02
CA LEU L 22 -4.67 -62.31 4.66
C LEU L 22 -3.44 -62.13 3.78
N ASP L 23 -2.69 -61.06 3.98
CA ASP L 23 -1.49 -60.78 3.19
C ASP L 23 -0.49 -61.95 3.19
N ASP L 24 -0.25 -62.55 4.35
CA ASP L 24 0.65 -63.67 4.45
C ASP L 24 0.10 -64.91 3.76
N ILE L 25 -1.22 -65.12 3.83
CA ILE L 25 -1.84 -66.26 3.14
C ILE L 25 -1.54 -66.06 1.67
N LEU L 26 -1.97 -64.93 1.12
CA LEU L 26 -1.74 -64.61 -0.30
C LEU L 26 -0.29 -64.86 -0.70
N MSE L 27 0.62 -64.38 0.12
CA MSE L 27 2.04 -64.52 -0.14
C MSE L 27 2.51 -65.96 -0.24
O MSE L 27 3.29 -66.27 -1.12
CB MSE L 27 2.85 -63.81 0.95
CG MSE L 27 4.37 -63.94 0.81
SE MSE L 27 5.14 -65.63 1.44
CE MSE L 27 4.99 -65.36 3.35
N SER L 28 2.04 -66.81 0.66
CA SER L 28 2.47 -68.21 0.68
C SER L 28 1.78 -69.16 -0.28
N HIS L 29 0.95 -68.61 -1.15
CA HIS L 29 0.27 -69.45 -2.12
C HIS L 29 1.08 -69.42 -3.39
N GLU L 30 2.03 -68.50 -3.43
CA GLU L 30 2.91 -68.34 -4.58
C GLU L 30 3.81 -69.57 -4.73
N LYS L 31 3.93 -70.07 -5.97
CA LYS L 31 4.72 -71.26 -6.27
C LYS L 31 6.22 -71.18 -6.01
N LEU L 32 6.87 -72.33 -6.09
CA LEU L 32 8.31 -72.42 -5.82
C LEU L 32 8.86 -73.63 -6.59
N PRO L 33 10.04 -73.49 -7.23
CA PRO L 33 10.58 -74.64 -7.97
C PRO L 33 10.96 -75.72 -6.98
N VAL L 34 10.62 -76.96 -7.30
CA VAL L 34 10.96 -78.04 -6.39
C VAL L 34 11.08 -79.35 -7.13
N ARG L 35 11.74 -80.31 -6.50
CA ARG L 35 11.89 -81.63 -7.07
C ARG L 35 11.65 -82.65 -5.98
N THR L 36 10.88 -83.67 -6.32
CA THR L 36 10.54 -84.72 -5.38
C THR L 36 11.67 -85.71 -5.19
N GLU L 37 11.71 -86.32 -4.01
CA GLU L 37 12.75 -87.28 -3.66
C GLU L 37 12.22 -88.67 -3.30
N THR L 38 10.94 -88.96 -3.53
CA THR L 38 10.44 -90.29 -3.20
C THR L 38 9.55 -90.32 -4.41
N ALA L 39 8.25 -90.46 -4.24
CA ALA L 39 7.33 -90.55 -5.37
C ALA L 39 6.14 -90.56 -4.43
N MSE L 40 5.05 -89.97 -4.90
CA MSE L 40 3.87 -89.88 -4.07
C MSE L 40 2.95 -90.77 -4.89
O MSE L 40 2.99 -90.77 -6.13
CB MSE L 40 3.62 -88.41 -3.75
CG MSE L 40 4.89 -87.74 -3.27
SE MSE L 40 4.70 -85.87 -2.94
CE MSE L 40 4.07 -85.30 -4.71
N PRO L 41 2.13 -91.57 -4.20
CA PRO L 41 1.17 -92.49 -4.80
C PRO L 41 -0.25 -91.99 -4.65
N ARG L 42 -0.94 -91.89 -5.77
CA ARG L 42 -2.34 -91.47 -5.81
C ARG L 42 -2.38 -90.04 -6.36
N LEU L 43 -1.32 -89.26 -6.14
CA LEU L 43 -1.29 -87.87 -6.61
C LEU L 43 -1.21 -87.62 -8.12
N GLY L 44 -0.35 -88.38 -8.80
CA GLY L 44 -0.16 -88.23 -10.23
C GLY L 44 -1.30 -87.57 -10.98
N ALA L 45 -2.50 -88.06 -10.72
CA ALA L 45 -3.71 -87.54 -11.36
C ALA L 45 -3.77 -86.02 -11.31
N PHE L 46 -3.63 -85.47 -10.11
CA PHE L 46 -3.71 -84.03 -9.88
C PHE L 46 -2.54 -83.22 -10.41
N PHE L 47 -1.86 -83.70 -11.44
CA PHE L 47 -0.72 -82.97 -11.99
C PHE L 47 -0.59 -83.01 -13.51
N LEU L 48 0.65 -83.01 -14.00
CA LEU L 48 0.94 -83.00 -15.45
C LEU L 48 0.46 -81.70 -16.08
N ASN L 58 -3.00 -91.75 -10.83
CA ASN L 58 -1.69 -92.38 -10.84
C ASN L 58 -0.83 -91.78 -9.72
N ALA L 59 0.46 -92.09 -9.76
CA ALA L 59 1.42 -91.60 -8.77
C ALA L 59 2.47 -90.70 -9.42
N VAL L 60 3.02 -89.77 -8.63
CA VAL L 60 4.06 -88.84 -9.10
C VAL L 60 5.44 -89.45 -8.89
N PRO L 61 6.12 -89.82 -9.98
CA PRO L 61 7.45 -90.43 -10.00
C PRO L 61 8.72 -89.80 -9.45
N GLN L 62 9.22 -90.38 -8.36
CA GLN L 62 10.40 -89.87 -7.69
C GLN L 62 11.12 -88.61 -8.17
N GLY L 63 12.06 -88.76 -9.10
CA GLY L 63 12.79 -87.58 -9.56
C GLY L 63 11.98 -86.44 -10.14
N SER L 64 10.65 -86.50 -10.04
CA SER L 64 9.79 -85.46 -10.59
C SER L 64 10.09 -84.01 -10.18
N LYS L 65 9.97 -83.10 -11.14
CA LYS L 65 10.23 -81.69 -10.91
C LYS L 65 8.93 -80.88 -11.06
N LEU L 66 8.54 -80.15 -10.01
CA LEU L 66 7.30 -79.36 -10.08
C LEU L 66 7.24 -78.05 -9.29
N GLU L 67 6.17 -77.30 -9.54
CA GLU L 67 5.90 -76.00 -8.92
C GLU L 67 4.89 -76.10 -7.77
N LEU L 68 5.39 -76.05 -6.53
CA LEU L 68 4.52 -76.11 -5.37
C LEU L 68 4.40 -74.77 -4.65
N PRO L 69 3.29 -74.57 -3.93
CA PRO L 69 3.09 -73.32 -3.20
C PRO L 69 4.00 -73.35 -1.98
N LEU L 70 4.61 -72.22 -1.65
CA LEU L 70 5.50 -72.18 -0.49
C LEU L 70 4.92 -72.96 0.71
N TRP L 71 3.63 -72.77 1.02
CA TRP L 71 3.08 -73.47 2.16
C TRP L 71 3.19 -75.00 2.06
N LEU L 72 2.84 -75.56 0.91
CA LEU L 72 2.93 -77.00 0.71
C LEU L 72 4.38 -77.47 0.78
N ALA L 73 5.26 -76.81 0.02
CA ALA L 73 6.70 -77.13 -0.01
C ALA L 73 7.34 -76.95 1.36
N LYS L 74 6.82 -76.00 2.12
CA LYS L 74 7.34 -75.76 3.46
C LYS L 74 6.90 -76.92 4.36
N GLY L 75 5.69 -77.41 4.15
CA GLY L 75 5.18 -78.50 4.96
C GLY L 75 5.87 -79.83 4.71
N LEU L 76 6.23 -80.07 3.45
CA LEU L 76 6.88 -81.31 3.10
C LEU L 76 8.38 -81.30 3.27
N PHE L 77 8.96 -80.11 3.48
CA PHE L 77 10.40 -79.97 3.60
C PHE L 77 11.04 -80.42 4.91
N ASP L 78 12.33 -80.74 4.84
CA ASP L 78 13.13 -81.18 5.97
C ASP L 78 14.56 -81.18 5.47
N ASN L 79 15.52 -81.00 6.38
CA ASN L 79 16.94 -80.95 6.01
C ASN L 79 17.40 -82.03 5.04
N LYS L 80 17.38 -83.27 5.48
CA LYS L 80 17.83 -84.34 4.59
C LYS L 80 17.01 -84.57 3.32
N ARG L 81 16.22 -83.59 2.91
CA ARG L 81 15.43 -83.73 1.69
C ARG L 81 14.81 -85.12 1.50
N ARG L 82 14.16 -85.67 2.52
CA ARG L 82 13.57 -87.01 2.40
C ARG L 82 12.41 -87.11 1.40
N ILE L 83 11.59 -86.06 1.33
CA ILE L 83 10.45 -86.05 0.43
C ILE L 83 10.60 -85.04 -0.66
N LEU L 84 11.15 -83.90 -0.30
CA LEU L 84 11.26 -82.81 -1.25
C LEU L 84 12.65 -82.18 -1.27
N SER L 85 12.96 -81.56 -2.39
CA SER L 85 14.22 -80.87 -2.58
C SER L 85 13.79 -79.51 -3.07
N VAL L 86 14.03 -78.47 -2.26
CA VAL L 86 13.62 -77.13 -2.66
C VAL L 86 14.68 -76.42 -3.48
N GLU L 87 14.23 -75.54 -4.35
CA GLU L 87 15.12 -74.82 -5.24
C GLU L 87 14.76 -73.33 -5.38
N LEU L 88 15.75 -72.49 -5.10
CA LEU L 88 15.64 -71.03 -5.18
C LEU L 88 15.04 -70.49 -6.47
N PRO L 89 14.07 -69.57 -6.34
CA PRO L 89 13.44 -68.98 -7.53
C PRO L 89 14.45 -68.09 -8.24
N LYS L 90 14.39 -68.07 -9.57
CA LYS L 90 15.32 -67.30 -10.38
C LYS L 90 15.66 -65.92 -9.81
N ILE L 91 14.63 -65.18 -9.37
CA ILE L 91 14.81 -63.83 -8.87
C ILE L 91 15.65 -63.61 -7.61
N TYR L 92 15.78 -64.61 -6.76
CA TYR L 92 16.57 -64.45 -5.54
C TYR L 92 17.97 -65.03 -5.77
N GLN L 93 18.27 -65.27 -7.04
CA GLN L 93 19.54 -65.85 -7.46
C GLN L 93 20.54 -64.77 -7.81
N GLU L 94 21.82 -65.05 -7.55
CA GLU L 94 22.94 -64.15 -7.80
C GLU L 94 22.79 -63.27 -9.05
N GLY L 95 22.54 -63.89 -10.19
CA GLY L 95 22.35 -63.10 -11.39
C GLY L 95 21.54 -61.85 -11.11
N TRP L 96 20.35 -62.04 -10.56
CA TRP L 96 19.50 -60.90 -10.24
C TRP L 96 20.01 -60.06 -9.07
N ARG L 97 20.57 -60.73 -8.06
CA ARG L 97 21.07 -60.00 -6.91
C ARG L 97 21.94 -58.88 -7.43
N THR L 98 22.84 -59.23 -8.33
CA THR L 98 23.76 -58.29 -8.97
C THR L 98 22.98 -57.16 -9.64
N VAL L 99 22.13 -57.51 -10.60
CA VAL L 99 21.34 -56.50 -11.27
C VAL L 99 20.63 -55.59 -10.27
N PHE L 100 20.09 -56.19 -9.20
CA PHE L 100 19.39 -55.41 -8.17
C PHE L 100 20.35 -54.38 -7.62
N SER L 101 21.51 -54.86 -7.17
CA SER L 101 22.55 -54.01 -6.58
C SER L 101 22.89 -52.79 -7.45
N ALA L 102 23.12 -53.01 -8.74
CA ALA L 102 23.46 -51.93 -9.66
C ALA L 102 22.43 -50.83 -9.54
N ASP L 103 21.17 -51.15 -9.82
CA ASP L 103 20.11 -50.17 -9.75
C ASP L 103 18.77 -50.87 -9.49
N PRO L 104 18.30 -50.85 -8.22
CA PRO L 104 17.05 -51.47 -7.82
C PRO L 104 15.82 -50.82 -8.44
N ASN L 105 15.86 -49.51 -8.63
CA ASN L 105 14.73 -48.77 -9.17
C ASN L 105 14.32 -49.06 -10.60
N VAL L 106 15.03 -49.96 -11.26
CA VAL L 106 14.66 -50.29 -12.63
C VAL L 106 13.78 -51.53 -12.66
N VAL L 107 13.98 -52.43 -11.70
CA VAL L 107 13.24 -53.69 -11.61
C VAL L 107 11.73 -53.54 -11.44
N ASP L 108 10.96 -54.41 -12.10
CA ASP L 108 9.51 -54.40 -11.97
C ASP L 108 9.11 -55.50 -10.99
N LEU L 109 9.15 -55.14 -9.72
CA LEU L 109 8.83 -56.06 -8.65
C LEU L 109 7.43 -56.61 -8.66
N HIS L 110 6.52 -55.99 -9.43
CA HIS L 110 5.17 -56.50 -9.48
C HIS L 110 5.17 -57.74 -10.37
N LYS L 111 5.74 -57.60 -11.57
CA LYS L 111 5.83 -58.73 -12.48
C LYS L 111 6.77 -59.80 -11.94
N MSE L 112 7.70 -59.39 -11.09
CA MSE L 112 8.67 -60.31 -10.51
C MSE L 112 8.15 -61.04 -9.27
O MSE L 112 8.86 -61.17 -8.28
CB MSE L 112 9.93 -59.52 -10.18
CG MSE L 112 10.54 -58.79 -11.36
SE MSE L 112 11.58 -59.97 -12.52
CE MSE L 112 13.31 -59.60 -11.69
N GLY L 113 6.92 -61.55 -9.36
CA GLY L 113 6.32 -62.20 -8.20
C GLY L 113 5.99 -60.98 -7.39
N PRO L 114 4.71 -60.60 -7.28
CA PRO L 114 4.29 -59.42 -6.53
C PRO L 114 4.67 -59.37 -5.05
N HIS L 115 5.18 -60.48 -4.52
CA HIS L 115 5.56 -60.57 -3.10
C HIS L 115 7.07 -60.75 -2.89
N PHE L 116 7.86 -59.98 -3.60
CA PHE L 116 9.33 -60.07 -3.51
C PHE L 116 9.97 -60.16 -2.09
N TYR L 117 9.69 -59.21 -1.20
CA TYR L 117 10.31 -59.25 0.12
C TYR L 117 9.76 -60.32 1.05
N GLY L 118 8.43 -60.46 1.05
CA GLY L 118 7.78 -61.44 1.91
C GLY L 118 8.20 -62.87 1.63
N PHE L 119 8.07 -63.27 0.38
CA PHE L 119 8.46 -64.60 -0.06
C PHE L 119 9.93 -64.78 0.32
N GLY L 120 10.79 -63.96 -0.32
CA GLY L 120 12.21 -64.00 -0.07
C GLY L 120 12.55 -64.17 1.39
N SER L 121 11.95 -63.36 2.24
CA SER L 121 12.23 -63.47 3.66
C SER L 121 11.78 -64.83 4.18
N GLN L 122 10.65 -65.30 3.69
CA GLN L 122 10.09 -66.56 4.12
C GLN L 122 10.82 -67.73 3.48
N LEU L 123 11.48 -67.46 2.37
CA LEU L 123 12.24 -68.46 1.63
C LEU L 123 13.54 -68.79 2.38
N LEU L 124 13.89 -67.98 3.36
CA LEU L 124 15.09 -68.18 4.15
C LEU L 124 15.03 -69.39 5.06
N HIS L 125 13.85 -69.95 5.26
CA HIS L 125 13.70 -71.07 6.16
C HIS L 125 14.29 -72.38 5.67
N PHE L 126 14.59 -72.43 4.38
CA PHE L 126 15.14 -73.62 3.79
C PHE L 126 16.64 -73.73 4.04
N ASP L 127 17.14 -72.76 4.81
CA ASP L 127 18.53 -72.70 5.20
C ASP L 127 19.52 -72.82 4.05
N SER L 128 19.20 -72.17 2.94
CA SER L 128 20.07 -72.20 1.79
C SER L 128 21.36 -71.47 2.15
N PRO L 129 22.50 -72.00 1.72
CA PRO L 129 23.82 -71.40 1.99
C PRO L 129 23.91 -69.95 1.52
N GLU L 130 23.02 -69.56 0.61
CA GLU L 130 23.01 -68.20 0.10
C GLU L 130 22.12 -67.27 0.91
N ASN L 131 21.79 -67.67 2.14
CA ASN L 131 20.92 -66.83 2.95
C ASN L 131 21.50 -65.46 3.25
N ALA L 132 22.76 -65.40 3.66
CA ALA L 132 23.40 -64.12 3.94
C ALA L 132 23.20 -63.22 2.74
N ASP L 133 23.53 -63.75 1.57
CA ASP L 133 23.40 -63.00 0.33
C ASP L 133 21.99 -62.59 -0.02
N ILE L 134 21.01 -63.46 0.22
CA ILE L 134 19.63 -63.13 -0.10
C ILE L 134 19.08 -62.07 0.87
N SER L 135 19.28 -62.32 2.16
CA SER L 135 18.80 -61.41 3.18
C SER L 135 19.29 -60.00 2.91
N GLN L 136 20.60 -59.90 2.68
CA GLN L 136 21.27 -58.64 2.42
C GLN L 136 20.72 -57.96 1.16
N SER L 137 20.39 -58.77 0.16
CA SER L 137 19.87 -58.22 -1.07
C SER L 137 18.51 -57.58 -0.79
N LEU L 138 17.58 -58.33 -0.20
CA LEU L 138 16.24 -57.80 0.09
C LEU L 138 16.33 -56.41 0.68
N LEU L 139 17.05 -56.28 1.79
CA LEU L 139 17.24 -54.99 2.47
C LEU L 139 17.81 -53.93 1.54
N GLN L 140 18.94 -54.25 0.92
CA GLN L 140 19.58 -53.34 0.01
C GLN L 140 18.64 -52.87 -1.10
N THR L 141 17.88 -53.79 -1.70
CA THR L 141 16.99 -53.36 -2.76
C THR L 141 15.80 -52.52 -2.26
N PHE L 142 15.44 -52.64 -1.00
CA PHE L 142 14.34 -51.84 -0.48
C PHE L 142 14.90 -50.42 -0.33
N ILE L 143 15.92 -50.31 0.52
CA ILE L 143 16.60 -49.04 0.79
C ILE L 143 16.74 -48.25 -0.51
N GLY L 144 17.07 -48.97 -1.59
CA GLY L 144 17.23 -48.34 -2.88
C GLY L 144 15.97 -47.76 -3.47
N ARG L 145 14.81 -48.33 -3.19
CA ARG L 145 13.59 -47.79 -3.78
C ARG L 145 12.77 -46.89 -2.86
N PHE L 146 13.20 -46.77 -1.61
CA PHE L 146 12.47 -45.94 -0.65
C PHE L 146 12.14 -44.54 -1.19
N ARG L 147 13.15 -43.78 -1.57
CA ARG L 147 12.94 -42.44 -2.09
C ARG L 147 11.80 -42.41 -3.09
N ARG L 148 12.01 -43.10 -4.21
CA ARG L 148 11.01 -43.18 -5.28
C ARG L 148 9.60 -43.49 -4.78
N ILE L 149 9.50 -44.39 -3.80
CA ILE L 149 8.21 -44.75 -3.26
C ILE L 149 7.62 -43.61 -2.42
N MSE L 150 8.40 -43.09 -1.47
CA MSE L 150 7.91 -42.00 -0.62
C MSE L 150 7.60 -40.76 -1.44
O MSE L 150 6.55 -40.15 -1.26
CB MSE L 150 8.94 -41.65 0.46
CG MSE L 150 8.53 -40.49 1.36
SE MSE L 150 9.75 -40.18 2.84
CE MSE L 150 11.29 -39.73 1.77
N ASP L 151 8.50 -40.40 -2.34
CA ASP L 151 8.28 -39.25 -3.20
C ASP L 151 6.90 -39.38 -3.85
N SER L 152 6.66 -40.51 -4.50
CA SER L 152 5.39 -40.73 -5.16
C SER L 152 4.21 -40.82 -4.21
N SER L 153 4.43 -41.33 -3.00
CA SER L 153 3.35 -41.42 -2.03
C SER L 153 2.77 -40.04 -1.83
N GLN L 154 3.29 -39.35 -0.81
CA GLN L 154 2.85 -38.00 -0.46
C GLN L 154 2.57 -37.09 -1.64
N ASN L 155 2.96 -37.51 -2.84
CA ASN L 155 2.74 -36.72 -4.04
C ASN L 155 1.39 -37.00 -4.73
N ALA L 156 0.74 -35.95 -5.22
CA ALA L 156 -0.56 -36.05 -5.89
C ALA L 156 -0.66 -37.11 -6.98
N TYR L 157 -1.69 -37.96 -6.88
CA TYR L 157 -1.93 -39.05 -7.82
C TYR L 157 -2.06 -38.56 -9.27
N ASN L 158 -1.14 -38.99 -10.13
CA ASN L 158 -1.18 -38.63 -11.54
C ASN L 158 -1.45 -39.88 -12.37
N GLU L 159 -1.42 -39.74 -13.68
CA GLU L 159 -1.61 -40.89 -14.55
C GLU L 159 -0.23 -41.52 -14.66
N ASP L 160 0.79 -40.76 -14.30
CA ASP L 160 2.17 -41.24 -14.35
C ASP L 160 2.53 -42.05 -13.10
N THR L 161 1.85 -41.79 -11.99
CA THR L 161 2.12 -42.54 -10.77
C THR L 161 1.69 -43.98 -11.01
N SER L 162 0.55 -44.14 -11.68
CA SER L 162 0.03 -45.46 -11.99
C SER L 162 1.11 -46.32 -12.65
N ALA L 163 2.03 -45.65 -13.36
CA ALA L 163 3.14 -46.34 -14.02
C ALA L 163 4.17 -46.76 -12.97
N LEU L 164 4.32 -45.96 -11.92
CA LEU L 164 5.25 -46.27 -10.85
C LEU L 164 4.63 -47.36 -9.97
N VAL L 165 3.37 -47.15 -9.62
CA VAL L 165 2.64 -48.10 -8.80
C VAL L 165 2.61 -49.46 -9.46
N ALA L 166 2.62 -49.48 -10.79
CA ALA L 166 2.58 -50.74 -11.53
C ALA L 166 3.83 -51.61 -11.38
N ARG L 167 4.98 -51.00 -11.10
CA ARG L 167 6.20 -51.78 -10.95
C ARG L 167 6.54 -52.06 -9.49
N LEU L 168 5.61 -51.74 -8.59
CA LEU L 168 5.85 -51.98 -7.17
C LEU L 168 5.38 -53.35 -6.75
N ASP L 169 6.07 -53.90 -5.74
CA ASP L 169 5.73 -55.19 -5.19
C ASP L 169 4.61 -54.92 -4.19
N GLU L 170 3.98 -55.98 -3.71
CA GLU L 170 2.87 -55.84 -2.79
C GLU L 170 3.14 -55.08 -1.49
N MSE L 171 4.32 -55.27 -0.92
CA MSE L 171 4.67 -54.59 0.32
C MSE L 171 4.92 -53.12 0.06
O MSE L 171 4.65 -52.26 0.91
CB MSE L 171 5.92 -55.25 0.92
CG MSE L 171 6.35 -54.67 2.26
SE MSE L 171 7.82 -53.42 2.09
CE MSE L 171 9.25 -54.59 2.66
N GLU L 172 5.44 -52.83 -1.12
CA GLU L 172 5.70 -51.46 -1.53
C GLU L 172 4.37 -50.76 -1.83
N ARG L 173 3.47 -51.47 -2.51
CA ARG L 173 2.17 -50.87 -2.81
C ARG L 173 1.48 -50.51 -1.51
N GLY L 174 1.62 -51.34 -0.50
CA GLY L 174 1.01 -51.03 0.77
C GLY L 174 1.61 -49.79 1.36
N LEU L 175 2.94 -49.71 1.37
CA LEU L 175 3.63 -48.56 1.93
C LEU L 175 3.15 -47.31 1.21
N PHE L 176 3.08 -47.40 -0.11
CA PHE L 176 2.63 -46.29 -0.93
C PHE L 176 1.23 -45.88 -0.49
N GLN L 177 0.39 -46.87 -0.24
CA GLN L 177 -0.99 -46.61 0.16
C GLN L 177 -1.04 -45.87 1.51
N THR L 178 -0.06 -46.13 2.38
CA THR L 178 -0.04 -45.46 3.67
C THR L 178 0.33 -43.99 3.54
N GLY L 179 1.41 -43.71 2.81
CA GLY L 179 1.80 -42.32 2.64
C GLY L 179 0.75 -41.58 1.85
N GLN L 180 -0.04 -42.33 1.09
CA GLN L 180 -1.08 -41.75 0.26
C GLN L 180 -2.27 -41.41 1.13
N LYS L 181 -2.40 -42.12 2.24
CA LYS L 181 -3.50 -41.89 3.15
C LYS L 181 -3.17 -40.68 4.01
N GLY L 182 -1.95 -40.64 4.52
CA GLY L 182 -1.55 -39.51 5.34
C GLY L 182 -1.70 -38.26 4.50
N LEU L 183 -1.47 -38.41 3.21
CA LEU L 183 -1.59 -37.26 2.32
C LEU L 183 -3.02 -36.77 2.29
N ASN L 184 -3.96 -37.70 2.16
CA ASN L 184 -5.35 -37.28 2.14
C ASN L 184 -5.85 -36.79 3.48
N ASP L 185 -5.50 -37.47 4.57
CA ASP L 185 -5.95 -37.01 5.88
C ASP L 185 -5.62 -35.52 5.98
N PHE L 186 -4.47 -35.14 5.44
CA PHE L 186 -4.03 -33.75 5.48
C PHE L 186 -4.90 -32.84 4.63
N GLN L 187 -4.89 -33.06 3.31
CA GLN L 187 -5.69 -32.25 2.38
C GLN L 187 -7.17 -32.19 2.74
N CYS L 188 -7.69 -33.27 3.29
CA CYS L 188 -9.09 -33.31 3.69
C CYS L 188 -9.30 -32.40 4.90
N TRP L 189 -8.27 -32.33 5.74
CA TRP L 189 -8.33 -31.50 6.93
C TRP L 189 -8.06 -30.05 6.54
N GLU L 190 -7.20 -29.89 5.55
CA GLU L 190 -6.81 -28.58 5.07
C GLU L 190 -7.93 -27.88 4.30
N LYS L 191 -8.35 -28.50 3.19
CA LYS L 191 -9.37 -27.91 2.34
C LYS L 191 -10.81 -27.97 2.86
N GLY L 192 -11.04 -28.58 4.01
CA GLY L 192 -12.40 -28.66 4.49
C GLY L 192 -12.64 -28.67 5.99
N GLN L 193 -13.59 -27.84 6.44
CA GLN L 193 -13.95 -27.75 7.85
C GLN L 193 -15.24 -28.53 8.09
S SO4 M . -25.71 14.45 -17.17
O1 SO4 M . -26.85 14.15 -18.05
O2 SO4 M . -24.51 13.71 -17.62
O3 SO4 M . -25.44 15.91 -17.19
O4 SO4 M . -26.06 14.05 -15.78
S SO4 N . -13.43 31.01 -4.06
O1 SO4 N . -14.09 32.00 -3.19
O2 SO4 N . -12.56 31.69 -5.04
O3 SO4 N . -12.61 30.10 -3.24
O4 SO4 N . -14.49 30.22 -4.74
S SO4 O . 26.23 44.00 29.97
O1 SO4 O . 25.60 44.63 28.79
O2 SO4 O . 27.64 44.42 30.06
O3 SO4 O . 25.51 44.41 31.20
O4 SO4 O . 26.18 42.53 29.84
S SO4 P . 20.36 48.93 18.64
O1 SO4 P . 19.99 49.08 17.22
O2 SO4 P . 21.52 49.79 18.93
O3 SO4 P . 19.22 49.32 19.50
O4 SO4 P . 20.73 47.51 18.91
S SO4 Q . -1.46 49.66 15.37
O1 SO4 Q . -1.75 50.07 13.98
O2 SO4 Q . -0.14 50.15 15.78
O3 SO4 Q . -2.49 50.23 16.27
O4 SO4 Q . -1.49 48.18 15.45
S SO4 R . 20.78 16.87 28.37
O1 SO4 R . 20.34 15.66 29.10
O2 SO4 R . 22.06 16.58 27.68
O3 SO4 R . 19.75 17.24 27.38
O4 SO4 R . 20.95 17.99 29.33
S SO4 S . -21.98 22.78 23.08
O1 SO4 S . -21.22 23.67 22.19
O2 SO4 S . -21.08 22.12 24.04
O3 SO4 S . -23.00 23.55 23.83
O4 SO4 S . -22.64 21.74 22.26
S SO4 T . -3.23 36.00 -12.93
O1 SO4 T . -4.39 36.39 -13.75
O2 SO4 T . -2.35 35.09 -13.69
O3 SO4 T . -2.47 37.21 -12.54
O4 SO4 T . -3.71 35.31 -11.70
S SO4 U . 13.33 30.97 3.05
O1 SO4 U . 14.59 30.36 3.54
O2 SO4 U . 13.47 32.44 3.06
O3 SO4 U . 13.04 30.48 1.67
O4 SO4 U . 12.24 30.57 3.96
S SO4 V . -11.54 41.55 8.63
O1 SO4 V . -12.16 40.75 7.54
O2 SO4 V . -11.03 42.81 8.07
O3 SO4 V . -12.54 41.84 9.69
O4 SO4 V . -10.43 40.79 9.24
S SO4 W . 17.12 -54.82 21.73
O1 SO4 W . 16.77 -54.01 20.55
O2 SO4 W . 18.53 -54.60 22.11
O3 SO4 W . 16.26 -54.43 22.86
O4 SO4 W . 16.91 -56.25 21.41
S SO4 X . -20.90 -73.19 22.58
O1 SO4 X . -22.15 -72.55 22.09
O2 SO4 X . -19.76 -72.73 21.78
O3 SO4 X . -20.67 -72.82 23.99
O4 SO4 X . -21.01 -74.65 22.46
S SO4 Y . 4.49 -38.78 23.60
O1 SO4 Y . 3.82 -37.49 23.80
O2 SO4 Y . 5.71 -38.85 24.43
O3 SO4 Y . 3.58 -39.88 23.98
O4 SO4 Y . 4.87 -38.92 22.17
S SO4 Z . -10.50 -82.51 -2.60
O1 SO4 Z . -11.55 -82.62 -3.63
O2 SO4 Z . -9.69 -81.29 -2.84
O3 SO4 Z . -11.13 -82.41 -1.27
O4 SO4 Z . -9.63 -83.70 -2.64
S SO4 AA . -1.52 -14.21 22.79
O1 SO4 AA . -1.60 -14.90 21.49
O2 SO4 AA . -0.71 -12.98 22.64
O3 SO4 AA . -2.89 -13.88 23.23
O4 SO4 AA . -0.85 -15.08 23.81
S SO4 BA . 18.25 -75.61 0.10
O1 SO4 BA . 17.59 -74.33 -0.24
O2 SO4 BA . 19.72 -75.41 0.20
O3 SO4 BA . 17.73 -76.13 1.38
O4 SO4 BA . 17.97 -76.60 -0.96
S SO4 CA . 23.01 -53.73 -14.66
O1 SO4 CA . 22.55 -54.26 -15.97
O2 SO4 CA . 24.10 -52.76 -14.89
O3 SO4 CA . 21.88 -53.07 -13.98
O4 SO4 CA . 23.53 -54.84 -13.82
#